data_7OU4
#
_entry.id   7OU4
#
_cell.length_a   1.00
_cell.length_b   1.00
_cell.length_c   1.00
_cell.angle_alpha   90.00
_cell.angle_beta   90.00
_cell.angle_gamma   90.00
#
_symmetry.space_group_name_H-M   'P 1'
#
loop_
_entity.id
_entity.type
_entity.pdbx_description
1 polymer 'DNA mismatch repair protein MutS'
2 non-polymer 'MAGNESIUM ION'
3 non-polymer "ADENOSINE-5'-TRIPHOSPHATE"
4 non-polymer "ADENOSINE-5'-DIPHOSPHATE"
#
_entity_poly.entity_id   1
_entity_poly.type   'polypeptide(L)'
_entity_poly.pdbx_seq_one_letter_code
;HHHHHHMSAIENFDAHTPMMQQYLRLKAQHPEILLFYRMGDFYELFYDDAKRASQLLDISLTKRGASAGEPIPMAGIPYH
AVENYLAKLVNQGESVAICEQIGDPATSKGPVERKVVRIVTPGTISDEALLQERQDNLLAAIWQDSKGFGYATLDISSGR
FRLSEPADRETMAAELQRTNPAELLYAEDFAEMSLIEGRRGLRRRPLWEFEIDTARQQLNLQFGTRDLVGFGVENAPRGL
CAAGCLLQYAKDTQRTTLPHIRSITMEREQDSIIMDAATRRNLEITQNLAGGAENTLASVLDCTVTPMGSRMLKRWLHMP
VRDTRVLLERQQTIGALQDFTAGLQPVLRQVGDLERILARLALRTARPRDLARMRHAFQQLPELRAQLETVDSAPVQALR
EKMGEFAELRDLLERAIIDTPPVLVRDGGVIASGYNEELDEWRALADGATDYLERLEVRERERTGLDTLKVGFNAVHGYY
IQISRGQSHLAPINYMRRQTLKNAERYIIPELKEYEDKVLTSKGKALALEKQLYEELFDLLLPHLEALQQSASALAELDV
LVNLAERAYTLNYTCPTFIDKPGIRITEGRHPVVEQVLNEPFIANPLNLSPQRRMLIITGPNMGGKSTYMRQTALIALMA
YIGSYVPAQKVEIGPIDRIFTRVGAADDLASGRSTFMVEMTETANILHNATEYSLVLMDEIGRGTSTYDGLSLAWACAEN
LANKIKALTLFATHYFELTQLPEKMEGVANVHLDALEHGDTIAFMHSVQDGAASKSYGLAVAALAGVPKEVIKRARQKLR
ELESIS
;
_entity_poly.pdbx_strand_id   A,B
#
# COMPACT_ATOMS: atom_id res chain seq x y z
N ALA A 15 16.06 4.51 -47.34
CA ALA A 15 17.07 3.87 -46.47
C ALA A 15 16.43 2.65 -45.77
N HIS A 16 15.43 2.91 -44.95
CA HIS A 16 14.79 1.79 -44.21
C HIS A 16 13.91 0.95 -45.14
N THR A 17 13.64 -0.28 -44.73
CA THR A 17 12.77 -1.16 -45.54
C THR A 17 11.39 -0.56 -45.56
N PRO A 18 10.55 -0.85 -46.57
CA PRO A 18 9.25 -0.18 -46.65
C PRO A 18 8.36 -0.40 -45.41
N MET A 19 8.33 -1.61 -44.87
CA MET A 19 7.54 -1.83 -43.64
C MET A 19 8.12 -1.02 -42.48
N MET A 20 9.44 -0.93 -42.39
CA MET A 20 10.05 -0.12 -41.32
C MET A 20 9.63 1.34 -41.49
N GLN A 21 9.55 1.80 -42.74
CA GLN A 21 9.17 3.20 -42.98
C GLN A 21 7.77 3.47 -42.43
N GLN A 22 6.85 2.52 -42.60
CA GLN A 22 5.46 2.73 -42.13
C GLN A 22 5.48 2.89 -40.61
N TYR A 23 6.27 2.09 -39.92
CA TYR A 23 6.34 2.24 -38.44
C TYR A 23 6.85 3.64 -38.14
N LEU A 24 7.85 4.09 -38.89
CA LEU A 24 8.45 5.40 -38.57
C LEU A 24 7.42 6.52 -38.73
N ARG A 25 6.57 6.43 -39.76
CA ARG A 25 5.55 7.48 -39.96
C ARG A 25 4.55 7.52 -38.80
N LEU A 26 4.09 6.37 -38.34
CA LEU A 26 3.13 6.33 -37.22
C LEU A 26 3.82 6.89 -35.97
N LYS A 27 5.09 6.55 -35.79
CA LYS A 27 5.83 7.03 -34.60
C LYS A 27 5.90 8.57 -34.66
N ALA A 28 6.04 9.11 -35.87
CA ALA A 28 6.15 10.57 -36.01
C ALA A 28 4.86 11.21 -35.48
N GLN A 29 3.71 10.60 -35.75
CA GLN A 29 2.43 11.17 -35.27
C GLN A 29 2.42 11.21 -33.74
N HIS A 30 2.96 10.18 -33.09
CA HIS A 30 2.93 10.15 -31.60
C HIS A 30 4.35 10.16 -31.09
N PRO A 31 4.97 11.34 -30.89
CA PRO A 31 6.38 11.39 -30.52
C PRO A 31 6.80 10.84 -29.15
N GLU A 32 6.04 11.10 -28.09
CA GLU A 32 6.53 10.71 -26.73
C GLU A 32 5.82 9.51 -26.10
N ILE A 33 4.97 8.79 -26.82
CA ILE A 33 4.26 7.67 -26.12
C ILE A 33 4.66 6.34 -26.73
N LEU A 34 4.81 5.33 -25.90
CA LEU A 34 5.26 4.02 -26.43
C LEU A 34 4.20 3.51 -27.39
N LEU A 35 4.66 2.89 -28.47
CA LEU A 35 3.69 2.43 -29.48
C LEU A 35 3.75 0.91 -29.54
N PHE A 36 2.62 0.26 -29.41
CA PHE A 36 2.66 -1.21 -29.59
C PHE A 36 2.22 -1.46 -31.01
N TYR A 37 3.11 -2.03 -31.80
CA TYR A 37 2.79 -2.24 -33.23
C TYR A 37 2.44 -3.71 -33.34
N ARG A 38 1.25 -4.03 -33.80
CA ARG A 38 0.89 -5.46 -33.79
C ARG A 38 1.32 -6.12 -35.09
N MET A 39 2.29 -7.01 -34.98
CA MET A 39 2.75 -7.73 -36.18
C MET A 39 2.50 -9.22 -35.95
N GLY A 40 1.82 -9.87 -36.89
CA GLY A 40 1.48 -11.28 -36.66
C GLY A 40 0.68 -11.42 -35.38
N ASP A 41 1.11 -12.31 -34.49
CA ASP A 41 0.34 -12.54 -33.25
C ASP A 41 1.00 -11.83 -32.08
N PHE A 42 1.95 -10.95 -32.36
CA PHE A 42 2.68 -10.34 -31.23
C PHE A 42 2.65 -8.83 -31.36
N TYR A 43 2.83 -8.17 -30.23
CA TYR A 43 2.93 -6.69 -30.29
C TYR A 43 4.40 -6.36 -30.16
N GLU A 44 4.92 -5.60 -31.10
CA GLU A 44 6.39 -5.37 -31.08
C GLU A 44 6.74 -3.89 -30.96
N LEU A 45 7.77 -3.60 -30.18
CA LEU A 45 8.24 -2.21 -30.09
C LEU A 45 9.62 -2.16 -30.73
N PHE A 46 9.99 -1.06 -31.36
CA PHE A 46 11.29 -1.03 -32.07
C PHE A 46 12.15 0.15 -31.64
N TYR A 47 13.46 0.04 -31.84
CA TYR A 47 14.40 1.14 -31.51
C TYR A 47 14.34 1.55 -30.05
N ASP A 48 14.23 2.86 -29.82
CA ASP A 48 14.25 3.35 -28.42
C ASP A 48 13.07 2.77 -27.65
N ASP A 49 11.94 2.62 -28.33
CA ASP A 49 10.75 2.12 -27.61
C ASP A 49 11.07 0.74 -27.05
N ALA A 50 11.76 -0.08 -27.83
CA ALA A 50 12.04 -1.46 -27.37
C ALA A 50 12.90 -1.41 -26.12
N LYS A 51 13.88 -0.54 -26.09
CA LYS A 51 14.79 -0.51 -24.93
C LYS A 51 14.02 -0.10 -23.68
N ARG A 52 13.17 0.92 -23.80
CA ARG A 52 12.42 1.40 -22.61
C ARG A 52 11.44 0.31 -22.16
N ALA A 53 10.79 -0.34 -23.12
CA ALA A 53 9.80 -1.37 -22.75
C ALA A 53 10.51 -2.49 -22.00
N SER A 54 11.70 -2.88 -22.47
CA SER A 54 12.39 -4.03 -21.82
C SER A 54 12.72 -3.70 -20.37
N GLN A 55 13.17 -2.49 -20.09
CA GLN A 55 13.43 -2.16 -18.68
C GLN A 55 12.14 -2.17 -17.85
N LEU A 56 11.07 -1.55 -18.35
CA LEU A 56 9.80 -1.47 -17.58
C LEU A 56 9.02 -2.79 -17.49
N LEU A 57 8.93 -3.54 -18.58
CA LEU A 57 8.09 -4.77 -18.56
C LEU A 57 8.91 -6.03 -18.33
N ASP A 58 10.21 -5.90 -18.07
CA ASP A 58 11.06 -7.09 -17.81
C ASP A 58 10.99 -8.10 -18.96
N ILE A 59 11.15 -7.62 -20.19
CA ILE A 59 11.08 -8.53 -21.36
C ILE A 59 12.44 -8.57 -22.08
N SER A 60 12.62 -9.57 -22.93
CA SER A 60 13.91 -9.74 -23.64
C SER A 60 14.12 -8.66 -24.70
N LEU A 61 15.37 -8.44 -25.10
CA LEU A 61 15.66 -7.41 -26.13
C LEU A 61 16.43 -8.08 -27.26
N THR A 62 15.72 -8.86 -28.08
CA THR A 62 16.39 -9.52 -29.23
C THR A 62 16.65 -8.49 -30.32
N LYS A 63 17.57 -8.80 -31.23
CA LYS A 63 17.79 -7.83 -32.35
C LYS A 63 17.59 -8.47 -33.73
N ARG A 64 16.86 -7.78 -34.59
CA ARG A 64 16.67 -8.27 -35.97
C ARG A 64 17.48 -7.35 -36.89
N GLY A 65 18.08 -7.90 -37.94
CA GLY A 65 18.99 -7.05 -38.75
C GLY A 65 18.41 -6.47 -40.03
N ALA A 66 18.36 -5.14 -40.12
CA ALA A 66 17.90 -4.49 -41.37
C ALA A 66 18.45 -3.07 -41.40
N SER A 67 18.42 -2.44 -42.56
CA SER A 67 18.99 -1.07 -42.68
C SER A 67 17.94 -0.03 -42.25
N PRO A 71 20.37 -4.42 -37.48
CA PRO A 71 20.66 -3.79 -36.19
C PRO A 71 19.44 -3.04 -35.60
N ILE A 72 18.26 -3.64 -35.72
CA ILE A 72 17.05 -3.00 -35.18
C ILE A 72 16.69 -3.67 -33.87
N PRO A 73 16.72 -2.95 -32.74
CA PRO A 73 16.29 -3.55 -31.49
C PRO A 73 14.81 -3.94 -31.54
N MET A 74 14.47 -5.13 -31.05
CA MET A 74 13.05 -5.56 -31.05
C MET A 74 12.66 -6.12 -29.68
N ALA A 75 11.52 -5.69 -29.15
CA ALA A 75 11.02 -6.28 -27.88
C ALA A 75 9.60 -6.77 -28.15
N GLY A 76 9.26 -8.00 -27.73
CA GLY A 76 7.94 -8.55 -28.11
C GLY A 76 7.07 -9.03 -26.96
N ILE A 77 5.77 -8.74 -27.00
CA ILE A 77 4.84 -9.27 -25.97
C ILE A 77 3.73 -10.03 -26.68
N PRO A 78 3.32 -11.19 -26.17
CA PRO A 78 2.29 -11.99 -26.82
C PRO A 78 0.89 -11.38 -26.71
N TYR A 79 0.00 -11.72 -27.64
CA TYR A 79 -1.36 -11.12 -27.67
C TYR A 79 -2.16 -11.44 -26.41
N HIS A 80 -2.11 -12.68 -25.95
CA HIS A 80 -2.93 -13.09 -24.78
C HIS A 80 -2.49 -12.33 -23.53
N ALA A 81 -1.19 -12.09 -23.38
CA ALA A 81 -0.71 -11.46 -22.13
C ALA A 81 -0.74 -9.93 -22.24
N VAL A 82 -1.28 -9.39 -23.33
CA VAL A 82 -1.21 -7.93 -23.51
C VAL A 82 -1.88 -7.25 -22.32
N GLU A 83 -3.00 -7.81 -21.87
CA GLU A 83 -3.73 -7.15 -20.77
C GLU A 83 -2.86 -7.09 -19.51
N ASN A 84 -2.14 -8.18 -19.23
CA ASN A 84 -1.28 -8.20 -18.04
C ASN A 84 -0.20 -7.14 -18.18
N TYR A 85 0.37 -7.04 -19.38
CA TYR A 85 1.45 -6.06 -19.59
C TYR A 85 0.92 -4.63 -19.48
N LEU A 86 -0.27 -4.38 -20.02
CA LEU A 86 -0.80 -2.99 -19.99
C LEU A 86 -0.95 -2.57 -18.54
N ALA A 87 -1.36 -3.51 -17.70
CA ALA A 87 -1.60 -3.15 -16.29
C ALA A 87 -0.30 -2.63 -15.68
N LYS A 88 0.81 -3.30 -15.98
CA LYS A 88 2.08 -2.88 -15.35
C LYS A 88 2.42 -1.46 -15.78
N LEU A 89 2.25 -1.16 -17.06
CA LEU A 89 2.57 0.20 -17.57
C LEU A 89 1.66 1.25 -16.96
N VAL A 90 0.36 0.95 -16.84
CA VAL A 90 -0.60 1.96 -16.33
C VAL A 90 -0.29 2.32 -14.88
N ASN A 91 0.03 1.32 -14.06
CA ASN A 91 0.33 1.59 -12.64
C ASN A 91 1.58 2.45 -12.59
N GLN A 92 2.51 2.17 -13.49
CA GLN A 92 3.74 2.98 -13.56
C GLN A 92 3.40 4.43 -13.90
N GLY A 93 2.40 4.65 -14.75
CA GLY A 93 2.10 6.03 -15.17
C GLY A 93 2.47 6.29 -16.62
N GLU A 94 2.71 5.24 -17.41
CA GLU A 94 3.17 5.47 -18.79
C GLU A 94 2.04 5.22 -19.80
N SER A 95 1.80 6.20 -20.66
CA SER A 95 0.77 6.04 -21.71
C SER A 95 1.26 5.09 -22.80
N VAL A 96 0.34 4.32 -23.38
CA VAL A 96 0.73 3.43 -24.49
C VAL A 96 -0.25 3.65 -25.63
N ALA A 97 0.22 3.61 -26.86
CA ALA A 97 -0.71 3.73 -28.01
C ALA A 97 -0.77 2.39 -28.72
N ILE A 98 -1.97 1.89 -29.00
CA ILE A 98 -2.05 0.53 -29.59
C ILE A 98 -2.47 0.62 -31.05
N CYS A 99 -1.68 0.01 -31.94
CA CYS A 99 -2.00 0.11 -33.38
C CYS A 99 -2.33 -1.26 -33.94
N GLU A 100 -3.45 -1.37 -34.64
CA GLU A 100 -3.79 -2.65 -35.27
C GLU A 100 -4.02 -2.42 -36.75
N GLN A 101 -3.47 -3.28 -37.59
CA GLN A 101 -3.60 -3.06 -39.05
C GLN A 101 -5.07 -3.16 -39.45
N ILE A 102 -5.52 -2.23 -40.29
CA ILE A 102 -6.92 -2.31 -40.79
C ILE A 102 -7.10 -3.57 -41.64
N VAL A 112 -1.50 -3.55 -45.17
CA VAL A 112 -2.37 -2.37 -45.45
C VAL A 112 -2.08 -1.27 -44.44
N GLU A 113 -2.90 -0.23 -44.46
CA GLU A 113 -2.69 0.91 -43.53
C GLU A 113 -3.03 0.51 -42.09
N ARG A 114 -2.37 1.18 -41.16
CA ARG A 114 -2.65 0.90 -39.74
C ARG A 114 -3.05 2.21 -39.08
N LYS A 115 -4.02 2.16 -38.18
CA LYS A 115 -4.37 3.40 -37.45
C LYS A 115 -4.36 3.09 -35.97
N VAL A 116 -4.18 4.12 -35.15
CA VAL A 116 -4.09 3.83 -33.70
C VAL A 116 -5.53 3.72 -33.21
N VAL A 117 -5.94 2.51 -32.87
CA VAL A 117 -7.35 2.29 -32.45
C VAL A 117 -7.65 2.99 -31.11
N ARG A 118 -6.71 2.97 -30.16
CA ARG A 118 -6.98 3.69 -28.90
C ARG A 118 -5.69 4.04 -28.18
N ILE A 119 -5.78 4.97 -27.26
CA ILE A 119 -4.57 5.25 -26.44
C ILE A 119 -4.98 4.88 -25.02
N VAL A 120 -4.18 4.06 -24.38
CA VAL A 120 -4.49 3.69 -22.97
C VAL A 120 -3.68 4.64 -22.10
N THR A 121 -4.34 5.33 -21.20
CA THR A 121 -3.61 6.33 -20.42
C THR A 121 -3.96 6.09 -18.95
N PRO A 122 -3.13 6.49 -17.98
CA PRO A 122 -3.50 6.19 -16.61
C PRO A 122 -4.86 6.78 -16.20
N GLY A 123 -5.18 8.00 -16.60
CA GLY A 123 -6.43 8.64 -16.15
C GLY A 123 -7.70 7.96 -16.62
N THR A 124 -7.77 7.52 -17.87
CA THR A 124 -9.05 6.95 -18.35
C THR A 124 -8.88 5.47 -18.68
N ILE A 125 -9.56 4.61 -17.91
CA ILE A 125 -9.49 3.16 -18.23
C ILE A 125 -10.92 2.61 -18.24
N SER A 126 -11.29 1.88 -19.29
CA SER A 126 -12.63 1.25 -19.29
C SER A 126 -12.55 -0.25 -18.99
N ASP A 127 -11.39 -0.87 -19.19
CA ASP A 127 -11.30 -2.34 -19.02
C ASP A 127 -11.32 -2.77 -17.55
N GLU A 128 -11.93 -3.92 -17.28
CA GLU A 128 -12.08 -4.38 -15.87
C GLU A 128 -10.76 -4.72 -15.18
N ALA A 129 -9.83 -5.38 -15.86
CA ALA A 129 -8.61 -5.85 -15.16
C ALA A 129 -7.77 -4.70 -14.59
N LEU A 130 -7.58 -3.64 -15.36
CA LEU A 130 -6.72 -2.53 -14.88
C LEU A 130 -7.40 -1.86 -13.68
N LEU A 131 -8.73 -1.74 -13.71
CA LEU A 131 -9.47 -1.03 -12.63
C LEU A 131 -9.56 -1.80 -11.31
N GLN A 132 -9.76 -1.08 -10.21
CA GLN A 132 -9.94 -1.74 -8.90
C GLN A 132 -11.43 -1.69 -8.55
N GLU A 133 -11.98 -2.74 -7.95
CA GLU A 133 -13.44 -2.79 -7.70
C GLU A 133 -13.91 -1.70 -6.74
N ARG A 134 -13.16 -1.41 -5.69
CA ARG A 134 -13.68 -0.43 -4.70
C ARG A 134 -12.96 0.92 -4.80
N GLN A 135 -12.24 1.15 -5.90
CA GLN A 135 -11.60 2.47 -6.08
C GLN A 135 -11.92 3.00 -7.48
N ASP A 136 -11.85 4.33 -7.65
CA ASP A 136 -12.25 4.91 -8.96
C ASP A 136 -11.16 5.80 -9.56
N ASN A 137 -11.19 5.97 -10.88
CA ASN A 137 -10.12 6.73 -11.56
C ASN A 137 -10.60 8.13 -11.97
N LEU A 138 -9.87 9.16 -11.56
CA LEU A 138 -10.28 10.54 -11.89
C LEU A 138 -9.28 11.21 -12.84
N LEU A 139 -9.77 11.75 -13.95
CA LEU A 139 -8.90 12.50 -14.88
C LEU A 139 -9.13 13.97 -14.54
N ALA A 140 -8.06 14.73 -14.32
CA ALA A 140 -8.29 16.12 -13.88
C ALA A 140 -7.50 17.14 -14.69
N ALA A 141 -8.04 18.35 -14.82
CA ALA A 141 -7.28 19.41 -15.51
C ALA A 141 -7.17 20.62 -14.59
N ILE A 142 -5.98 21.19 -14.49
CA ILE A 142 -5.85 22.42 -13.68
C ILE A 142 -5.43 23.60 -14.56
N TRP A 143 -6.15 24.72 -14.44
CA TRP A 143 -5.81 25.90 -15.26
C TRP A 143 -5.61 27.09 -14.32
N GLN A 144 -4.61 27.92 -14.61
CA GLN A 144 -4.32 29.05 -13.70
C GLN A 144 -4.46 30.39 -14.42
N ASP A 145 -5.12 31.36 -13.78
CA ASP A 145 -5.24 32.73 -14.35
C ASP A 145 -5.06 33.69 -13.17
N SER A 146 -4.79 34.97 -13.43
CA SER A 146 -4.52 35.92 -12.32
C SER A 146 -5.74 35.97 -11.40
N LYS A 147 -6.94 35.90 -11.97
CA LYS A 147 -8.19 35.98 -11.16
C LYS A 147 -8.30 34.81 -10.18
N GLY A 148 -7.71 33.64 -10.49
CA GLY A 148 -7.90 32.48 -9.60
C GLY A 148 -7.64 31.16 -10.28
N PHE A 149 -7.47 30.09 -9.50
CA PHE A 149 -7.28 28.76 -10.11
C PHE A 149 -8.59 28.22 -10.66
N GLY A 150 -8.51 27.35 -11.66
CA GLY A 150 -9.72 26.69 -12.18
C GLY A 150 -9.45 25.20 -12.22
N TYR A 151 -10.44 24.39 -11.89
CA TYR A 151 -10.18 22.93 -11.81
C TYR A 151 -11.40 22.15 -12.31
N ALA A 152 -11.16 21.00 -12.94
CA ALA A 152 -12.30 20.17 -13.37
C ALA A 152 -11.94 18.71 -13.14
N THR A 153 -12.96 17.87 -12.95
CA THR A 153 -12.66 16.42 -12.81
C THR A 153 -13.67 15.59 -13.60
N LEU A 154 -13.20 14.53 -14.27
CA LEU A 154 -14.09 13.67 -15.08
C LEU A 154 -13.90 12.20 -14.69
N ASP A 155 -14.99 11.45 -14.53
CA ASP A 155 -14.88 10.00 -14.27
C ASP A 155 -15.25 9.27 -15.56
N ILE A 156 -14.35 8.45 -16.09
CA ILE A 156 -14.59 7.77 -17.40
C ILE A 156 -15.75 6.78 -17.27
N SER A 157 -15.97 6.22 -16.08
CA SER A 157 -17.01 5.17 -15.94
C SER A 157 -18.35 5.72 -15.43
N SER A 158 -18.31 6.56 -14.40
CA SER A 158 -19.55 7.15 -13.85
C SER A 158 -20.21 8.10 -14.86
N GLY A 159 -19.40 8.87 -15.58
CA GLY A 159 -19.97 9.90 -16.47
C GLY A 159 -20.12 11.17 -15.67
N ARG A 160 -19.66 11.14 -14.42
CA ARG A 160 -19.82 12.31 -13.53
C ARG A 160 -18.80 13.37 -13.96
N PHE A 161 -19.27 14.57 -14.34
CA PHE A 161 -18.34 15.68 -14.70
C PHE A 161 -18.58 16.79 -13.69
N ARG A 162 -17.52 17.28 -13.05
CA ARG A 162 -17.68 18.32 -12.01
C ARG A 162 -16.73 19.47 -12.31
N LEU A 163 -17.08 20.69 -11.94
CA LEU A 163 -16.22 21.87 -12.17
C LEU A 163 -15.98 22.56 -10.85
N SER A 164 -14.93 23.38 -10.76
CA SER A 164 -14.69 24.12 -9.51
C SER A 164 -13.83 25.37 -9.75
N GLU A 165 -13.93 26.34 -8.85
CA GLU A 165 -13.05 27.53 -8.98
C GLU A 165 -12.43 27.85 -7.62
N PRO A 166 -11.41 27.13 -7.15
CA PRO A 166 -10.91 27.42 -5.82
C PRO A 166 -9.89 28.56 -5.87
N ALA A 167 -10.27 29.75 -5.41
CA ALA A 167 -9.37 30.92 -5.51
C ALA A 167 -8.10 30.78 -4.66
N ASP A 168 -8.22 30.31 -3.43
CA ASP A 168 -7.02 30.28 -2.55
C ASP A 168 -6.06 29.16 -2.94
N ARG A 169 -4.76 29.38 -2.74
CA ARG A 169 -3.78 28.31 -3.02
C ARG A 169 -4.04 27.14 -2.08
N GLU A 170 -4.33 27.44 -0.82
CA GLU A 170 -4.56 26.36 0.17
C GLU A 170 -5.76 25.54 -0.26
N THR A 171 -6.81 26.22 -0.72
CA THR A 171 -8.04 25.49 -1.10
C THR A 171 -7.74 24.54 -2.26
N MET A 172 -6.95 25.00 -3.22
CA MET A 172 -6.65 24.15 -4.38
C MET A 172 -5.90 22.90 -3.89
N ALA A 173 -4.95 23.09 -2.98
CA ALA A 173 -4.15 21.94 -2.54
C ALA A 173 -5.06 20.91 -1.84
N ALA A 174 -5.95 21.38 -0.97
CA ALA A 174 -6.83 20.43 -0.25
C ALA A 174 -7.72 19.71 -1.25
N GLU A 175 -8.24 20.44 -2.24
CA GLU A 175 -9.12 19.82 -3.23
C GLU A 175 -8.34 18.75 -4.00
N LEU A 176 -7.10 19.05 -4.34
CA LEU A 176 -6.32 18.06 -5.12
C LEU A 176 -6.18 16.81 -4.28
N GLN A 177 -5.89 16.96 -3.00
CA GLN A 177 -5.66 15.77 -2.15
C GLN A 177 -6.93 14.91 -2.06
N ARG A 178 -8.08 15.55 -1.84
CA ARG A 178 -9.31 14.75 -1.69
C ARG A 178 -9.59 14.02 -3.01
N THR A 179 -9.46 14.74 -4.12
CA THR A 179 -9.74 14.11 -5.43
C THR A 179 -8.71 13.03 -5.77
N ASN A 180 -7.44 13.29 -5.49
CA ASN A 180 -6.35 12.33 -5.82
C ASN A 180 -6.40 11.92 -7.30
N PRO A 181 -6.34 12.85 -8.27
CA PRO A 181 -6.49 12.45 -9.65
C PRO A 181 -5.37 11.53 -10.15
N ALA A 182 -5.73 10.49 -10.91
CA ALA A 182 -4.70 9.60 -11.48
C ALA A 182 -3.84 10.34 -12.51
N GLU A 183 -4.45 11.15 -13.37
CA GLU A 183 -3.66 11.89 -14.39
C GLU A 183 -4.01 13.37 -14.31
N LEU A 184 -2.99 14.23 -14.25
CA LEU A 184 -3.26 15.68 -14.11
C LEU A 184 -2.68 16.43 -15.32
N LEU A 185 -3.50 17.23 -15.97
CA LEU A 185 -3.03 17.98 -17.17
C LEU A 185 -2.80 19.42 -16.73
N TYR A 186 -1.63 19.98 -17.01
CA TYR A 186 -1.35 21.35 -16.48
C TYR A 186 -0.81 22.29 -17.54
N ALA A 187 -1.01 23.60 -17.29
CA ALA A 187 -0.53 24.62 -18.25
C ALA A 187 1.00 24.69 -18.25
N GLU A 188 1.58 24.97 -19.42
CA GLU A 188 3.06 25.06 -19.52
C GLU A 188 3.57 26.21 -18.64
N ASP A 189 2.81 27.29 -18.55
CA ASP A 189 3.29 28.48 -17.79
C ASP A 189 2.78 28.47 -16.35
N PHE A 190 2.17 27.37 -15.89
CA PHE A 190 1.56 27.40 -14.54
C PHE A 190 2.61 27.83 -13.51
N ALA A 191 2.29 28.86 -12.73
CA ALA A 191 3.26 29.40 -11.74
C ALA A 191 3.51 28.44 -10.58
N GLU A 192 2.46 27.85 -10.02
CA GLU A 192 2.66 27.01 -8.82
C GLU A 192 3.05 25.59 -9.20
N MET A 193 4.25 25.41 -9.71
CA MET A 193 4.66 24.07 -10.17
C MET A 193 4.72 23.10 -8.98
N SER A 194 4.95 23.61 -7.77
CA SER A 194 5.13 22.70 -6.61
C SER A 194 3.89 21.82 -6.39
N LEU A 195 2.70 22.42 -6.47
CA LEU A 195 1.48 21.64 -6.21
C LEU A 195 1.42 20.53 -7.27
N ILE A 196 1.73 20.90 -8.51
CA ILE A 196 1.72 19.90 -9.60
C ILE A 196 2.79 18.84 -9.28
N GLU A 197 3.92 19.27 -8.74
CA GLU A 197 5.01 18.32 -8.46
C GLU A 197 4.58 17.31 -7.39
N GLY A 198 5.14 16.10 -7.47
CA GLY A 198 4.76 15.06 -6.51
C GLY A 198 3.55 14.26 -6.96
N ARG A 199 3.06 14.50 -8.17
CA ARG A 199 1.81 13.80 -8.58
C ARG A 199 2.08 12.88 -9.77
N ARG A 200 1.47 11.70 -9.74
CA ARG A 200 1.66 10.75 -10.86
C ARG A 200 0.91 11.20 -12.12
N GLY A 201 1.41 10.82 -13.30
CA GLY A 201 0.67 11.08 -14.55
C GLY A 201 0.69 12.51 -15.08
N LEU A 202 1.58 13.37 -14.60
CA LEU A 202 1.51 14.78 -15.04
C LEU A 202 1.68 14.90 -16.56
N ARG A 203 0.84 15.69 -17.19
CA ARG A 203 1.02 15.94 -18.63
C ARG A 203 1.12 17.45 -18.80
N ARG A 204 2.18 17.94 -19.42
CA ARG A 204 2.26 19.41 -19.68
C ARG A 204 1.45 19.72 -20.94
N ARG A 205 0.70 20.81 -20.93
CA ARG A 205 -0.18 21.08 -22.09
C ARG A 205 0.07 22.45 -22.73
N PRO A 206 -0.08 22.55 -24.06
CA PRO A 206 0.04 23.83 -24.75
C PRO A 206 -1.05 24.84 -24.36
N LEU A 207 -0.70 26.12 -24.33
CA LEU A 207 -1.66 27.17 -23.88
C LEU A 207 -2.89 27.28 -24.79
N TRP A 208 -2.75 26.96 -26.07
CA TRP A 208 -3.90 27.18 -26.99
C TRP A 208 -5.13 26.35 -26.56
N GLU A 209 -4.92 25.16 -26.04
CA GLU A 209 -6.06 24.29 -25.63
C GLU A 209 -6.91 24.93 -24.51
N PHE A 210 -6.29 25.61 -23.56
CA PHE A 210 -7.09 26.28 -22.49
C PHE A 210 -7.60 27.64 -22.97
N GLU A 211 -8.60 27.64 -23.85
CA GLU A 211 -9.15 28.93 -24.36
C GLU A 211 -10.63 29.06 -23.98
N ILE A 212 -11.02 30.18 -23.36
CA ILE A 212 -12.42 30.33 -22.87
C ILE A 212 -13.46 30.31 -23.98
N ASP A 213 -13.24 31.03 -25.07
CA ASP A 213 -14.31 31.13 -26.10
C ASP A 213 -14.53 29.76 -26.75
N THR A 214 -13.45 29.07 -27.06
CA THR A 214 -13.59 27.73 -27.67
C THR A 214 -14.24 26.79 -26.66
N ALA A 215 -13.87 26.92 -25.38
CA ALA A 215 -14.40 25.97 -24.38
C ALA A 215 -15.91 26.07 -24.34
N ARG A 216 -16.43 27.30 -24.37
CA ARG A 216 -17.90 27.42 -24.22
C ARG A 216 -18.54 26.71 -25.39
N GLN A 217 -17.97 26.88 -26.58
CA GLN A 217 -18.60 26.24 -27.76
C GLN A 217 -18.54 24.73 -27.61
N GLN A 218 -17.41 24.18 -27.20
CA GLN A 218 -17.28 22.71 -27.17
C GLN A 218 -18.24 22.09 -26.15
N LEU A 219 -18.30 22.67 -24.96
CA LEU A 219 -19.17 22.08 -23.92
C LEU A 219 -20.61 22.18 -24.41
N ASN A 220 -20.96 23.30 -25.03
CA ASN A 220 -22.37 23.49 -25.42
C ASN A 220 -22.79 22.43 -26.43
N LEU A 221 -21.90 22.09 -27.35
CA LEU A 221 -22.24 21.05 -28.33
C LEU A 221 -22.45 19.71 -27.62
N GLN A 222 -21.57 19.37 -26.67
CA GLN A 222 -21.66 18.06 -26.01
C GLN A 222 -22.93 17.94 -25.15
N PHE A 223 -23.25 18.98 -24.38
CA PHE A 223 -24.39 18.85 -23.44
C PHE A 223 -25.71 19.25 -24.10
N GLY A 224 -25.66 19.77 -25.32
CA GLY A 224 -26.91 20.10 -26.05
C GLY A 224 -27.59 21.38 -25.59
N THR A 225 -26.91 22.21 -24.79
CA THR A 225 -27.58 23.41 -24.25
C THR A 225 -26.98 24.69 -24.84
N ARG A 226 -27.84 25.59 -25.30
CA ARG A 226 -27.35 26.86 -25.89
C ARG A 226 -26.61 27.65 -24.81
N ASP A 227 -27.11 27.61 -23.59
CA ASP A 227 -26.44 28.33 -22.50
C ASP A 227 -26.15 27.39 -21.33
N LEU A 228 -25.15 27.72 -20.54
CA LEU A 228 -24.77 26.82 -19.43
C LEU A 228 -25.41 27.29 -18.13
N VAL A 229 -26.38 28.19 -18.24
CA VAL A 229 -27.04 28.75 -17.02
C VAL A 229 -27.76 27.64 -16.23
N GLY A 230 -28.40 26.69 -16.91
CA GLY A 230 -29.15 25.66 -16.16
C GLY A 230 -28.19 24.88 -15.28
N PHE A 231 -27.03 24.52 -15.83
CA PHE A 231 -26.01 23.84 -15.00
C PHE A 231 -25.52 24.80 -13.92
N GLY A 232 -25.46 26.08 -14.24
CA GLY A 232 -24.95 27.07 -13.27
C GLY A 232 -23.46 27.32 -13.47
N VAL A 233 -22.91 26.73 -14.52
CA VAL A 233 -21.46 26.91 -14.79
C VAL A 233 -21.23 28.08 -15.74
N GLU A 234 -22.28 28.71 -16.25
CA GLU A 234 -22.09 29.79 -17.27
C GLU A 234 -21.30 30.94 -16.66
N ASN A 235 -21.57 31.25 -15.41
CA ASN A 235 -20.91 32.40 -14.75
C ASN A 235 -19.40 32.21 -14.63
N ALA A 236 -18.93 30.99 -14.37
CA ALA A 236 -17.48 30.81 -14.08
C ALA A 236 -16.61 30.68 -15.34
N PRO A 237 -15.77 31.69 -15.64
CA PRO A 237 -14.87 31.62 -16.78
C PRO A 237 -13.69 30.63 -16.65
N ARG A 238 -13.02 30.63 -15.49
CA ARG A 238 -11.81 29.79 -15.33
C ARG A 238 -12.16 28.30 -15.43
N GLY A 239 -13.26 27.91 -14.81
CA GLY A 239 -13.65 26.49 -14.84
C GLY A 239 -13.92 26.07 -16.26
N LEU A 240 -14.53 26.94 -17.04
CA LEU A 240 -14.90 26.51 -18.42
C LEU A 240 -13.63 26.17 -19.21
N CYS A 241 -12.56 26.94 -19.05
CA CYS A 241 -11.34 26.66 -19.83
C CYS A 241 -10.77 25.28 -19.47
N ALA A 242 -10.69 24.97 -18.18
CA ALA A 242 -10.10 23.68 -17.76
C ALA A 242 -10.97 22.54 -18.28
N ALA A 243 -12.28 22.71 -18.19
CA ALA A 243 -13.20 21.65 -18.64
C ALA A 243 -13.04 21.41 -20.14
N GLY A 244 -12.83 22.47 -20.91
CA GLY A 244 -12.72 22.30 -22.36
C GLY A 244 -11.52 21.43 -22.70
N CYS A 245 -10.40 21.65 -22.03
CA CYS A 245 -9.19 20.83 -22.29
C CYS A 245 -9.48 19.37 -21.94
N LEU A 246 -10.13 19.13 -20.80
CA LEU A 246 -10.36 17.74 -20.37
C LEU A 246 -11.25 17.02 -21.37
N LEU A 247 -12.32 17.66 -21.82
CA LEU A 247 -13.25 16.93 -22.71
C LEU A 247 -12.51 16.58 -23.99
N GLN A 248 -11.73 17.52 -24.52
CA GLN A 248 -11.04 17.25 -25.79
C GLN A 248 -10.02 16.12 -25.61
N TYR A 249 -9.29 16.14 -24.51
CA TYR A 249 -8.25 15.11 -24.29
C TYR A 249 -8.92 13.74 -24.18
N ALA A 250 -10.02 13.68 -23.45
CA ALA A 250 -10.71 12.40 -23.29
C ALA A 250 -11.20 11.93 -24.65
N LYS A 251 -11.70 12.86 -25.44
CA LYS A 251 -12.29 12.44 -26.73
C LYS A 251 -11.23 11.80 -27.61
N ASP A 252 -10.04 12.40 -27.69
CA ASP A 252 -8.97 11.81 -28.52
C ASP A 252 -8.45 10.46 -27.98
N THR A 253 -8.26 10.35 -26.67
CA THR A 253 -7.67 9.08 -26.17
C THR A 253 -8.64 7.94 -26.47
N GLN A 254 -9.92 8.19 -26.23
CA GLN A 254 -10.93 7.13 -26.49
C GLN A 254 -11.08 6.87 -27.99
N ARG A 255 -11.01 7.92 -28.82
CA ARG A 255 -11.15 7.78 -30.30
C ARG A 255 -12.61 7.53 -30.71
N THR A 256 -13.56 7.76 -29.80
CA THR A 256 -14.99 7.59 -30.14
C THR A 256 -15.81 8.65 -29.42
N THR A 257 -17.05 8.86 -29.84
CA THR A 257 -17.92 9.82 -29.12
C THR A 257 -18.18 9.30 -27.71
N LEU A 258 -18.25 10.20 -26.74
CA LEU A 258 -18.60 9.74 -25.37
C LEU A 258 -20.08 10.02 -25.11
N PRO A 259 -20.95 9.00 -25.25
CA PRO A 259 -22.39 9.18 -25.02
C PRO A 259 -22.72 9.42 -23.55
N HIS A 260 -21.99 8.75 -22.65
CA HIS A 260 -22.35 8.81 -21.20
C HIS A 260 -22.29 10.20 -20.55
N ILE A 261 -21.31 11.03 -20.88
CA ILE A 261 -21.27 12.31 -20.12
C ILE A 261 -22.48 13.15 -20.54
N ARG A 262 -23.32 13.54 -19.58
CA ARG A 262 -24.54 14.30 -19.95
C ARG A 262 -24.66 15.59 -19.14
N SER A 263 -23.86 15.76 -18.09
CA SER A 263 -24.09 16.97 -17.27
C SER A 263 -22.82 17.49 -16.63
N ILE A 264 -22.78 18.78 -16.36
CA ILE A 264 -21.62 19.35 -15.63
C ILE A 264 -22.20 20.03 -14.39
N THR A 265 -21.57 19.80 -13.25
CA THR A 265 -22.15 20.39 -12.03
C THR A 265 -21.14 21.27 -11.31
N MET A 266 -21.52 22.50 -11.02
CA MET A 266 -20.62 23.40 -10.27
C MET A 266 -20.56 22.93 -8.82
N GLU A 267 -19.42 23.10 -8.16
CA GLU A 267 -19.33 22.76 -6.73
C GLU A 267 -19.02 24.04 -5.95
N ARG A 268 -19.69 24.24 -4.83
CA ARG A 268 -19.48 25.51 -4.08
C ARG A 268 -19.07 25.21 -2.63
N GLU A 269 -18.32 26.12 -2.03
CA GLU A 269 -17.86 25.93 -0.63
C GLU A 269 -19.05 25.89 0.33
N GLN A 270 -20.06 26.70 0.07
CA GLN A 270 -21.23 26.76 0.98
C GLN A 270 -21.95 25.40 1.03
N ASP A 271 -22.01 24.70 -0.09
CA ASP A 271 -22.80 23.43 -0.13
C ASP A 271 -22.24 22.35 0.81
N SER A 272 -20.93 22.20 0.92
CA SER A 272 -20.41 21.05 1.72
C SER A 272 -19.43 21.46 2.82
N ILE A 273 -19.37 20.66 3.88
CA ILE A 273 -18.41 20.96 4.97
C ILE A 273 -17.00 20.82 4.41
N ILE A 274 -16.10 21.70 4.82
CA ILE A 274 -14.75 21.67 4.20
C ILE A 274 -13.74 21.05 5.15
N MET A 275 -13.02 20.04 4.67
CA MET A 275 -12.03 19.37 5.56
C MET A 275 -10.63 19.50 4.98
N ASP A 276 -9.70 19.95 5.81
CA ASP A 276 -8.29 20.09 5.37
C ASP A 276 -7.68 18.69 5.19
N ALA A 277 -6.60 18.59 4.42
CA ALA A 277 -6.00 17.26 4.16
C ALA A 277 -5.48 16.61 5.46
N ALA A 278 -4.86 17.40 6.34
CA ALA A 278 -4.36 16.84 7.61
C ALA A 278 -5.54 16.30 8.41
N THR A 279 -6.65 17.01 8.40
CA THR A 279 -7.83 16.58 9.20
C THR A 279 -8.31 15.23 8.70
N ARG A 280 -8.38 15.04 7.38
CA ARG A 280 -8.93 13.77 6.89
C ARG A 280 -8.06 12.62 7.37
N ARG A 281 -6.74 12.79 7.34
CA ARG A 281 -5.81 11.71 7.78
C ARG A 281 -5.98 11.39 9.26
N ASN A 282 -6.09 12.41 10.11
CA ASN A 282 -6.18 12.15 11.56
C ASN A 282 -7.46 11.40 11.89
N LEU A 283 -8.57 11.75 11.23
CA LEU A 283 -9.87 11.06 11.51
C LEU A 283 -9.88 9.63 10.96
N GLU A 284 -8.98 9.31 10.03
CA GLU A 284 -8.88 7.93 9.50
C GLU A 284 -10.21 7.44 8.93
N ILE A 285 -10.85 8.27 8.10
CA ILE A 285 -12.15 7.85 7.50
C ILE A 285 -11.97 6.66 6.56
N THR A 286 -10.96 6.64 5.68
CA THR A 286 -10.85 5.45 4.78
C THR A 286 -9.52 4.71 4.90
N GLN A 287 -8.45 5.37 5.37
CA GLN A 287 -7.18 4.63 5.57
C GLN A 287 -6.54 5.08 6.88
N ASN A 288 -5.81 4.19 7.53
CA ASN A 288 -5.24 4.55 8.86
C ASN A 288 -3.93 5.33 8.70
N LEU A 289 -3.33 5.69 9.82
CA LEU A 289 -2.11 6.53 9.75
C LEU A 289 -1.04 5.77 8.96
N ALA A 290 -1.02 4.44 9.07
CA ALA A 290 0.05 3.65 8.42
C ALA A 290 -0.39 3.11 7.05
N GLY A 291 -1.48 3.64 6.48
CA GLY A 291 -1.85 3.23 5.10
C GLY A 291 -2.68 1.97 4.98
N GLY A 292 -3.33 1.53 6.05
CA GLY A 292 -4.08 0.25 5.99
C GLY A 292 -5.59 0.38 6.15
N ALA A 293 -6.34 -0.54 5.55
CA ALA A 293 -7.81 -0.53 5.62
C ALA A 293 -8.37 -0.74 7.04
N GLU A 294 -7.71 -1.55 7.86
CA GLU A 294 -8.28 -1.90 9.19
C GLU A 294 -8.35 -0.72 10.16
N ASN A 295 -9.26 -0.79 11.14
CA ASN A 295 -9.42 0.29 12.14
C ASN A 295 -9.79 1.63 11.52
N THR A 296 -10.71 1.62 10.56
CA THR A 296 -11.14 2.89 9.94
C THR A 296 -12.67 3.00 10.04
N LEU A 297 -13.19 4.22 9.97
CA LEU A 297 -14.65 4.40 10.12
C LEU A 297 -15.36 3.65 9.01
N ALA A 298 -14.78 3.65 7.81
CA ALA A 298 -15.40 2.93 6.69
C ALA A 298 -15.46 1.43 7.00
N SER A 299 -14.45 0.88 7.65
CA SER A 299 -14.51 -0.55 8.01
C SER A 299 -15.69 -0.84 8.95
N VAL A 300 -15.89 0.00 9.96
CA VAL A 300 -17.02 -0.22 10.90
C VAL A 300 -18.36 -0.04 10.18
N LEU A 301 -18.49 1.02 9.37
CA LEU A 301 -19.82 1.34 8.76
C LEU A 301 -20.04 0.65 7.41
N ASP A 302 -19.02 0.04 6.81
CA ASP A 302 -19.25 -0.52 5.45
C ASP A 302 -19.23 -2.04 5.44
N CYS A 303 -20.31 -2.65 4.95
CA CYS A 303 -20.40 -4.13 4.78
C CYS A 303 -21.32 -4.28 3.58
N THR A 304 -21.38 -3.23 2.76
CA THR A 304 -22.32 -3.19 1.61
C THR A 304 -22.10 -4.35 0.67
N VAL A 305 -23.20 -4.94 0.25
CA VAL A 305 -23.10 -6.13 -0.64
C VAL A 305 -22.52 -5.77 -2.02
N THR A 306 -22.85 -4.61 -2.58
CA THR A 306 -22.41 -4.32 -3.96
C THR A 306 -21.17 -3.42 -4.00
N PRO A 307 -20.32 -3.57 -5.03
CA PRO A 307 -19.17 -2.68 -5.17
C PRO A 307 -19.57 -1.20 -5.37
N MET A 308 -20.62 -0.95 -6.16
CA MET A 308 -21.02 0.45 -6.43
C MET A 308 -21.43 1.13 -5.13
N GLY A 309 -22.11 0.40 -4.26
CA GLY A 309 -22.51 0.99 -2.97
C GLY A 309 -21.30 1.36 -2.15
N SER A 310 -20.26 0.54 -2.16
CA SER A 310 -19.10 0.83 -1.30
C SER A 310 -18.45 2.14 -1.70
N ARG A 311 -18.29 2.36 -3.00
CA ARG A 311 -17.64 3.60 -3.46
C ARG A 311 -18.52 4.81 -3.10
N MET A 312 -19.83 4.69 -3.26
CA MET A 312 -20.71 5.84 -3.01
C MET A 312 -20.61 6.26 -1.55
N LEU A 313 -20.57 5.28 -0.66
CA LEU A 313 -20.51 5.63 0.78
C LEU A 313 -19.21 6.37 1.04
N LYS A 314 -18.14 5.93 0.40
CA LYS A 314 -16.84 6.58 0.67
C LYS A 314 -16.90 8.04 0.23
N ARG A 315 -17.53 8.30 -0.90
CA ARG A 315 -17.66 9.70 -1.37
C ARG A 315 -18.51 10.50 -0.38
N TRP A 316 -19.62 9.92 0.08
CA TRP A 316 -20.51 10.66 1.00
C TRP A 316 -19.74 10.93 2.29
N LEU A 317 -18.93 9.98 2.72
CA LEU A 317 -18.17 10.17 3.98
C LEU A 317 -17.18 11.33 3.81
N HIS A 318 -16.52 11.42 2.66
CA HIS A 318 -15.52 12.50 2.45
C HIS A 318 -16.17 13.89 2.41
N MET A 319 -17.33 14.02 1.76
CA MET A 319 -18.01 15.33 1.73
C MET A 319 -19.31 15.31 2.51
N PRO A 320 -19.38 16.02 3.65
CA PRO A 320 -20.65 16.13 4.37
C PRO A 320 -21.55 17.23 3.82
N VAL A 321 -22.82 16.93 3.57
CA VAL A 321 -23.72 17.94 2.93
C VAL A 321 -24.33 18.88 3.96
N ARG A 322 -24.11 20.17 3.83
CA ARG A 322 -24.66 21.16 4.79
C ARG A 322 -26.18 21.29 4.74
N ASP A 323 -26.80 21.20 3.57
CA ASP A 323 -28.26 21.46 3.48
C ASP A 323 -29.05 20.44 4.31
N THR A 324 -29.94 20.94 5.17
CA THR A 324 -30.73 20.05 6.06
C THR A 324 -31.72 19.19 5.28
N ARG A 325 -32.33 19.72 4.23
CA ARG A 325 -33.41 18.95 3.55
C ARG A 325 -32.96 17.61 2.97
N VAL A 326 -31.81 17.52 2.33
CA VAL A 326 -31.40 16.19 1.80
C VAL A 326 -31.18 15.23 2.96
N LEU A 327 -30.58 15.71 4.04
CA LEU A 327 -30.28 14.80 5.16
C LEU A 327 -31.60 14.28 5.72
N LEU A 328 -32.62 15.13 5.81
CA LEU A 328 -33.90 14.68 6.41
C LEU A 328 -34.52 13.57 5.56
N GLU A 329 -34.42 13.67 4.24
CA GLU A 329 -34.97 12.58 3.42
C GLU A 329 -34.22 11.28 3.72
N ARG A 330 -32.90 11.36 3.86
CA ARG A 330 -32.10 10.15 4.17
C ARG A 330 -32.45 9.58 5.55
N GLN A 331 -32.60 10.43 6.56
CA GLN A 331 -32.83 9.89 7.93
C GLN A 331 -34.15 9.13 7.93
N GLN A 332 -35.15 9.65 7.24
CA GLN A 332 -36.45 8.96 7.20
C GLN A 332 -36.29 7.59 6.53
N THR A 333 -35.52 7.51 5.46
CA THR A 333 -35.41 6.22 4.74
C THR A 333 -34.76 5.18 5.66
N ILE A 334 -33.75 5.59 6.42
CA ILE A 334 -33.05 4.62 7.29
C ILE A 334 -34.03 4.05 8.31
N GLY A 335 -34.86 4.91 8.89
CA GLY A 335 -35.84 4.43 9.89
C GLY A 335 -36.83 3.47 9.28
N ALA A 336 -37.31 3.76 8.07
CA ALA A 336 -38.35 2.91 7.46
C ALA A 336 -37.84 1.50 7.16
N LEU A 337 -36.60 1.35 6.72
CA LEU A 337 -36.14 0.00 6.28
C LEU A 337 -35.44 -0.82 7.37
N GLN A 338 -35.32 -0.32 8.60
CA GLN A 338 -34.53 -1.05 9.62
C GLN A 338 -35.15 -2.43 9.84
N ASP A 339 -36.47 -2.50 9.87
CA ASP A 339 -37.15 -3.80 10.05
C ASP A 339 -36.91 -4.74 8.87
N PHE A 340 -36.88 -4.21 7.65
CA PHE A 340 -36.83 -5.10 6.46
C PHE A 340 -35.42 -5.34 5.92
N THR A 341 -34.38 -4.95 6.64
CA THR A 341 -33.01 -5.07 6.08
C THR A 341 -32.64 -6.51 5.75
N ALA A 342 -33.03 -7.45 6.60
CA ALA A 342 -32.55 -8.84 6.37
C ALA A 342 -33.05 -9.40 5.04
N GLY A 343 -34.30 -9.16 4.68
CA GLY A 343 -34.77 -9.62 3.36
C GLY A 343 -34.05 -8.92 2.22
N LEU A 344 -33.79 -7.63 2.35
CA LEU A 344 -33.20 -6.83 1.24
C LEU A 344 -31.72 -7.14 0.98
N GLN A 345 -30.96 -7.53 2.01
CA GLN A 345 -29.48 -7.69 1.82
C GLN A 345 -29.12 -8.75 0.76
N PRO A 346 -29.70 -9.97 0.71
CA PRO A 346 -29.29 -10.94 -0.31
C PRO A 346 -29.61 -10.54 -1.75
N VAL A 347 -30.81 -10.01 -2.00
CA VAL A 347 -31.21 -9.67 -3.40
C VAL A 347 -30.28 -8.59 -3.95
N LEU A 348 -29.89 -7.64 -3.11
CA LEU A 348 -28.99 -6.55 -3.56
C LEU A 348 -27.63 -7.12 -4.00
N ARG A 349 -27.11 -8.12 -3.29
CA ARG A 349 -25.77 -8.64 -3.64
C ARG A 349 -25.78 -9.18 -5.06
N GLN A 350 -26.88 -9.81 -5.46
CA GLN A 350 -26.95 -10.39 -6.81
C GLN A 350 -26.85 -9.31 -7.90
N VAL A 351 -27.43 -8.13 -7.67
CA VAL A 351 -27.29 -7.03 -8.68
C VAL A 351 -25.82 -6.65 -8.88
N GLY A 352 -25.05 -6.56 -7.80
CA GLY A 352 -23.61 -6.26 -7.90
C GLY A 352 -23.29 -4.91 -8.53
N ASP A 353 -22.35 -4.88 -9.47
CA ASP A 353 -21.94 -3.58 -10.06
C ASP A 353 -22.51 -3.45 -11.46
N LEU A 354 -23.36 -2.46 -11.67
CA LEU A 354 -23.91 -2.24 -13.03
C LEU A 354 -23.36 -0.93 -13.59
N GLU A 355 -22.87 -0.05 -12.72
CA GLU A 355 -22.42 1.27 -13.22
C GLU A 355 -21.26 1.08 -14.18
N ARG A 356 -20.29 0.26 -13.80
CA ARG A 356 -19.12 0.03 -14.67
C ARG A 356 -19.57 -0.69 -15.94
N ILE A 357 -20.49 -1.63 -15.79
CA ILE A 357 -20.93 -2.41 -16.98
C ILE A 357 -21.57 -1.43 -17.97
N LEU A 358 -22.32 -0.47 -17.45
CA LEU A 358 -22.98 0.51 -18.34
C LEU A 358 -21.95 1.34 -19.11
N ALA A 359 -20.87 1.76 -18.45
CA ALA A 359 -19.87 2.59 -19.15
C ALA A 359 -19.26 1.79 -20.30
N ARG A 360 -18.96 0.52 -20.06
CA ARG A 360 -18.39 -0.30 -21.14
C ARG A 360 -19.40 -0.46 -22.28
N LEU A 361 -20.68 -0.61 -21.95
CA LEU A 361 -21.70 -0.71 -23.02
C LEU A 361 -21.71 0.57 -23.85
N ALA A 362 -21.59 1.73 -23.19
CA ALA A 362 -21.59 3.02 -23.91
C ALA A 362 -20.40 3.13 -24.87
N LEU A 363 -19.22 2.68 -24.44
CA LEU A 363 -18.02 2.83 -25.29
C LEU A 363 -17.95 1.65 -26.27
N ARG A 364 -18.91 0.72 -26.18
CA ARG A 364 -18.97 -0.44 -27.10
C ARG A 364 -17.76 -1.35 -26.93
N THR A 365 -17.17 -1.38 -25.75
CA THR A 365 -16.02 -2.27 -25.48
C THR A 365 -16.42 -3.48 -24.64
N ALA A 366 -17.72 -3.66 -24.38
CA ALA A 366 -18.15 -4.73 -23.44
C ALA A 366 -17.90 -6.18 -23.90
N ARG A 367 -17.45 -7.02 -22.98
CA ARG A 367 -17.22 -8.45 -23.29
C ARG A 367 -18.50 -9.26 -23.16
N PRO A 368 -18.58 -10.48 -23.72
CA PRO A 368 -19.81 -11.28 -23.66
C PRO A 368 -20.25 -11.56 -22.22
N ARG A 369 -19.27 -11.75 -21.33
CA ARG A 369 -19.62 -12.03 -19.91
C ARG A 369 -20.39 -10.84 -19.35
N ASP A 370 -20.01 -9.61 -19.70
CA ASP A 370 -20.68 -8.45 -19.08
C ASP A 370 -22.17 -8.44 -19.44
N LEU A 371 -22.51 -8.79 -20.68
CA LEU A 371 -23.94 -8.84 -21.08
C LEU A 371 -24.68 -9.92 -20.28
N ALA A 372 -24.06 -11.07 -20.05
CA ALA A 372 -24.72 -12.11 -19.23
C ALA A 372 -24.91 -11.62 -17.79
N ARG A 373 -23.94 -10.90 -17.25
CA ARG A 373 -24.07 -10.38 -15.87
C ARG A 373 -25.26 -9.43 -15.82
N MET A 374 -25.46 -8.67 -16.89
CA MET A 374 -26.59 -7.71 -16.93
C MET A 374 -27.92 -8.46 -16.84
N ARG A 375 -28.02 -9.59 -17.51
CA ARG A 375 -29.30 -10.32 -17.51
C ARG A 375 -29.64 -10.70 -16.07
N HIS A 376 -28.62 -11.10 -15.31
CA HIS A 376 -28.89 -11.52 -13.91
C HIS A 376 -29.45 -10.37 -13.10
N ALA A 377 -28.88 -9.18 -13.22
CA ALA A 377 -29.33 -8.04 -12.36
C ALA A 377 -30.79 -7.66 -12.66
N PHE A 378 -31.18 -7.70 -13.93
CA PHE A 378 -32.57 -7.34 -14.29
C PHE A 378 -33.53 -8.32 -13.65
N GLN A 379 -33.17 -9.60 -13.60
CA GLN A 379 -34.03 -10.62 -12.97
C GLN A 379 -34.25 -10.30 -11.49
N GLN A 380 -33.26 -9.67 -10.85
CA GLN A 380 -33.37 -9.36 -9.40
C GLN A 380 -34.31 -8.18 -9.13
N LEU A 381 -34.51 -7.30 -10.13
CA LEU A 381 -35.32 -6.06 -9.91
C LEU A 381 -36.78 -6.36 -9.55
N PRO A 382 -37.54 -7.29 -10.19
CA PRO A 382 -38.93 -7.54 -9.78
C PRO A 382 -39.09 -7.89 -8.29
N GLU A 383 -38.32 -8.83 -7.77
CA GLU A 383 -38.46 -9.27 -6.36
C GLU A 383 -38.17 -8.09 -5.44
N LEU A 384 -37.15 -7.29 -5.77
CA LEU A 384 -36.78 -6.17 -4.88
C LEU A 384 -37.97 -5.21 -4.81
N ARG A 385 -38.63 -5.00 -5.93
CA ARG A 385 -39.75 -4.02 -5.95
C ARG A 385 -40.85 -4.47 -4.99
N ALA A 386 -41.17 -5.76 -4.97
CA ALA A 386 -42.32 -6.18 -4.14
C ALA A 386 -42.04 -5.87 -2.67
N GLN A 387 -40.84 -6.16 -2.21
CA GLN A 387 -40.57 -5.94 -0.77
C GLN A 387 -40.68 -4.45 -0.51
N LEU A 388 -40.16 -3.64 -1.42
CA LEU A 388 -40.18 -2.17 -1.21
C LEU A 388 -41.61 -1.63 -1.22
N GLU A 389 -42.50 -2.19 -2.04
CA GLU A 389 -43.86 -1.63 -2.17
C GLU A 389 -44.61 -1.63 -0.84
N THR A 390 -44.47 -2.70 -0.05
CA THR A 390 -45.24 -2.77 1.21
C THR A 390 -44.83 -1.61 2.12
N VAL A 391 -43.53 -1.33 2.18
CA VAL A 391 -43.05 -0.22 3.04
C VAL A 391 -43.67 1.06 2.49
N ASP A 392 -44.21 1.92 3.36
CA ASP A 392 -44.92 3.12 2.86
C ASP A 392 -44.25 4.40 3.38
N SER A 393 -43.15 4.82 2.75
CA SER A 393 -42.51 6.11 3.13
C SER A 393 -42.25 6.93 1.86
N ALA A 394 -42.47 8.25 1.92
CA ALA A 394 -42.34 9.08 0.70
C ALA A 394 -40.96 8.92 0.04
N PRO A 395 -39.79 9.08 0.70
CA PRO A 395 -38.53 8.87 0.01
C PRO A 395 -38.43 7.44 -0.52
N VAL A 396 -38.88 6.46 0.24
CA VAL A 396 -38.70 5.04 -0.20
C VAL A 396 -39.47 4.83 -1.50
N GLN A 397 -40.68 5.37 -1.56
CA GLN A 397 -41.48 5.17 -2.78
C GLN A 397 -40.74 5.82 -3.96
N ALA A 398 -40.12 6.97 -3.73
CA ALA A 398 -39.37 7.66 -4.81
C ALA A 398 -38.19 6.82 -5.30
N LEU A 399 -37.44 6.20 -4.38
CA LEU A 399 -36.28 5.39 -4.83
C LEU A 399 -36.84 4.26 -5.68
N ARG A 400 -37.95 3.68 -5.26
CA ARG A 400 -38.48 2.53 -6.01
C ARG A 400 -38.85 2.95 -7.43
N GLU A 401 -39.49 4.11 -7.58
CA GLU A 401 -39.94 4.48 -8.94
C GLU A 401 -38.73 4.69 -9.85
N LYS A 402 -37.67 5.30 -9.33
CA LYS A 402 -36.49 5.60 -10.18
C LYS A 402 -35.86 4.30 -10.67
N MET A 403 -35.81 3.27 -9.82
CA MET A 403 -35.11 2.03 -10.21
C MET A 403 -35.77 1.39 -11.43
N GLY A 404 -37.09 1.32 -11.47
CA GLY A 404 -37.74 0.78 -12.67
C GLY A 404 -37.67 -0.74 -12.72
N GLU A 405 -38.16 -1.34 -13.79
CA GLU A 405 -38.04 -2.81 -13.93
C GLU A 405 -37.22 -3.19 -15.16
N PHE A 406 -37.30 -2.39 -16.23
CA PHE A 406 -36.53 -2.66 -17.47
C PHE A 406 -36.78 -4.07 -18.01
N ALA A 407 -38.05 -4.49 -18.06
CA ALA A 407 -38.35 -5.86 -18.50
C ALA A 407 -37.93 -6.10 -19.95
N GLU A 408 -38.12 -5.12 -20.83
CA GLU A 408 -37.82 -5.35 -22.27
C GLU A 408 -36.34 -5.64 -22.45
N LEU A 409 -35.48 -4.90 -21.75
CA LEU A 409 -34.02 -5.11 -21.91
C LEU A 409 -33.68 -6.53 -21.44
N ARG A 410 -34.31 -6.96 -20.35
CA ARG A 410 -34.03 -8.31 -19.84
C ARG A 410 -34.47 -9.33 -20.90
N ASP A 411 -35.62 -9.10 -21.53
CA ASP A 411 -36.16 -10.08 -22.51
C ASP A 411 -35.17 -10.27 -23.67
N LEU A 412 -34.72 -9.19 -24.31
CA LEU A 412 -33.84 -9.35 -25.51
C LEU A 412 -32.51 -10.00 -25.11
N LEU A 413 -31.96 -9.63 -23.96
CA LEU A 413 -30.68 -10.22 -23.49
C LEU A 413 -30.86 -11.74 -23.29
N GLU A 414 -31.99 -12.14 -22.70
CA GLU A 414 -32.21 -13.59 -22.42
C GLU A 414 -32.29 -14.38 -23.73
N ARG A 415 -32.96 -13.84 -24.74
CA ARG A 415 -33.01 -14.53 -26.05
C ARG A 415 -31.62 -14.53 -26.69
N ALA A 416 -30.91 -13.40 -26.61
CA ALA A 416 -29.60 -13.25 -27.30
C ALA A 416 -28.46 -14.13 -26.77
N ILE A 417 -28.34 -14.36 -25.46
CA ILE A 417 -27.11 -15.04 -24.93
C ILE A 417 -27.36 -16.40 -24.29
N ILE A 418 -26.40 -17.33 -24.43
CA ILE A 418 -26.45 -18.65 -23.73
C ILE A 418 -26.16 -18.41 -22.24
N ASP A 419 -26.71 -19.24 -21.37
CA ASP A 419 -26.53 -19.00 -19.91
C ASP A 419 -25.05 -19.04 -19.56
N THR A 420 -24.31 -19.96 -20.15
CA THR A 420 -22.85 -19.95 -19.92
C THR A 420 -22.22 -19.29 -21.13
N PRO A 421 -21.51 -18.17 -20.96
CA PRO A 421 -20.97 -17.49 -22.11
C PRO A 421 -19.47 -17.70 -22.35
N PRO A 422 -19.08 -18.10 -23.58
CA PRO A 422 -17.66 -18.22 -23.90
C PRO A 422 -16.97 -16.86 -23.71
N VAL A 423 -15.75 -16.89 -23.20
CA VAL A 423 -15.04 -15.61 -22.88
C VAL A 423 -14.78 -14.76 -24.13
N LEU A 424 -14.43 -15.37 -25.27
CA LEU A 424 -14.05 -14.53 -26.43
C LEU A 424 -15.15 -14.44 -27.48
N VAL A 425 -15.49 -13.21 -27.88
CA VAL A 425 -16.49 -13.03 -28.96
C VAL A 425 -15.94 -13.59 -30.26
N ARG A 426 -14.64 -13.44 -30.51
CA ARG A 426 -14.09 -13.82 -31.83
C ARG A 426 -14.36 -15.29 -32.13
N ASP A 427 -14.12 -16.17 -31.17
CA ASP A 427 -14.50 -17.58 -31.43
C ASP A 427 -15.48 -17.92 -30.32
N GLY A 428 -16.76 -17.94 -30.62
CA GLY A 428 -17.71 -18.17 -29.51
C GLY A 428 -19.08 -18.66 -29.89
N GLY A 429 -19.76 -19.28 -28.93
CA GLY A 429 -21.15 -19.68 -29.16
C GLY A 429 -21.96 -18.69 -28.35
N VAL A 430 -21.43 -17.50 -28.14
CA VAL A 430 -22.10 -16.54 -27.23
C VAL A 430 -23.51 -16.24 -27.71
N ILE A 431 -23.71 -16.06 -29.01
CA ILE A 431 -25.11 -15.85 -29.44
C ILE A 431 -25.86 -17.18 -29.27
N ALA A 432 -26.99 -17.14 -28.58
CA ALA A 432 -27.79 -18.35 -28.39
C ALA A 432 -28.55 -18.69 -29.67
N SER A 433 -28.98 -19.93 -29.80
CA SER A 433 -29.80 -20.27 -30.98
C SER A 433 -31.11 -19.50 -30.92
N GLY A 434 -31.55 -18.96 -32.06
CA GLY A 434 -32.86 -18.28 -32.11
C GLY A 434 -32.82 -16.77 -31.96
N TYR A 435 -31.72 -16.19 -31.48
CA TYR A 435 -31.68 -14.71 -31.48
C TYR A 435 -31.72 -14.32 -32.94
N ASN A 436 -30.96 -15.05 -33.75
CA ASN A 436 -31.02 -14.80 -35.21
C ASN A 436 -31.18 -16.16 -35.88
N GLU A 437 -32.20 -16.31 -36.72
CA GLU A 437 -32.41 -17.60 -37.43
C GLU A 437 -31.24 -17.87 -38.38
N GLU A 438 -30.77 -16.85 -39.08
CA GLU A 438 -29.70 -17.07 -40.10
C GLU A 438 -28.42 -17.60 -39.44
N LEU A 439 -28.05 -17.06 -38.29
CA LEU A 439 -26.80 -17.51 -37.63
C LEU A 439 -26.98 -18.98 -37.30
N ASP A 440 -28.17 -19.34 -36.84
CA ASP A 440 -28.42 -20.75 -36.46
C ASP A 440 -28.23 -21.64 -37.68
N GLU A 441 -28.69 -21.17 -38.83
CA GLU A 441 -28.54 -21.98 -40.06
C GLU A 441 -27.05 -22.18 -40.37
N TRP A 442 -26.25 -21.11 -40.27
CA TRP A 442 -24.79 -21.26 -40.50
C TRP A 442 -24.15 -22.17 -39.45
N ARG A 443 -24.52 -22.01 -38.19
CA ARG A 443 -23.88 -22.81 -37.12
C ARG A 443 -24.19 -24.28 -37.38
N ALA A 444 -25.44 -24.56 -37.74
CA ALA A 444 -25.84 -25.96 -38.00
C ALA A 444 -25.07 -26.49 -39.21
N LEU A 445 -24.92 -25.67 -40.24
CA LEU A 445 -24.23 -26.13 -41.46
C LEU A 445 -22.78 -26.44 -41.11
N ALA A 446 -22.15 -25.59 -40.30
CA ALA A 446 -20.76 -25.86 -39.88
C ALA A 446 -20.72 -27.15 -39.06
N ASP A 447 -21.70 -27.33 -38.18
CA ASP A 447 -21.76 -28.56 -37.37
C ASP A 447 -21.94 -29.77 -38.30
N GLY A 448 -22.79 -29.62 -39.31
CA GLY A 448 -23.05 -30.72 -40.26
C GLY A 448 -21.78 -31.07 -41.04
N LEU A 520 -15.11 -24.79 -42.92
CA LEU A 520 -14.51 -23.49 -42.49
C LEU A 520 -15.30 -22.32 -43.07
N THR A 521 -15.76 -22.46 -44.32
CA THR A 521 -16.46 -21.32 -44.94
C THR A 521 -17.73 -21.02 -44.15
N SER A 522 -18.48 -22.06 -43.81
CA SER A 522 -19.70 -21.84 -43.00
C SER A 522 -19.30 -21.32 -41.62
N LYS A 523 -18.23 -21.86 -41.05
CA LYS A 523 -17.82 -21.44 -39.70
C LYS A 523 -17.42 -19.97 -39.70
N GLY A 524 -16.69 -19.55 -40.73
CA GLY A 524 -16.30 -18.13 -40.81
C GLY A 524 -17.52 -17.24 -40.94
N LYS A 525 -18.48 -17.66 -41.75
CA LYS A 525 -19.71 -16.85 -41.92
C LYS A 525 -20.44 -16.78 -40.58
N ALA A 526 -20.48 -17.89 -39.87
CA ALA A 526 -21.19 -17.91 -38.58
C ALA A 526 -20.48 -16.94 -37.64
N LEU A 527 -19.15 -16.97 -37.62
CA LEU A 527 -18.39 -16.07 -36.74
C LEU A 527 -18.61 -14.61 -37.16
N ALA A 528 -18.61 -14.36 -38.46
CA ALA A 528 -18.80 -12.97 -38.94
C ALA A 528 -20.17 -12.48 -38.52
N LEU A 529 -21.19 -13.32 -38.69
CA LEU A 529 -22.56 -12.90 -38.34
C LEU A 529 -22.63 -12.67 -36.83
N GLU A 530 -21.95 -13.52 -36.07
CA GLU A 530 -22.04 -13.39 -34.60
C GLU A 530 -21.47 -12.03 -34.20
N LYS A 531 -20.37 -11.63 -34.80
CA LYS A 531 -19.79 -10.32 -34.45
C LYS A 531 -20.78 -9.22 -34.81
N GLN A 532 -21.41 -9.32 -35.97
CA GLN A 532 -22.36 -8.27 -36.39
C GLN A 532 -23.53 -8.23 -35.41
N LEU A 533 -24.04 -9.39 -35.02
CA LEU A 533 -25.21 -9.41 -34.12
C LEU A 533 -24.79 -8.77 -32.80
N TYR A 534 -23.57 -9.06 -32.34
CA TYR A 534 -23.15 -8.52 -31.04
C TYR A 534 -23.14 -7.00 -31.11
N GLU A 535 -22.68 -6.45 -32.22
CA GLU A 535 -22.70 -4.98 -32.39
C GLU A 535 -24.13 -4.44 -32.41
N GLU A 536 -25.04 -5.15 -33.09
CA GLU A 536 -26.46 -4.70 -33.14
C GLU A 536 -27.07 -4.73 -31.75
N LEU A 537 -26.71 -5.72 -30.94
CA LEU A 537 -27.26 -5.80 -29.58
C LEU A 537 -26.83 -4.56 -28.80
N PHE A 538 -25.60 -4.10 -29.03
CA PHE A 538 -25.14 -2.88 -28.33
C PHE A 538 -26.08 -1.75 -28.71
N ASP A 539 -26.44 -1.70 -29.99
CA ASP A 539 -27.30 -0.59 -30.45
C ASP A 539 -28.67 -0.62 -29.76
N LEU A 540 -29.26 -1.79 -29.58
CA LEU A 540 -30.63 -1.85 -29.00
C LEU A 540 -30.61 -1.29 -27.57
N LEU A 541 -29.57 -1.57 -26.80
CA LEU A 541 -29.51 -1.15 -25.38
C LEU A 541 -29.16 0.34 -25.26
N LEU A 542 -28.56 0.93 -26.30
CA LEU A 542 -28.09 2.35 -26.21
C LEU A 542 -29.22 3.38 -25.98
N PRO A 543 -30.41 3.34 -26.63
CA PRO A 543 -31.43 4.36 -26.41
C PRO A 543 -31.87 4.48 -24.95
N HIS A 544 -31.87 3.37 -24.21
CA HIS A 544 -32.37 3.38 -22.81
C HIS A 544 -31.26 3.79 -21.85
N LEU A 545 -30.12 4.22 -22.37
CA LEU A 545 -28.97 4.48 -21.47
C LEU A 545 -29.33 5.54 -20.44
N GLU A 546 -30.11 6.55 -20.80
CA GLU A 546 -30.36 7.60 -19.81
C GLU A 546 -31.07 6.98 -18.61
N ALA A 547 -32.07 6.15 -18.88
CA ALA A 547 -32.83 5.50 -17.78
C ALA A 547 -31.95 4.55 -16.98
N LEU A 548 -31.13 3.76 -17.66
CA LEU A 548 -30.32 2.73 -16.94
C LEU A 548 -29.37 3.43 -15.98
N GLN A 549 -28.79 4.54 -16.44
CA GLN A 549 -27.85 5.25 -15.56
C GLN A 549 -28.58 5.74 -14.31
N GLN A 550 -29.80 6.24 -14.49
CA GLN A 550 -30.58 6.68 -13.31
C GLN A 550 -30.86 5.50 -12.39
N SER A 551 -31.22 4.35 -12.96
CA SER A 551 -31.54 3.16 -12.15
C SER A 551 -30.33 2.76 -11.32
N ALA A 552 -29.15 2.78 -11.94
CA ALA A 552 -27.94 2.33 -11.24
C ALA A 552 -27.71 3.25 -10.04
N SER A 553 -27.93 4.54 -10.23
CA SER A 553 -27.72 5.48 -9.12
C SER A 553 -28.67 5.14 -7.97
N ALA A 554 -29.92 4.83 -8.29
CA ALA A 554 -30.89 4.50 -7.23
C ALA A 554 -30.51 3.23 -6.48
N LEU A 555 -30.10 2.19 -7.19
CA LEU A 555 -29.77 0.91 -6.52
C LEU A 555 -28.56 1.13 -5.62
N ALA A 556 -27.60 1.92 -6.09
CA ALA A 556 -26.43 2.21 -5.23
C ALA A 556 -26.90 2.94 -3.99
N GLU A 557 -27.82 3.87 -4.16
CA GLU A 557 -28.32 4.63 -3.00
C GLU A 557 -29.06 3.69 -2.05
N LEU A 558 -29.85 2.78 -2.59
CA LEU A 558 -30.63 1.89 -1.71
C LEU A 558 -29.64 1.07 -0.90
N ASP A 559 -28.59 0.59 -1.55
CA ASP A 559 -27.63 -0.30 -0.86
C ASP A 559 -26.91 0.41 0.29
N VAL A 560 -26.51 1.65 0.06
CA VAL A 560 -25.86 2.36 1.18
C VAL A 560 -26.87 2.46 2.31
N LEU A 561 -28.12 2.80 1.98
CA LEU A 561 -29.14 2.99 3.03
C LEU A 561 -29.53 1.70 3.77
N VAL A 562 -29.72 0.60 3.05
CA VAL A 562 -30.08 -0.67 3.72
C VAL A 562 -28.94 -1.07 4.65
N ASN A 563 -27.71 -0.92 4.17
CA ASN A 563 -26.56 -1.30 5.02
C ASN A 563 -26.55 -0.43 6.27
N LEU A 564 -26.80 0.87 6.10
CA LEU A 564 -26.73 1.76 7.28
C LEU A 564 -27.82 1.37 8.28
N ALA A 565 -29.00 1.01 7.79
CA ALA A 565 -30.09 0.59 8.71
C ALA A 565 -29.73 -0.68 9.48
N GLU A 566 -29.17 -1.68 8.81
CA GLU A 566 -28.83 -2.95 9.50
C GLU A 566 -27.76 -2.66 10.56
N ARG A 567 -26.80 -1.82 10.21
CA ARG A 567 -25.72 -1.51 11.16
C ARG A 567 -26.33 -0.82 12.37
N ALA A 568 -27.31 0.05 12.14
CA ALA A 568 -27.90 0.80 13.26
C ALA A 568 -28.58 -0.15 14.26
N TYR A 569 -29.28 -1.16 13.76
CA TYR A 569 -29.94 -2.12 14.67
C TYR A 569 -28.88 -2.92 15.44
N THR A 570 -27.85 -3.38 14.75
CA THR A 570 -26.83 -4.23 15.41
C THR A 570 -26.08 -3.43 16.47
N LEU A 571 -25.74 -2.18 16.17
CA LEU A 571 -24.92 -1.43 17.15
C LEU A 571 -25.78 -0.40 17.90
N ASN A 572 -27.09 -0.49 17.82
CA ASN A 572 -27.99 0.42 18.59
C ASN A 572 -27.79 1.92 18.28
N TYR A 573 -27.78 2.31 17.01
CA TYR A 573 -27.69 3.75 16.65
C TYR A 573 -29.04 4.49 16.76
N THR A 574 -29.01 5.82 16.92
CA THR A 574 -30.26 6.63 16.98
C THR A 574 -30.18 7.84 16.04
N CYS A 575 -31.32 8.31 15.52
CA CYS A 575 -31.32 9.50 14.62
C CYS A 575 -31.09 10.83 15.34
N PRO A 576 -30.24 11.73 14.79
CA PRO A 576 -30.02 13.06 15.36
C PRO A 576 -31.05 14.14 14.96
N THR A 577 -31.03 15.28 15.65
CA THR A 577 -31.98 16.38 15.34
C THR A 577 -31.24 17.69 15.03
N PHE A 578 -31.81 18.55 14.19
CA PHE A 578 -31.07 19.78 13.77
C PHE A 578 -31.64 21.07 14.36
N ILE A 579 -30.77 21.98 14.81
CA ILE A 579 -31.22 23.29 15.36
C ILE A 579 -30.68 24.45 14.51
N ASP A 580 -31.39 25.58 14.45
CA ASP A 580 -30.98 26.74 13.61
C ASP A 580 -29.67 27.39 14.07
N LYS A 581 -29.48 27.58 15.38
CA LYS A 581 -28.24 28.27 15.89
C LYS A 581 -27.16 27.21 16.06
N PRO A 582 -25.87 27.44 15.76
CA PRO A 582 -24.92 26.35 15.89
C PRO A 582 -24.74 25.91 17.36
N GLY A 583 -24.89 24.61 17.62
CA GLY A 583 -24.69 24.09 18.98
C GLY A 583 -24.49 22.58 18.96
N ILE A 584 -23.88 22.03 20.01
CA ILE A 584 -23.76 20.54 20.03
C ILE A 584 -24.36 19.98 21.32
N ARG A 585 -25.34 19.08 21.19
CA ARG A 585 -25.86 18.42 22.42
C ARG A 585 -25.83 16.90 22.24
N ILE A 586 -25.08 16.21 23.11
CA ILE A 586 -24.94 14.74 22.97
C ILE A 586 -25.21 14.06 24.30
N THR A 587 -26.01 13.00 24.30
CA THR A 587 -26.16 12.23 25.56
C THR A 587 -25.75 10.77 25.33
N GLU A 588 -24.93 10.22 26.23
CA GLU A 588 -24.47 8.81 26.12
C GLU A 588 -23.75 8.49 24.81
N GLY A 589 -22.81 9.34 24.38
CA GLY A 589 -22.06 9.10 23.13
C GLY A 589 -20.95 8.07 23.22
N ARG A 590 -20.81 7.25 22.17
CA ARG A 590 -19.73 6.25 22.14
C ARG A 590 -18.91 6.38 20.85
N HIS A 591 -17.58 6.32 20.95
CA HIS A 591 -16.73 6.36 19.73
C HIS A 591 -17.03 5.12 18.90
N PRO A 592 -17.31 5.24 17.59
CA PRO A 592 -17.68 4.05 16.87
C PRO A 592 -16.59 2.96 16.75
N VAL A 593 -15.37 3.33 16.40
CA VAL A 593 -14.28 2.32 16.15
C VAL A 593 -13.73 1.67 17.43
N VAL A 594 -13.44 2.45 18.46
CA VAL A 594 -12.78 1.86 19.67
C VAL A 594 -13.73 0.85 20.28
N GLU A 595 -15.02 1.16 20.30
CA GLU A 595 -15.96 0.24 20.97
C GLU A 595 -15.97 -1.13 20.27
N GLN A 596 -15.91 -1.15 18.94
CA GLN A 596 -15.88 -2.45 18.21
C GLN A 596 -14.61 -3.25 18.51
N VAL A 597 -13.46 -2.58 18.60
CA VAL A 597 -12.18 -3.33 18.76
C VAL A 597 -11.86 -3.61 20.24
N LEU A 598 -12.61 -3.04 21.17
CA LEU A 598 -12.26 -3.25 22.60
C LEU A 598 -13.09 -4.42 23.13
N ASN A 599 -12.44 -5.44 23.64
CA ASN A 599 -13.17 -6.61 24.19
C ASN A 599 -13.99 -6.22 25.42
N GLU A 600 -13.43 -5.38 26.28
CA GLU A 600 -14.16 -4.95 27.49
C GLU A 600 -15.28 -3.98 27.10
N PRO A 601 -16.32 -3.80 27.93
CA PRO A 601 -17.38 -2.83 27.65
C PRO A 601 -16.93 -1.36 27.58
N PHE A 602 -17.59 -0.58 26.72
CA PHE A 602 -17.17 0.83 26.52
C PHE A 602 -18.03 1.79 27.36
N ILE A 603 -17.40 2.55 28.24
CA ILE A 603 -18.17 3.56 29.03
C ILE A 603 -18.65 4.64 28.07
N ALA A 604 -19.84 5.21 28.30
CA ALA A 604 -20.41 6.25 27.39
C ALA A 604 -20.31 7.63 28.03
N ASN A 605 -20.02 8.68 27.25
CA ASN A 605 -19.84 10.05 27.81
C ASN A 605 -20.73 11.09 27.13
N PRO A 606 -21.51 11.92 27.86
CA PRO A 606 -22.32 13.01 27.28
C PRO A 606 -21.55 14.33 27.04
N LEU A 607 -22.11 15.25 26.24
CA LEU A 607 -21.41 16.54 25.91
C LEU A 607 -22.41 17.68 25.68
N ASN A 608 -22.07 18.91 26.06
CA ASN A 608 -22.95 20.08 25.75
C ASN A 608 -22.10 21.26 25.26
N LEU A 609 -22.29 21.68 24.01
CA LEU A 609 -21.57 22.88 23.51
C LEU A 609 -22.58 23.90 23.04
N SER A 610 -22.45 25.13 23.53
CA SER A 610 -23.47 26.15 23.19
C SER A 610 -22.79 27.48 22.91
N PRO A 611 -23.45 28.44 22.24
CA PRO A 611 -22.87 29.76 22.05
C PRO A 611 -22.52 30.39 23.41
N GLN A 612 -23.34 30.13 24.42
CA GLN A 612 -23.04 30.64 25.78
C GLN A 612 -21.72 30.04 26.33
N ARG A 613 -21.45 28.77 26.05
CA ARG A 613 -20.17 28.15 26.50
C ARG A 613 -19.45 27.49 25.33
N ARG A 614 -18.81 28.28 24.49
CA ARG A 614 -18.17 27.73 23.27
C ARG A 614 -16.94 26.86 23.50
N MET A 615 -16.07 27.22 24.43
CA MET A 615 -14.81 26.46 24.52
C MET A 615 -14.75 25.57 25.75
N LEU A 616 -14.44 24.29 25.55
CA LEU A 616 -14.30 23.39 26.71
C LEU A 616 -12.85 22.94 26.77
N ILE A 617 -12.22 23.09 27.92
CA ILE A 617 -10.81 22.63 28.06
C ILE A 617 -10.83 21.25 28.72
N ILE A 618 -10.32 20.23 28.04
CA ILE A 618 -10.38 18.86 28.61
C ILE A 618 -9.02 18.51 29.20
N THR A 619 -8.97 18.26 30.50
CA THR A 619 -7.69 17.84 31.13
C THR A 619 -7.88 16.54 31.89
N GLY A 620 -6.97 15.59 31.73
CA GLY A 620 -7.13 14.28 32.38
C GLY A 620 -5.82 13.54 32.57
N PRO A 621 -5.79 12.45 33.35
CA PRO A 621 -4.58 11.64 33.50
C PRO A 621 -4.23 10.88 32.21
N ASN A 622 -2.95 10.52 32.07
CA ASN A 622 -2.50 9.84 30.83
C ASN A 622 -3.25 8.52 30.69
N MET A 623 -3.57 8.13 29.47
CA MET A 623 -4.36 6.89 29.22
C MET A 623 -5.77 7.08 29.78
N GLY A 624 -6.21 8.34 29.93
CA GLY A 624 -7.52 8.61 30.54
C GLY A 624 -8.68 8.79 29.57
N GLY A 625 -8.45 8.65 28.27
CA GLY A 625 -9.53 8.81 27.28
C GLY A 625 -9.74 10.19 26.68
N LYS A 626 -8.86 11.17 26.95
CA LYS A 626 -9.13 12.55 26.45
C LYS A 626 -9.16 12.59 24.93
N SER A 627 -8.20 11.98 24.28
CA SER A 627 -8.14 12.04 22.80
C SER A 627 -9.32 11.30 22.18
N THR A 628 -9.71 10.17 22.76
CA THR A 628 -10.83 9.39 22.19
C THR A 628 -12.10 10.24 22.25
N TYR A 629 -12.28 11.00 23.33
CA TYR A 629 -13.50 11.82 23.46
C TYR A 629 -13.55 12.87 22.34
N MET A 630 -12.43 13.53 22.08
CA MET A 630 -12.45 14.61 21.07
C MET A 630 -12.74 13.99 19.70
N ARG A 631 -12.12 12.85 19.42
CA ARG A 631 -12.39 12.19 18.13
C ARG A 631 -13.86 11.78 18.08
N GLN A 632 -14.42 11.38 19.21
CA GLN A 632 -15.83 10.91 19.24
C GLN A 632 -16.77 12.05 18.79
N THR A 633 -16.51 13.27 19.25
CA THR A 633 -17.40 14.38 18.87
C THR A 633 -17.36 14.57 17.36
N ALA A 634 -16.18 14.55 16.78
CA ALA A 634 -16.05 14.81 15.33
C ALA A 634 -16.74 13.71 14.53
N LEU A 635 -16.56 12.46 14.92
CA LEU A 635 -17.13 11.38 14.11
C LEU A 635 -18.65 11.40 14.15
N ILE A 636 -19.23 11.71 15.30
CA ILE A 636 -20.71 11.81 15.37
C ILE A 636 -21.18 12.94 14.45
N ALA A 637 -20.48 14.07 14.45
CA ALA A 637 -20.92 15.21 13.63
C ALA A 637 -20.90 14.84 12.15
N LEU A 638 -19.83 14.20 11.70
CA LEU A 638 -19.73 13.86 10.26
C LEU A 638 -20.85 12.87 9.93
N MET A 639 -21.09 11.94 10.83
CA MET A 639 -22.14 10.92 10.59
C MET A 639 -23.53 11.57 10.55
N ALA A 640 -23.76 12.56 11.41
CA ALA A 640 -25.06 13.23 11.38
C ALA A 640 -25.23 13.87 10.01
N TYR A 641 -24.18 14.51 9.51
CA TYR A 641 -24.30 15.26 8.24
C TYR A 641 -24.31 14.34 7.02
N ILE A 642 -23.92 13.08 7.17
CA ILE A 642 -24.08 12.19 6.01
C ILE A 642 -25.51 11.63 6.08
N GLY A 643 -26.19 11.91 7.19
CA GLY A 643 -27.59 11.46 7.33
C GLY A 643 -27.75 10.09 7.96
N SER A 644 -26.65 9.47 8.38
CA SER A 644 -26.71 8.15 9.06
C SER A 644 -27.17 8.31 10.50
N TYR A 645 -27.68 7.24 11.09
CA TYR A 645 -28.03 7.30 12.52
C TYR A 645 -26.72 7.44 13.29
N VAL A 646 -26.80 8.05 14.47
CA VAL A 646 -25.53 8.34 15.19
C VAL A 646 -25.38 7.48 16.45
N PRO A 647 -24.13 7.17 16.87
CA PRO A 647 -23.91 6.39 18.08
C PRO A 647 -24.00 7.17 19.40
N ALA A 648 -25.21 7.57 19.78
CA ALA A 648 -25.41 8.24 21.09
C ALA A 648 -26.88 8.04 21.42
N GLN A 649 -27.29 8.25 22.67
CA GLN A 649 -28.74 8.13 22.97
C GLN A 649 -29.56 9.22 22.24
N LYS A 650 -29.13 10.48 22.31
CA LYS A 650 -29.83 11.54 21.54
C LYS A 650 -28.82 12.63 21.12
N VAL A 651 -28.93 13.11 19.87
CA VAL A 651 -28.00 14.18 19.42
C VAL A 651 -28.74 15.39 18.84
N GLU A 652 -28.39 16.59 19.31
CA GLU A 652 -28.99 17.82 18.73
C GLU A 652 -27.83 18.60 18.13
N ILE A 653 -27.89 18.94 16.83
CA ILE A 653 -26.68 19.57 16.20
C ILE A 653 -26.95 20.86 15.41
N GLY A 654 -26.17 21.92 15.68
CA GLY A 654 -26.28 23.16 14.90
C GLY A 654 -25.43 23.13 13.63
N PRO A 655 -25.64 24.06 12.68
CA PRO A 655 -24.90 24.04 11.42
C PRO A 655 -23.39 24.24 11.56
N ILE A 656 -22.60 23.46 10.80
CA ILE A 656 -21.11 23.60 10.84
C ILE A 656 -20.55 23.79 9.43
N ASP A 657 -19.86 24.91 9.18
CA ASP A 657 -19.20 25.12 7.86
C ASP A 657 -17.94 24.26 7.61
N ARG A 658 -17.06 24.13 8.60
CA ARG A 658 -15.78 23.39 8.38
C ARG A 658 -15.41 22.59 9.63
N ILE A 659 -14.65 21.51 9.44
CA ILE A 659 -14.16 20.74 10.63
C ILE A 659 -12.64 20.86 10.69
N PHE A 660 -12.09 21.23 11.83
CA PHE A 660 -10.62 21.31 11.93
C PHE A 660 -10.10 20.30 12.95
N THR A 661 -9.18 19.44 12.52
CA THR A 661 -8.59 18.45 13.45
C THR A 661 -7.08 18.66 13.55
N ARG A 662 -6.58 18.79 14.76
CA ARG A 662 -5.13 18.94 14.96
C ARG A 662 -4.76 17.88 16.00
N VAL A 663 -4.73 16.62 15.58
CA VAL A 663 -4.36 15.53 16.53
C VAL A 663 -3.28 14.65 15.91
N GLY A 664 -2.48 14.00 16.75
CA GLY A 664 -1.41 13.14 16.25
C GLY A 664 -0.09 13.88 16.17
N ALA A 665 1.01 13.14 16.17
CA ALA A 665 2.33 13.80 16.03
C ALA A 665 3.08 13.17 14.84
N ALA A 666 3.63 13.99 13.96
CA ALA A 666 4.33 13.45 12.79
C ALA A 666 5.36 14.44 12.26
N ASP A 667 6.32 13.94 11.48
CA ASP A 667 7.27 14.87 10.83
C ASP A 667 7.44 14.41 9.40
N ASP A 668 7.65 15.36 8.48
CA ASP A 668 7.90 14.96 7.06
C ASP A 668 9.33 15.31 6.67
N LEU A 669 10.18 14.29 6.54
CA LEU A 669 11.59 14.51 6.12
C LEU A 669 11.56 15.07 4.69
N ALA A 670 10.67 14.54 3.85
CA ALA A 670 10.62 14.99 2.44
C ALA A 670 10.29 16.47 2.34
N SER A 671 9.24 16.92 3.03
CA SER A 671 8.82 18.34 2.90
C SER A 671 9.79 19.16 3.76
N GLY A 672 10.73 18.50 4.39
CA GLY A 672 11.74 19.21 5.19
C GLY A 672 11.14 19.94 6.37
N ARG A 673 10.13 19.35 7.00
CA ARG A 673 9.61 20.01 8.21
C ARG A 673 9.73 19.14 9.44
N SER A 674 10.22 19.74 10.53
CA SER A 674 10.32 19.01 11.82
C SER A 674 8.91 18.89 12.38
N THR A 675 8.76 18.10 13.45
CA THR A 675 7.42 17.90 14.03
C THR A 675 6.86 19.25 14.49
N PHE A 676 7.67 20.09 15.11
CA PHE A 676 7.12 21.34 15.64
C PHE A 676 6.58 22.17 14.48
N MET A 677 7.32 22.23 13.37
CA MET A 677 6.78 22.98 12.22
C MET A 677 5.52 22.35 11.64
N VAL A 678 5.45 21.02 11.54
CA VAL A 678 4.24 20.45 10.90
C VAL A 678 3.04 20.84 11.75
N GLU A 679 3.21 20.77 13.06
CA GLU A 679 2.10 21.17 13.95
C GLU A 679 1.77 22.65 13.77
N MET A 680 2.78 23.51 13.71
CA MET A 680 2.50 24.96 13.61
C MET A 680 1.85 25.33 12.27
N THR A 681 2.22 24.65 11.20
CA THR A 681 1.56 24.95 9.91
C THR A 681 0.06 24.67 10.03
N GLU A 682 -0.30 23.56 10.67
CA GLU A 682 -1.74 23.22 10.83
C GLU A 682 -2.46 24.25 11.71
N THR A 683 -1.83 24.69 12.79
CA THR A 683 -2.48 25.68 13.69
C THR A 683 -2.72 26.96 12.90
N ALA A 684 -1.74 27.36 12.09
CA ALA A 684 -1.87 28.62 11.33
C ALA A 684 -3.06 28.54 10.38
N ASN A 685 -3.27 27.39 9.77
CA ASN A 685 -4.41 27.30 8.83
C ASN A 685 -5.72 27.54 9.60
N ILE A 686 -5.84 26.96 10.79
CA ILE A 686 -7.10 27.12 11.55
C ILE A 686 -7.28 28.59 11.92
N LEU A 687 -6.24 29.24 12.43
CA LEU A 687 -6.46 30.62 12.90
C LEU A 687 -6.87 31.50 11.71
N HIS A 688 -6.23 31.32 10.57
CA HIS A 688 -6.57 32.14 9.38
C HIS A 688 -7.95 31.85 8.79
N ASN A 689 -8.34 30.59 8.68
CA ASN A 689 -9.61 30.29 7.97
C ASN A 689 -10.79 30.04 8.89
N ALA A 690 -10.65 30.28 10.20
CA ALA A 690 -11.75 29.92 11.14
C ALA A 690 -12.97 30.86 11.05
N THR A 691 -14.14 30.32 11.36
CA THR A 691 -15.39 31.12 11.33
C THR A 691 -16.17 30.75 12.59
N GLU A 692 -17.21 31.51 12.92
CA GLU A 692 -18.03 31.17 14.10
C GLU A 692 -18.70 29.80 13.96
N TYR A 693 -19.17 29.45 12.77
CA TYR A 693 -19.87 28.17 12.57
C TYR A 693 -18.94 26.95 12.67
N SER A 694 -17.63 27.12 12.50
CA SER A 694 -16.69 25.96 12.46
C SER A 694 -16.42 25.22 13.78
N LEU A 695 -15.99 23.97 13.67
CA LEU A 695 -15.64 23.18 14.89
C LEU A 695 -14.13 22.96 14.94
N VAL A 696 -13.50 23.33 16.05
CA VAL A 696 -12.03 23.18 16.15
C VAL A 696 -11.64 22.17 17.22
N LEU A 697 -10.89 21.13 16.86
CA LEU A 697 -10.40 20.17 17.88
C LEU A 697 -8.88 20.25 17.93
N MET A 698 -8.33 20.55 19.09
CA MET A 698 -6.86 20.75 19.15
C MET A 698 -6.24 19.84 20.20
N ASP A 699 -5.16 19.16 19.84
CA ASP A 699 -4.60 18.19 20.80
C ASP A 699 -3.18 18.58 21.23
N GLU A 700 -3.01 18.89 22.51
CA GLU A 700 -1.65 19.13 23.04
C GLU A 700 -0.85 20.12 22.21
N ILE A 701 -1.40 21.29 21.91
CA ILE A 701 -0.57 22.29 21.19
C ILE A 701 0.56 22.75 22.12
N GLY A 702 1.74 23.00 21.57
CA GLY A 702 2.90 23.39 22.40
C GLY A 702 3.81 22.21 22.71
N ARG A 703 3.49 21.01 22.23
CA ARG A 703 4.42 19.87 22.42
C ARG A 703 5.59 20.00 21.43
N GLY A 704 6.72 19.38 21.75
CA GLY A 704 7.85 19.40 20.82
C GLY A 704 8.71 20.64 20.93
N THR A 705 8.47 21.45 21.95
CA THR A 705 9.28 22.67 22.13
C THR A 705 9.46 22.93 23.62
N SER A 706 10.30 23.91 23.95
CA SER A 706 10.58 24.17 25.38
C SER A 706 9.25 24.50 26.06
N THR A 707 9.12 24.15 27.33
CA THR A 707 7.80 24.33 27.99
C THR A 707 7.35 25.79 28.01
N TYR A 708 8.23 26.74 28.33
CA TYR A 708 7.71 28.12 28.45
C TYR A 708 7.16 28.56 27.09
N ASP A 709 7.88 28.24 26.02
CA ASP A 709 7.44 28.68 24.68
C ASP A 709 6.12 28.01 24.32
N GLY A 710 5.98 26.73 24.62
CA GLY A 710 4.76 26.02 24.22
C GLY A 710 3.54 26.59 24.92
N LEU A 711 3.67 26.90 26.21
CA LEU A 711 2.51 27.43 26.95
C LEU A 711 2.12 28.78 26.38
N SER A 712 3.08 29.65 26.10
CA SER A 712 2.73 31.01 25.64
C SER A 712 1.98 30.90 24.31
N LEU A 713 2.46 30.04 23.44
CA LEU A 713 1.81 29.92 22.11
C LEU A 713 0.39 29.42 22.30
N ALA A 714 0.19 28.46 23.19
CA ALA A 714 -1.17 27.93 23.45
C ALA A 714 -2.11 28.98 24.05
N TRP A 715 -1.61 29.78 24.98
CA TRP A 715 -2.48 30.78 25.65
C TRP A 715 -3.01 31.72 24.58
N ALA A 716 -2.10 32.17 23.72
CA ALA A 716 -2.50 33.12 22.66
C ALA A 716 -3.47 32.46 21.67
N CYS A 717 -3.20 31.23 21.30
CA CYS A 717 -4.07 30.57 20.30
C CYS A 717 -5.47 30.38 20.89
N ALA A 718 -5.57 29.98 22.15
CA ALA A 718 -6.90 29.83 22.78
C ALA A 718 -7.61 31.18 22.94
N GLU A 719 -6.88 32.19 23.39
CA GLU A 719 -7.55 33.48 23.65
C GLU A 719 -8.08 34.01 22.32
N ASN A 720 -7.28 33.90 21.27
CA ASN A 720 -7.72 34.44 19.97
C ASN A 720 -8.93 33.65 19.49
N LEU A 721 -8.92 32.34 19.63
CA LEU A 721 -10.04 31.58 19.04
C LEU A 721 -11.36 31.93 19.75
N ALA A 722 -11.37 32.01 21.08
CA ALA A 722 -12.65 32.34 21.74
C ALA A 722 -13.07 33.79 21.48
N ASN A 723 -12.15 34.74 21.65
CA ASN A 723 -12.53 36.18 21.54
C ASN A 723 -12.89 36.64 20.13
N LYS A 724 -12.11 36.26 19.12
CA LYS A 724 -12.36 36.82 17.78
C LYS A 724 -13.05 35.82 16.87
N ILE A 725 -12.50 34.62 16.75
CA ILE A 725 -13.11 33.62 15.84
C ILE A 725 -14.48 33.17 16.37
N LYS A 726 -14.60 33.02 17.69
CA LYS A 726 -15.88 32.57 18.31
C LYS A 726 -16.38 31.25 17.73
N ALA A 727 -15.51 30.24 17.65
CA ALA A 727 -15.94 28.93 17.12
C ALA A 727 -15.97 27.90 18.26
N LEU A 728 -16.73 26.84 18.05
CA LEU A 728 -16.83 25.78 19.09
C LEU A 728 -15.45 25.10 19.20
N THR A 729 -14.87 25.02 20.39
CA THR A 729 -13.49 24.50 20.48
C THR A 729 -13.32 23.43 21.57
N LEU A 730 -12.68 22.30 21.25
CA LEU A 730 -12.34 21.30 22.29
C LEU A 730 -10.82 21.29 22.37
N PHE A 731 -10.27 21.59 23.55
CA PHE A 731 -8.79 21.74 23.63
C PHE A 731 -8.19 20.79 24.66
N ALA A 732 -7.65 19.64 24.24
CA ALA A 732 -6.95 18.73 25.19
C ALA A 732 -5.59 19.35 25.56
N THR A 733 -5.18 19.23 26.81
CA THR A 733 -3.91 19.88 27.24
C THR A 733 -3.33 19.21 28.48
N HIS A 734 -2.04 19.37 28.73
CA HIS A 734 -1.42 18.86 29.98
C HIS A 734 -0.79 20.03 30.70
N TYR A 735 -1.05 21.23 30.20
CA TYR A 735 -0.54 22.42 30.91
C TYR A 735 -1.67 22.83 31.83
N PHE A 736 -1.39 22.94 33.12
CA PHE A 736 -2.50 23.22 34.05
C PHE A 736 -2.68 24.72 34.26
N GLU A 737 -1.80 25.53 33.69
CA GLU A 737 -2.03 26.98 33.77
C GLU A 737 -3.28 27.29 32.94
N LEU A 738 -3.47 26.57 31.85
CA LEU A 738 -4.61 26.86 30.95
C LEU A 738 -5.95 26.74 31.67
N THR A 739 -6.05 25.89 32.69
CA THR A 739 -7.32 25.72 33.43
C THR A 739 -7.76 27.00 34.15
N GLN A 740 -6.82 27.88 34.51
CA GLN A 740 -7.23 29.16 35.15
C GLN A 740 -7.96 30.09 34.17
N LEU A 741 -7.84 29.87 32.86
CA LEU A 741 -8.42 30.80 31.86
C LEU A 741 -9.95 30.94 31.89
N PRO A 742 -10.78 29.89 32.09
CA PRO A 742 -12.21 30.12 32.10
C PRO A 742 -12.66 31.19 33.11
N GLU A 743 -12.01 31.26 34.27
CA GLU A 743 -12.37 32.31 35.24
C GLU A 743 -12.18 33.68 34.59
N LYS A 744 -11.08 33.86 33.87
CA LYS A 744 -10.81 35.17 33.20
C LYS A 744 -11.75 35.50 32.03
N MET A 745 -12.17 34.53 31.22
CA MET A 745 -12.93 34.89 29.99
C MET A 745 -14.28 34.20 29.82
N GLU A 746 -15.20 34.85 29.10
CA GLU A 746 -16.57 34.29 28.90
C GLU A 746 -16.58 33.14 27.88
N GLY A 747 -17.48 32.17 28.08
CA GLY A 747 -17.63 31.08 27.09
C GLY A 747 -16.67 29.93 27.28
N VAL A 748 -15.88 29.94 28.36
CA VAL A 748 -14.85 28.87 28.54
C VAL A 748 -15.19 28.00 29.75
N ALA A 749 -15.13 26.68 29.59
CA ALA A 749 -15.48 25.77 30.70
C ALA A 749 -14.46 24.62 30.81
N ASN A 750 -14.30 24.06 32.01
CA ASN A 750 -13.32 22.97 32.22
C ASN A 750 -14.02 21.63 32.47
N VAL A 751 -13.66 20.62 31.70
CA VAL A 751 -14.26 19.27 31.95
C VAL A 751 -13.13 18.26 32.12
N HIS A 752 -13.21 17.37 33.11
CA HIS A 752 -12.07 16.46 33.36
C HIS A 752 -12.42 14.97 33.31
N LEU A 753 -11.66 14.19 32.54
CA LEU A 753 -11.86 12.71 32.61
C LEU A 753 -11.15 12.25 33.88
N ASP A 754 -11.64 11.21 34.55
CA ASP A 754 -11.03 10.84 35.86
C ASP A 754 -10.64 9.35 35.94
N ALA A 755 -9.69 9.03 36.81
CA ALA A 755 -9.23 7.63 36.99
C ALA A 755 -8.65 7.50 38.41
N LEU A 756 -9.03 6.46 39.16
CA LEU A 756 -8.57 6.36 40.57
C LEU A 756 -7.30 5.49 40.66
N ILE A 762 -3.14 2.22 38.94
CA ILE A 762 -4.21 3.18 38.54
C ILE A 762 -5.28 2.44 37.75
N ALA A 763 -6.54 2.64 38.14
CA ALA A 763 -7.65 2.02 37.41
C ALA A 763 -8.39 3.15 36.70
N PHE A 764 -8.73 2.96 35.43
CA PHE A 764 -9.31 4.11 34.71
C PHE A 764 -10.84 4.07 34.68
N MET A 765 -11.47 5.07 35.30
CA MET A 765 -12.94 5.16 35.30
C MET A 765 -13.48 5.48 33.90
N HIS A 766 -12.77 6.32 33.13
CA HIS A 766 -13.24 6.73 31.78
C HIS A 766 -14.58 7.47 31.79
N SER A 767 -14.81 8.36 32.76
CA SER A 767 -16.06 9.15 32.77
C SER A 767 -15.75 10.65 32.71
N VAL A 768 -16.45 11.38 31.85
CA VAL A 768 -16.23 12.85 31.77
C VAL A 768 -17.07 13.58 32.82
N GLN A 769 -16.41 14.41 33.61
CA GLN A 769 -17.16 15.09 34.69
C GLN A 769 -16.65 16.52 34.77
N ASP A 770 -17.48 17.43 35.25
CA ASP A 770 -17.08 18.86 35.28
C ASP A 770 -15.99 19.09 36.33
N GLY A 771 -15.15 20.09 36.10
CA GLY A 771 -14.06 20.37 37.03
C GLY A 771 -12.70 20.23 36.38
N ALA A 772 -11.63 20.45 37.14
CA ALA A 772 -10.28 20.43 36.54
C ALA A 772 -9.42 19.33 37.20
N ALA A 773 -8.68 18.57 36.39
CA ALA A 773 -7.90 17.44 36.96
C ALA A 773 -6.44 17.86 37.19
N SER A 774 -6.01 17.86 38.45
CA SER A 774 -4.63 18.30 38.82
C SER A 774 -3.46 17.37 38.38
N LYS A 775 -3.61 16.05 38.44
CA LYS A 775 -2.42 15.19 38.19
C LYS A 775 -2.54 14.25 36.99
N SER A 776 -1.47 14.14 36.21
CA SER A 776 -1.48 13.27 35.01
C SER A 776 -0.98 11.85 35.31
N TYR A 777 -0.39 11.63 36.49
CA TYR A 777 0.04 10.25 36.89
C TYR A 777 0.96 9.57 35.88
N GLY A 778 1.97 10.26 35.38
CA GLY A 778 2.89 9.67 34.38
C GLY A 778 3.72 8.49 34.86
N LEU A 779 4.32 8.59 36.05
CA LEU A 779 5.23 7.51 36.50
C LEU A 779 4.47 6.20 36.67
N ALA A 780 3.27 6.25 37.22
CA ALA A 780 2.47 5.03 37.40
C ALA A 780 2.12 4.40 36.06
N VAL A 781 1.80 5.20 35.07
CA VAL A 781 1.51 4.66 33.72
C VAL A 781 2.75 3.97 33.15
N ALA A 782 3.93 4.53 33.40
CA ALA A 782 5.17 3.90 32.90
C ALA A 782 5.35 2.50 33.49
N ALA A 783 5.06 2.35 34.78
CA ALA A 783 5.23 1.04 35.43
C ALA A 783 4.30 0.03 34.76
N LEU A 784 3.10 0.46 34.41
CA LEU A 784 2.15 -0.45 33.72
C LEU A 784 2.79 -0.89 32.39
N ALA A 785 3.51 0.01 31.73
CA ALA A 785 4.13 -0.32 30.42
C ALA A 785 5.15 -1.45 30.57
N GLY A 786 5.90 -1.48 31.68
CA GLY A 786 6.96 -2.49 31.79
C GLY A 786 8.33 -1.89 32.08
N VAL A 787 8.38 -0.59 32.36
CA VAL A 787 9.68 0.01 32.73
C VAL A 787 10.20 -0.72 33.97
N PRO A 788 11.51 -1.06 34.03
CA PRO A 788 12.07 -1.76 35.16
C PRO A 788 11.81 -1.03 36.48
N LYS A 789 11.53 -1.79 37.52
CA LYS A 789 11.15 -1.18 38.81
C LYS A 789 12.25 -0.28 39.38
N GLU A 790 13.51 -0.66 39.22
CA GLU A 790 14.57 0.18 39.82
C GLU A 790 14.54 1.57 39.16
N VAL A 791 14.34 1.60 37.84
CA VAL A 791 14.29 2.91 37.14
C VAL A 791 13.13 3.73 37.69
N ILE A 792 11.97 3.10 37.88
CA ILE A 792 10.79 3.86 38.36
C ILE A 792 11.11 4.43 39.74
N LYS A 793 11.76 3.64 40.57
CA LYS A 793 12.03 4.11 41.95
C LYS A 793 12.93 5.34 41.89
N ARG A 794 13.93 5.33 41.02
CA ARG A 794 14.81 6.52 40.89
C ARG A 794 13.99 7.71 40.40
N ALA A 795 13.09 7.47 39.45
CA ALA A 795 12.29 8.59 38.90
C ALA A 795 11.45 9.20 40.02
N ARG A 796 10.89 8.35 40.88
CA ARG A 796 10.01 8.88 41.94
C ARG A 796 10.84 9.79 42.84
N GLN A 797 12.07 9.38 43.09
CA GLN A 797 12.93 10.20 43.96
C GLN A 797 13.17 11.56 43.29
N LYS A 798 13.39 11.56 41.99
CA LYS A 798 13.67 12.83 41.29
C LYS A 798 12.44 13.77 41.33
N LEU A 799 11.25 13.24 41.10
CA LEU A 799 10.05 14.13 41.04
C LEU A 799 9.92 14.76 42.41
N ARG A 800 10.14 13.96 43.44
CA ARG A 800 10.01 14.50 44.81
C ARG A 800 11.04 15.61 45.01
N GLU A 801 12.25 15.42 44.51
CA GLU A 801 13.27 16.48 44.64
C GLU A 801 12.86 17.75 43.90
N LEU A 802 12.33 17.63 42.68
CA LEU A 802 12.00 18.86 41.90
C LEU A 802 10.90 19.65 42.61
N GLU A 803 9.85 18.96 43.06
CA GLU A 803 8.73 19.68 43.68
C GLU A 803 9.19 20.31 45.00
N SER A 804 10.02 19.61 45.74
CA SER A 804 10.45 20.13 47.06
C SER A 804 11.24 21.42 46.87
N ILE A 805 12.11 21.45 45.87
CA ILE A 805 12.93 22.67 45.63
C ILE A 805 11.97 23.81 45.26
N SER A 806 10.96 23.51 44.44
CA SER A 806 9.96 24.55 44.09
C SER A 806 8.86 24.60 45.16
N MET B 20 -24.09 -36.36 -7.17
CA MET B 20 -22.66 -35.97 -7.18
C MET B 20 -21.96 -36.57 -5.96
N GLN B 21 -22.10 -37.88 -5.78
CA GLN B 21 -21.44 -38.55 -4.65
C GLN B 21 -19.93 -38.40 -4.80
N GLN B 22 -19.45 -38.46 -6.04
CA GLN B 22 -17.99 -38.40 -6.24
C GLN B 22 -17.44 -37.07 -5.72
N TYR B 23 -18.17 -35.98 -5.96
CA TYR B 23 -17.71 -34.68 -5.43
C TYR B 23 -17.67 -34.77 -3.91
N LEU B 24 -18.71 -35.37 -3.33
CA LEU B 24 -18.78 -35.41 -1.85
C LEU B 24 -17.62 -36.22 -1.26
N ARG B 25 -17.29 -37.34 -1.88
CA ARG B 25 -16.21 -38.18 -1.33
C ARG B 25 -14.90 -37.39 -1.37
N LEU B 26 -14.64 -36.72 -2.49
CA LEU B 26 -13.42 -35.91 -2.59
C LEU B 26 -13.49 -34.77 -1.58
N LYS B 27 -14.67 -34.20 -1.42
CA LYS B 27 -14.84 -33.10 -0.45
C LYS B 27 -14.51 -33.64 0.93
N ALA B 28 -14.89 -34.89 1.19
CA ALA B 28 -14.66 -35.46 2.54
C ALA B 28 -13.16 -35.46 2.81
N GLN B 29 -12.37 -35.76 1.79
CA GLN B 29 -10.90 -35.77 1.98
C GLN B 29 -10.44 -34.37 2.37
N HIS B 30 -11.06 -33.33 1.82
CA HIS B 30 -10.61 -31.95 2.12
C HIS B 30 -11.80 -31.14 2.63
N PRO B 31 -12.22 -31.31 3.88
CA PRO B 31 -13.42 -30.63 4.38
C PRO B 31 -13.36 -29.10 4.48
N GLU B 32 -12.25 -28.52 4.93
CA GLU B 32 -12.22 -27.06 5.17
C GLU B 32 -11.64 -26.29 3.98
N ILE B 33 -11.34 -26.95 2.87
CA ILE B 33 -10.68 -26.25 1.74
C ILE B 33 -11.61 -26.21 0.53
N LEU B 34 -11.74 -25.05 -0.10
CA LEU B 34 -12.64 -24.93 -1.27
C LEU B 34 -12.11 -25.84 -2.36
N LEU B 35 -13.03 -26.49 -3.08
CA LEU B 35 -12.58 -27.41 -4.13
C LEU B 35 -13.10 -26.93 -5.49
N PHE B 36 -12.20 -26.78 -6.45
CA PHE B 36 -12.67 -26.43 -7.80
C PHE B 36 -12.76 -27.75 -8.54
N TYR B 37 -13.93 -28.07 -9.05
CA TYR B 37 -14.10 -29.38 -9.70
C TYR B 37 -14.13 -29.13 -11.20
N ARG B 38 -13.29 -29.82 -11.95
CA ARG B 38 -13.23 -29.50 -13.39
C ARG B 38 -14.32 -30.26 -14.14
N MET B 39 -15.32 -29.52 -14.62
CA MET B 39 -16.35 -30.19 -15.44
C MET B 39 -16.34 -29.47 -16.78
N GLY B 40 -16.21 -30.22 -17.86
CA GLY B 40 -16.16 -29.55 -19.17
C GLY B 40 -15.03 -28.54 -19.20
N ASP B 41 -15.35 -27.29 -19.55
CA ASP B 41 -14.32 -26.25 -19.65
C ASP B 41 -14.36 -25.33 -18.44
N PHE B 42 -15.07 -25.71 -17.39
CA PHE B 42 -15.21 -24.77 -16.26
C PHE B 42 -14.85 -25.43 -14.93
N TYR B 43 -14.46 -24.61 -13.97
CA TYR B 43 -14.23 -25.17 -12.62
C TYR B 43 -15.41 -24.73 -11.77
N GLU B 44 -16.15 -25.67 -11.20
CA GLU B 44 -17.39 -25.27 -10.50
C GLU B 44 -17.42 -25.62 -9.01
N LEU B 45 -17.62 -24.62 -8.16
CA LEU B 45 -17.78 -24.91 -6.72
C LEU B 45 -19.26 -25.27 -6.48
N PHE B 46 -19.57 -25.95 -5.38
CA PHE B 46 -20.96 -26.38 -5.13
C PHE B 46 -21.37 -26.21 -3.66
N TYR B 47 -22.67 -26.18 -3.39
CA TYR B 47 -23.19 -26.13 -1.99
C TYR B 47 -22.66 -24.93 -1.20
N ASP B 48 -22.18 -25.20 0.01
CA ASP B 48 -21.70 -24.11 0.88
C ASP B 48 -20.52 -23.40 0.22
N ASP B 49 -19.68 -24.17 -0.46
CA ASP B 49 -18.50 -23.57 -1.11
C ASP B 49 -18.97 -22.54 -2.13
N ALA B 50 -20.04 -22.85 -2.86
CA ALA B 50 -20.51 -21.90 -3.89
C ALA B 50 -20.91 -20.59 -3.23
N LYS B 51 -21.60 -20.68 -2.10
CA LYS B 51 -22.04 -19.44 -1.43
C LYS B 51 -20.82 -18.62 -1.01
N ARG B 52 -19.83 -19.29 -0.43
CA ARG B 52 -18.64 -18.55 0.05
C ARG B 52 -17.91 -17.97 -1.16
N ALA B 53 -17.81 -18.73 -2.24
CA ALA B 53 -17.10 -18.26 -3.43
C ALA B 53 -17.83 -17.05 -4.03
N SER B 54 -19.16 -17.11 -4.07
CA SER B 54 -19.90 -15.99 -4.72
C SER B 54 -19.62 -14.71 -3.95
N GLN B 55 -19.61 -14.76 -2.63
CA GLN B 55 -19.28 -13.54 -1.85
C GLN B 55 -17.84 -13.11 -2.10
N LEU B 56 -16.89 -14.04 -2.07
CA LEU B 56 -15.46 -13.66 -2.23
C LEU B 56 -15.09 -13.22 -3.65
N LEU B 57 -15.58 -13.93 -4.66
CA LEU B 57 -15.14 -13.63 -6.05
C LEU B 57 -16.18 -12.83 -6.83
N ASP B 58 -17.31 -12.49 -6.22
CA ASP B 58 -18.37 -11.71 -6.90
C ASP B 58 -18.91 -12.48 -8.12
N ILE B 59 -18.89 -13.80 -8.06
CA ILE B 59 -19.46 -14.60 -9.18
C ILE B 59 -20.98 -14.72 -9.00
N SER B 60 -21.67 -15.11 -10.06
CA SER B 60 -23.15 -15.25 -9.99
C SER B 60 -23.52 -16.58 -9.34
N LEU B 61 -24.32 -16.52 -8.29
CA LEU B 61 -24.71 -17.77 -7.57
C LEU B 61 -25.96 -18.36 -8.21
N THR B 62 -25.79 -19.14 -9.27
CA THR B 62 -26.96 -19.71 -9.97
C THR B 62 -27.75 -20.70 -9.10
N PRO B 73 -26.74 -25.22 -5.42
CA PRO B 73 -26.11 -23.94 -5.74
C PRO B 73 -24.79 -24.12 -6.51
N MET B 74 -24.66 -23.48 -7.67
CA MET B 74 -23.44 -23.66 -8.51
C MET B 74 -22.81 -22.31 -8.85
N ALA B 75 -21.52 -22.16 -8.60
CA ALA B 75 -20.79 -20.92 -8.99
C ALA B 75 -19.67 -21.33 -9.94
N GLY B 76 -19.49 -20.63 -11.06
CA GLY B 76 -18.51 -21.08 -12.06
C GLY B 76 -17.35 -20.14 -12.40
N ILE B 77 -16.16 -20.71 -12.56
CA ILE B 77 -14.99 -19.89 -12.98
C ILE B 77 -14.50 -20.43 -14.31
N PRO B 78 -14.31 -19.57 -15.32
CA PRO B 78 -13.80 -20.02 -16.63
C PRO B 78 -12.37 -20.56 -16.58
N TYR B 79 -12.08 -21.57 -17.39
CA TYR B 79 -10.75 -22.22 -17.32
C TYR B 79 -9.60 -21.28 -17.67
N HIS B 80 -9.76 -20.44 -18.68
CA HIS B 80 -8.63 -19.59 -19.13
C HIS B 80 -8.21 -18.58 -18.05
N ALA B 81 -9.14 -18.04 -17.28
CA ALA B 81 -8.77 -16.96 -16.33
C ALA B 81 -8.59 -17.49 -14.92
N VAL B 82 -8.34 -18.78 -14.76
CA VAL B 82 -8.29 -19.34 -13.38
C VAL B 82 -7.23 -18.59 -12.57
N GLU B 83 -6.13 -18.23 -13.20
CA GLU B 83 -5.05 -17.58 -12.43
C GLU B 83 -5.54 -16.27 -11.82
N ASN B 84 -6.34 -15.51 -12.56
CA ASN B 84 -6.78 -14.20 -12.03
C ASN B 84 -7.62 -14.41 -10.77
N TYR B 85 -8.54 -15.38 -10.83
CA TYR B 85 -9.39 -15.65 -9.65
C TYR B 85 -8.53 -16.16 -8.49
N LEU B 86 -7.56 -17.01 -8.80
CA LEU B 86 -6.74 -17.59 -7.72
C LEU B 86 -6.01 -16.46 -7.02
N ALA B 87 -5.57 -15.46 -7.78
CA ALA B 87 -4.80 -14.37 -7.15
C ALA B 87 -5.66 -13.68 -6.11
N LYS B 88 -6.94 -13.48 -6.42
CA LYS B 88 -7.84 -12.82 -5.44
C LYS B 88 -7.98 -13.69 -4.20
N LEU B 89 -8.17 -15.00 -4.38
CA LEU B 89 -8.34 -15.90 -3.22
C LEU B 89 -7.05 -15.93 -2.39
N VAL B 90 -5.91 -15.95 -3.05
CA VAL B 90 -4.61 -16.01 -2.32
C VAL B 90 -4.44 -14.74 -1.47
N ASN B 91 -4.81 -13.59 -2.04
CA ASN B 91 -4.69 -12.34 -1.26
C ASN B 91 -5.61 -12.46 -0.05
N GLN B 92 -6.80 -13.03 -0.26
CA GLN B 92 -7.74 -13.23 0.87
C GLN B 92 -7.16 -14.23 1.88
N GLY B 93 -6.38 -15.20 1.41
CA GLY B 93 -5.82 -16.22 2.33
C GLY B 93 -6.53 -17.56 2.22
N GLU B 94 -7.38 -17.74 1.23
CA GLU B 94 -8.16 -19.00 1.17
C GLU B 94 -7.45 -20.07 0.35
N SER B 95 -7.24 -21.23 0.95
CA SER B 95 -6.62 -22.36 0.20
C SER B 95 -7.61 -22.89 -0.82
N VAL B 96 -7.10 -23.31 -1.95
CA VAL B 96 -7.99 -23.90 -2.98
C VAL B 96 -7.41 -25.24 -3.39
N ALA B 97 -8.28 -26.19 -3.69
CA ALA B 97 -7.79 -27.49 -4.16
C ALA B 97 -8.27 -27.66 -5.60
N ILE B 98 -7.38 -28.03 -6.50
CA ILE B 98 -7.79 -28.11 -7.92
C ILE B 98 -7.88 -29.58 -8.29
N CYS B 99 -8.99 -30.00 -8.87
CA CYS B 99 -9.12 -31.45 -9.13
C CYS B 99 -9.28 -31.75 -10.61
N GLU B 100 -8.40 -32.60 -11.15
CA GLU B 100 -8.55 -32.99 -12.57
C GLU B 100 -8.98 -34.47 -12.65
N ARG B 114 -10.56 -39.53 -10.78
CA ARG B 114 -10.39 -38.10 -10.40
C ARG B 114 -9.45 -37.98 -9.21
N LYS B 115 -8.51 -37.03 -9.29
CA LYS B 115 -7.55 -36.87 -8.19
C LYS B 115 -7.30 -35.38 -7.96
N VAL B 116 -6.87 -35.03 -6.76
CA VAL B 116 -6.53 -33.61 -6.54
C VAL B 116 -5.06 -33.44 -6.91
N VAL B 117 -4.82 -32.77 -8.03
CA VAL B 117 -3.41 -32.59 -8.50
C VAL B 117 -2.61 -31.72 -7.53
N ARG B 118 -3.19 -30.65 -7.00
CA ARG B 118 -2.36 -29.76 -6.15
C ARG B 118 -3.21 -28.92 -5.22
N ILE B 119 -2.58 -28.35 -4.19
CA ILE B 119 -3.33 -27.42 -3.32
C ILE B 119 -2.61 -26.08 -3.38
N VAL B 120 -3.34 -25.01 -3.65
CA VAL B 120 -2.69 -23.69 -3.81
C VAL B 120 -2.93 -22.92 -2.53
N THR B 121 -1.88 -22.47 -1.87
CA THR B 121 -2.10 -21.78 -0.59
C THR B 121 -1.24 -20.54 -0.55
N PRO B 122 -1.60 -19.52 0.24
CA PRO B 122 -0.69 -18.41 0.39
C PRO B 122 0.58 -18.97 1.03
N GLY B 123 1.75 -18.55 0.53
CA GLY B 123 3.03 -19.03 1.11
C GLY B 123 3.55 -20.29 0.46
N THR B 124 2.78 -20.92 -0.42
CA THR B 124 3.32 -22.09 -1.15
C THR B 124 2.92 -21.98 -2.62
N ILE B 125 3.38 -20.95 -3.29
CA ILE B 125 3.02 -20.78 -4.73
C ILE B 125 4.29 -20.60 -5.55
N SER B 126 4.39 -21.33 -6.66
CA SER B 126 5.58 -21.18 -7.54
C SER B 126 5.22 -20.44 -8.83
N ASP B 127 3.93 -20.29 -9.12
CA ASP B 127 3.56 -19.69 -10.43
C ASP B 127 3.89 -18.20 -10.52
N GLU B 128 4.22 -17.73 -11.72
CA GLU B 128 4.63 -16.32 -11.89
C GLU B 128 3.51 -15.32 -11.59
N ALA B 129 2.29 -15.59 -12.07
CA ALA B 129 1.22 -14.58 -11.91
C ALA B 129 0.89 -14.29 -10.44
N LEU B 130 0.76 -15.33 -9.63
CA LEU B 130 0.46 -15.14 -8.19
C LEU B 130 1.65 -14.47 -7.51
N LEU B 131 2.88 -14.82 -7.90
CA LEU B 131 4.09 -14.30 -7.22
C LEU B 131 4.45 -12.83 -7.52
N GLN B 132 5.23 -12.21 -6.63
CA GLN B 132 5.60 -10.77 -6.79
C GLN B 132 7.05 -10.65 -7.25
N GLU B 133 7.31 -9.76 -8.21
CA GLU B 133 8.69 -9.65 -8.76
C GLU B 133 9.73 -9.22 -7.73
N ARG B 134 9.42 -8.24 -6.88
CA ARG B 134 10.50 -7.77 -5.97
C ARG B 134 10.23 -8.19 -4.52
N GLN B 135 9.26 -9.07 -4.31
CA GLN B 135 9.01 -9.56 -2.93
C GLN B 135 8.89 -11.09 -2.90
N ASP B 136 9.09 -11.70 -1.73
CA ASP B 136 9.12 -13.19 -1.66
C ASP B 136 8.06 -13.78 -0.73
N ASN B 137 7.69 -15.04 -0.98
CA ASN B 137 6.65 -15.70 -0.15
C ASN B 137 7.26 -16.73 0.79
N LEU B 138 6.98 -16.63 2.08
CA LEU B 138 7.56 -17.58 3.05
C LEU B 138 6.45 -18.39 3.74
N LEU B 139 6.61 -19.70 3.82
CA LEU B 139 5.64 -20.53 4.57
C LEU B 139 6.31 -20.83 5.90
N ALA B 140 5.60 -20.67 7.01
CA ALA B 140 6.27 -20.85 8.30
C ALA B 140 5.52 -21.79 9.24
N ALA B 141 6.22 -22.38 10.19
CA ALA B 141 5.54 -23.22 11.19
C ALA B 141 6.02 -22.78 12.56
N ILE B 142 5.12 -22.72 13.53
CA ILE B 142 5.53 -22.33 14.89
C ILE B 142 5.12 -23.43 15.86
N TRP B 143 5.96 -23.65 16.86
CA TRP B 143 5.62 -24.69 17.85
C TRP B 143 6.01 -24.19 19.23
N GLN B 144 5.28 -24.61 20.24
CA GLN B 144 5.67 -24.21 21.60
C GLN B 144 5.95 -25.47 22.40
N ASP B 145 7.05 -25.46 23.14
CA ASP B 145 7.39 -26.59 24.04
C ASP B 145 7.54 -25.98 25.43
N SER B 146 7.72 -26.79 26.47
CA SER B 146 7.96 -26.24 27.82
C SER B 146 9.25 -25.41 27.78
N LYS B 147 10.27 -25.91 27.07
CA LYS B 147 11.58 -25.22 27.00
C LYS B 147 11.46 -23.85 26.29
N GLY B 148 10.70 -23.76 25.19
CA GLY B 148 10.62 -22.49 24.45
C GLY B 148 9.93 -22.62 23.10
N PHE B 149 10.11 -21.64 22.21
CA PHE B 149 9.43 -21.65 20.89
C PHE B 149 10.29 -22.29 19.81
N GLY B 150 9.66 -22.87 18.79
CA GLY B 150 10.44 -23.42 17.65
C GLY B 150 9.96 -22.83 16.34
N TYR B 151 10.85 -22.31 15.51
CA TYR B 151 10.40 -21.60 14.28
C TYR B 151 11.12 -22.07 13.02
N ALA B 152 10.37 -22.33 11.95
CA ALA B 152 11.03 -22.71 10.67
C ALA B 152 10.41 -21.96 9.48
N THR B 153 11.24 -21.50 8.54
CA THR B 153 10.73 -20.78 7.35
C THR B 153 11.26 -21.40 6.06
N LEU B 154 10.38 -21.65 5.09
CA LEU B 154 10.88 -22.17 3.80
C LEU B 154 10.37 -21.31 2.65
N ASP B 155 11.25 -20.90 1.76
CA ASP B 155 10.79 -20.18 0.55
C ASP B 155 10.78 -21.25 -0.52
N ILE B 156 9.61 -21.53 -1.09
CA ILE B 156 9.56 -22.68 -2.02
C ILE B 156 10.44 -22.48 -3.27
N SER B 157 10.39 -21.32 -3.92
CA SER B 157 11.14 -21.17 -5.20
C SER B 157 12.67 -21.18 -5.03
N SER B 158 13.18 -20.41 -4.07
CA SER B 158 14.64 -20.42 -3.82
C SER B 158 15.04 -21.79 -3.28
N GLY B 159 14.19 -22.37 -2.44
CA GLY B 159 14.53 -23.64 -1.79
C GLY B 159 15.22 -23.40 -0.45
N ARG B 160 15.36 -22.14 -0.06
CA ARG B 160 16.10 -21.81 1.19
C ARG B 160 15.29 -22.29 2.41
N PHE B 161 15.87 -23.19 3.22
CA PHE B 161 15.21 -23.64 4.46
C PHE B 161 16.02 -23.16 5.66
N ARG B 162 15.37 -22.47 6.60
CA ARG B 162 16.09 -21.94 7.80
C ARG B 162 15.31 -22.34 9.06
N LEU B 163 16.00 -22.62 10.16
CA LEU B 163 15.27 -22.89 11.44
C LEU B 163 15.92 -22.10 12.56
N SER B 164 15.17 -21.82 13.61
CA SER B 164 15.71 -21.07 14.77
C SER B 164 14.92 -21.42 16.02
N GLU B 165 15.47 -21.12 17.19
CA GLU B 165 14.72 -21.38 18.44
C GLU B 165 14.68 -20.13 19.30
N PRO B 166 13.82 -19.14 19.00
CA PRO B 166 13.71 -17.98 19.88
C PRO B 166 13.17 -18.42 21.25
N ALA B 167 13.76 -17.90 22.32
CA ALA B 167 13.33 -18.32 23.66
C ALA B 167 12.33 -17.33 24.26
N ASP B 168 12.63 -16.03 24.16
CA ASP B 168 11.74 -15.02 24.79
C ASP B 168 10.51 -14.77 23.93
N ARG B 169 9.43 -14.31 24.55
CA ARG B 169 8.24 -13.96 23.76
C ARG B 169 8.58 -12.81 22.81
N GLU B 170 9.33 -11.83 23.31
CA GLU B 170 9.63 -10.63 22.47
C GLU B 170 10.41 -11.03 21.22
N THR B 171 11.38 -11.94 21.37
CA THR B 171 12.22 -12.29 20.21
C THR B 171 11.35 -12.94 19.14
N MET B 172 10.41 -13.77 19.56
CA MET B 172 9.56 -14.46 18.57
C MET B 172 8.78 -13.40 17.78
N ALA B 173 8.31 -12.37 18.47
CA ALA B 173 7.52 -11.33 17.78
C ALA B 173 8.36 -10.63 16.71
N ALA B 174 9.60 -10.30 17.06
CA ALA B 174 10.46 -9.59 16.09
C ALA B 174 10.70 -10.50 14.89
N GLU B 175 10.93 -11.78 15.15
CA GLU B 175 11.17 -12.71 14.03
C GLU B 175 9.91 -12.78 13.18
N LEU B 176 8.74 -12.80 13.81
CA LEU B 176 7.51 -12.93 13.01
C LEU B 176 7.40 -11.72 12.09
N GLN B 177 7.67 -10.54 12.61
CA GLN B 177 7.53 -9.33 11.78
C GLN B 177 8.55 -9.29 10.63
N ARG B 178 9.82 -9.57 10.92
CA ARG B 178 10.83 -9.44 9.85
C ARG B 178 10.50 -10.47 8.77
N THR B 179 10.15 -11.68 9.19
CA THR B 179 9.79 -12.72 8.21
C THR B 179 8.51 -12.38 7.46
N ASN B 180 7.51 -11.84 8.17
CA ASN B 180 6.21 -11.54 7.53
C ASN B 180 5.68 -12.79 6.83
N PRO B 181 5.57 -13.94 7.51
CA PRO B 181 5.20 -15.14 6.78
C PRO B 181 3.79 -15.05 6.18
N ALA B 182 3.67 -15.47 4.92
CA ALA B 182 2.34 -15.46 4.27
C ALA B 182 1.41 -16.46 4.97
N GLU B 183 1.92 -17.64 5.32
CA GLU B 183 1.07 -18.66 5.97
C GLU B 183 1.76 -19.11 7.24
N LEU B 184 1.03 -19.17 8.35
CA LEU B 184 1.65 -19.68 9.59
C LEU B 184 0.91 -20.94 10.04
N LEU B 185 1.66 -21.99 10.35
CA LEU B 185 1.02 -23.23 10.82
C LEU B 185 1.30 -23.29 12.32
N TYR B 186 0.26 -23.48 13.13
CA TYR B 186 0.50 -23.42 14.58
C TYR B 186 -0.11 -24.60 15.33
N ALA B 187 0.47 -24.91 16.48
CA ALA B 187 -0.05 -26.03 17.30
C ALA B 187 -1.41 -25.68 17.91
N GLU B 188 -2.26 -26.68 18.08
CA GLU B 188 -3.61 -26.44 18.66
C GLU B 188 -3.46 -25.91 20.08
N ASP B 189 -2.42 -26.34 20.79
CA ASP B 189 -2.29 -25.97 22.22
C ASP B 189 -1.44 -24.71 22.42
N PHE B 190 -1.17 -23.95 21.37
CA PHE B 190 -0.25 -22.81 21.56
C PHE B 190 -0.79 -21.91 22.66
N ALA B 191 0.03 -21.64 23.67
CA ALA B 191 -0.43 -20.84 24.82
C ALA B 191 -0.68 -19.36 24.49
N GLU B 192 0.24 -18.74 23.77
CA GLU B 192 0.07 -17.29 23.53
C GLU B 192 -0.46 -17.11 22.12
N MET B 193 -1.75 -16.85 22.00
CA MET B 193 -2.29 -16.76 20.64
C MET B 193 -2.35 -15.29 20.26
N SER B 194 -1.82 -14.44 21.14
CA SER B 194 -1.78 -13.00 20.81
C SER B 194 -0.94 -12.79 19.56
N LEU B 195 0.23 -13.44 19.51
CA LEU B 195 1.14 -13.24 18.36
C LEU B 195 0.53 -13.80 17.07
N ILE B 196 -0.04 -14.99 17.13
CA ILE B 196 -0.52 -15.63 15.87
C ILE B 196 -1.75 -14.98 15.23
N GLU B 197 -2.66 -14.38 16.01
CA GLU B 197 -3.95 -13.89 15.43
C GLU B 197 -3.83 -12.84 14.31
N GLY B 198 -2.87 -11.92 14.41
CA GLY B 198 -2.70 -10.91 13.36
C GLY B 198 -2.35 -11.51 12.00
N ARG B 199 -1.54 -12.56 11.97
CA ARG B 199 -1.07 -13.10 10.66
C ARG B 199 -2.17 -13.64 9.77
N ARG B 200 -2.01 -13.42 8.46
CA ARG B 200 -3.01 -13.94 7.49
C ARG B 200 -2.83 -15.43 7.24
N GLY B 201 -3.89 -16.09 6.76
CA GLY B 201 -3.78 -17.51 6.38
C GLY B 201 -3.39 -18.47 7.49
N LEU B 202 -3.80 -18.24 8.73
CA LEU B 202 -3.36 -19.14 9.83
C LEU B 202 -3.95 -20.54 9.61
N ARG B 203 -3.15 -21.57 9.89
CA ARG B 203 -3.70 -22.94 9.80
C ARG B 203 -3.46 -23.63 11.14
N ARG B 204 -4.48 -24.26 11.70
CA ARG B 204 -4.33 -24.91 13.03
C ARG B 204 -3.82 -26.34 12.83
N ARG B 205 -2.80 -26.73 13.59
CA ARG B 205 -2.18 -28.05 13.33
C ARG B 205 -2.32 -29.04 14.49
N PRO B 206 -2.63 -30.32 14.17
CA PRO B 206 -2.70 -31.37 15.19
C PRO B 206 -1.35 -31.69 15.85
N LEU B 207 -1.38 -32.13 17.11
CA LEU B 207 -0.13 -32.40 17.88
C LEU B 207 0.73 -33.53 17.29
N TRP B 208 0.13 -34.57 16.73
CA TRP B 208 0.94 -35.73 16.27
C TRP B 208 1.96 -35.34 15.20
N GLU B 209 1.62 -34.40 14.32
CA GLU B 209 2.55 -33.99 13.24
C GLU B 209 3.85 -33.38 13.82
N PHE B 210 3.77 -32.75 14.99
CA PHE B 210 4.96 -32.05 15.53
C PHE B 210 5.91 -33.00 16.27
N GLU B 211 5.65 -34.32 16.27
CA GLU B 211 6.49 -35.26 17.06
C GLU B 211 7.95 -35.29 16.59
N ILE B 212 8.90 -35.26 17.53
CA ILE B 212 10.37 -35.20 17.17
C ILE B 212 10.92 -36.43 16.46
N ASP B 213 10.55 -37.64 16.87
CA ASP B 213 11.19 -38.83 16.27
C ASP B 213 10.90 -38.94 14.77
N THR B 214 9.64 -38.70 14.40
CA THR B 214 9.29 -38.76 12.97
C THR B 214 10.07 -37.67 12.25
N ALA B 215 10.20 -36.51 12.89
CA ALA B 215 10.86 -35.38 12.20
C ALA B 215 12.30 -35.73 11.85
N ARG B 216 13.05 -36.31 12.78
CA ARG B 216 14.47 -36.54 12.45
C ARG B 216 14.53 -37.50 11.28
N GLN B 217 13.68 -38.52 11.30
CA GLN B 217 13.74 -39.52 10.21
C GLN B 217 13.37 -38.86 8.89
N GLN B 218 12.33 -38.03 8.88
CA GLN B 218 11.87 -37.43 7.60
C GLN B 218 12.92 -36.48 7.02
N LEU B 219 13.52 -35.64 7.87
CA LEU B 219 14.52 -34.68 7.36
C LEU B 219 15.70 -35.47 6.79
N ASN B 220 16.09 -36.54 7.47
CA ASN B 220 17.26 -37.32 7.02
C ASN B 220 16.97 -37.89 5.62
N LEU B 221 15.75 -38.36 5.39
CA LEU B 221 15.51 -39.00 4.08
C LEU B 221 15.66 -37.97 2.96
N GLN B 222 15.07 -36.79 3.13
CA GLN B 222 15.13 -35.76 2.05
C GLN B 222 16.55 -35.22 1.84
N PHE B 223 17.22 -34.86 2.93
CA PHE B 223 18.59 -34.30 2.81
C PHE B 223 19.55 -35.37 2.32
N GLY B 224 19.38 -36.61 2.77
CA GLY B 224 20.28 -37.71 2.38
C GLY B 224 21.46 -37.86 3.31
N THR B 225 21.48 -37.13 4.42
CA THR B 225 22.59 -37.30 5.40
C THR B 225 22.08 -38.06 6.62
N ARG B 226 22.81 -39.10 7.01
CA ARG B 226 22.39 -39.89 8.20
C ARG B 226 22.43 -38.96 9.42
N ASP B 227 23.41 -38.08 9.46
CA ASP B 227 23.52 -37.17 10.63
C ASP B 227 23.22 -35.75 10.20
N LEU B 228 22.47 -35.03 11.02
CA LEU B 228 22.19 -33.62 10.73
C LEU B 228 23.27 -32.80 11.40
N VAL B 229 24.27 -33.49 11.96
CA VAL B 229 25.37 -32.78 12.66
C VAL B 229 26.13 -31.89 11.68
N GLY B 230 26.36 -32.38 10.45
CA GLY B 230 27.05 -31.55 9.47
C GLY B 230 26.28 -30.28 9.16
N PHE B 231 24.97 -30.38 8.97
CA PHE B 231 24.15 -29.16 8.77
C PHE B 231 24.20 -28.32 10.04
N GLY B 232 24.27 -28.97 11.20
CA GLY B 232 24.33 -28.25 12.49
C GLY B 232 22.97 -28.19 13.18
N VAL B 233 21.96 -28.83 12.61
CA VAL B 233 20.60 -28.71 13.21
C VAL B 233 20.30 -29.88 14.17
N GLU B 234 21.19 -30.85 14.31
CA GLU B 234 20.89 -32.06 15.13
C GLU B 234 20.70 -31.73 16.62
N ASN B 235 21.50 -30.82 17.16
CA ASN B 235 21.44 -30.54 18.62
C ASN B 235 20.10 -30.00 19.12
N ALA B 236 19.43 -29.13 18.36
CA ALA B 236 18.21 -28.48 18.91
C ALA B 236 16.92 -29.20 18.51
N PRO B 237 16.21 -29.82 19.48
CA PRO B 237 14.99 -30.58 19.19
C PRO B 237 13.77 -29.78 18.75
N ARG B 238 13.50 -28.63 19.37
CA ARG B 238 12.26 -27.88 19.07
C ARG B 238 12.23 -27.40 17.61
N GLY B 239 13.37 -26.92 17.13
CA GLY B 239 13.41 -26.46 15.73
C GLY B 239 13.12 -27.63 14.81
N LEU B 240 13.67 -28.79 15.12
CA LEU B 240 13.48 -29.95 14.22
C LEU B 240 12.00 -30.31 14.17
N CYS B 241 11.31 -30.19 15.30
CA CYS B 241 9.87 -30.55 15.31
C CYS B 241 9.10 -29.64 14.34
N ALA B 242 9.37 -28.33 14.39
CA ALA B 242 8.66 -27.40 13.50
C ALA B 242 9.03 -27.72 12.05
N ALA B 243 10.30 -28.01 11.81
CA ALA B 243 10.75 -28.26 10.42
C ALA B 243 10.06 -29.51 9.87
N GLY B 244 9.90 -30.54 10.69
CA GLY B 244 9.31 -31.77 10.15
C GLY B 244 7.90 -31.51 9.70
N CYS B 245 7.16 -30.71 10.48
CA CYS B 245 5.78 -30.37 10.08
C CYS B 245 5.78 -29.57 8.78
N LEU B 246 6.69 -28.60 8.67
CA LEU B 246 6.67 -27.73 7.47
C LEU B 246 6.95 -28.60 6.26
N LEU B 247 7.93 -29.49 6.36
CA LEU B 247 8.28 -30.29 5.17
C LEU B 247 7.08 -31.17 4.81
N GLN B 248 6.43 -31.73 5.82
CA GLN B 248 5.31 -32.65 5.53
C GLN B 248 4.21 -31.87 4.82
N TYR B 249 3.90 -30.68 5.31
CA TYR B 249 2.81 -29.89 4.71
C TYR B 249 3.18 -29.48 3.28
N ALA B 250 4.43 -29.07 3.08
CA ALA B 250 4.82 -28.59 1.74
C ALA B 250 4.69 -29.74 0.75
N LYS B 251 5.15 -30.92 1.14
CA LYS B 251 5.09 -32.06 0.19
C LYS B 251 3.63 -32.34 -0.11
N ASP B 252 2.78 -32.25 0.90
CA ASP B 252 1.34 -32.56 0.68
C ASP B 252 0.71 -31.56 -0.30
N THR B 253 0.99 -30.28 -0.13
CA THR B 253 0.41 -29.28 -1.05
C THR B 253 0.95 -29.48 -2.47
N GLN B 254 2.26 -29.66 -2.60
CA GLN B 254 2.87 -29.77 -3.96
C GLN B 254 2.47 -31.09 -4.61
N ARG B 255 2.25 -32.15 -3.81
CA ARG B 255 1.84 -33.48 -4.34
C ARG B 255 2.93 -34.07 -5.23
N THR B 256 4.21 -33.75 -4.98
CA THR B 256 5.35 -34.28 -5.77
C THR B 256 6.64 -34.21 -4.95
N THR B 257 7.70 -34.87 -5.41
CA THR B 257 9.02 -34.79 -4.73
C THR B 257 9.58 -33.37 -4.87
N LEU B 258 10.31 -32.89 -3.87
CA LEU B 258 10.91 -31.53 -3.93
C LEU B 258 12.42 -31.64 -4.20
N PRO B 259 12.91 -31.68 -5.46
CA PRO B 259 14.34 -31.87 -5.72
C PRO B 259 15.18 -30.69 -5.22
N HIS B 260 14.67 -29.47 -5.37
CA HIS B 260 15.48 -28.27 -5.06
C HIS B 260 15.95 -28.17 -3.60
N ILE B 261 15.16 -28.59 -2.62
CA ILE B 261 15.64 -28.36 -1.24
C ILE B 261 16.69 -29.41 -0.90
N ARG B 262 17.92 -28.96 -0.65
CA ARG B 262 19.00 -29.93 -0.37
C ARG B 262 19.75 -29.58 0.92
N SER B 263 19.44 -28.43 1.53
CA SER B 263 20.24 -28.03 2.71
C SER B 263 19.34 -27.42 3.79
N ILE B 264 19.78 -27.48 5.03
CA ILE B 264 19.01 -26.79 6.10
C ILE B 264 20.02 -25.99 6.91
N THR B 265 19.59 -24.87 7.48
CA THR B 265 20.58 -24.03 8.18
C THR B 265 19.98 -23.52 9.48
N MET B 266 20.83 -23.12 10.41
CA MET B 266 20.30 -22.53 11.67
C MET B 266 20.78 -21.10 11.84
N GLU B 267 19.87 -20.23 12.27
CA GLU B 267 20.26 -18.82 12.50
C GLU B 267 20.48 -18.59 13.98
N ARG B 268 21.57 -17.90 14.33
CA ARG B 268 21.86 -17.66 15.75
C ARG B 268 22.02 -16.15 15.99
N GLU B 269 21.80 -15.72 17.23
CA GLU B 269 21.88 -14.27 17.56
C GLU B 269 23.28 -13.71 17.35
N GLN B 270 24.30 -14.49 17.65
CA GLN B 270 25.69 -13.99 17.50
C GLN B 270 25.92 -13.64 16.04
N ASP B 271 25.34 -14.40 15.12
CA ASP B 271 25.61 -14.18 13.67
C ASP B 271 25.18 -12.83 13.12
N SER B 272 24.01 -12.30 13.52
CA SER B 272 23.53 -11.05 12.86
C SER B 272 23.12 -9.96 13.85
N ILE B 273 23.17 -8.70 13.41
CA ILE B 273 22.74 -7.57 14.29
C ILE B 273 21.22 -7.66 14.49
N ILE B 274 20.75 -7.37 15.70
CA ILE B 274 19.30 -7.56 15.98
C ILE B 274 18.57 -6.22 16.11
N MET B 275 17.48 -6.09 15.36
CA MET B 275 16.69 -4.84 15.46
C MET B 275 15.23 -5.18 15.74
N ASP B 276 14.63 -4.50 16.71
CA ASP B 276 13.19 -4.71 17.02
C ASP B 276 12.35 -4.11 15.90
N ALA B 277 11.11 -4.56 15.72
CA ALA B 277 10.27 -4.08 14.59
C ALA B 277 10.07 -2.56 14.69
N ALA B 278 9.94 -2.02 15.89
CA ALA B 278 9.81 -0.55 16.01
C ALA B 278 11.05 0.15 15.46
N THR B 279 12.23 -0.37 15.78
CA THR B 279 13.48 0.24 15.26
C THR B 279 13.49 0.15 13.74
N ARG B 280 13.08 -0.99 13.21
CA ARG B 280 13.13 -1.17 11.75
C ARG B 280 12.22 -0.16 11.05
N ARG B 281 11.01 0.05 11.56
CA ARG B 281 10.06 0.98 10.91
C ARG B 281 10.54 2.43 10.98
N ASN B 282 11.08 2.84 12.12
CA ASN B 282 11.52 4.25 12.25
C ASN B 282 12.66 4.55 11.28
N LEU B 283 13.59 3.61 11.10
CA LEU B 283 14.74 3.83 10.19
C LEU B 283 14.29 3.84 8.73
N GLU B 284 13.13 3.27 8.43
CA GLU B 284 12.59 3.30 7.04
C GLU B 284 13.49 2.61 6.02
N ILE B 285 14.04 1.46 6.35
CA ILE B 285 14.94 0.74 5.41
C ILE B 285 14.19 0.30 4.14
N THR B 286 12.98 -0.26 4.25
CA THR B 286 12.30 -0.65 2.99
C THR B 286 10.93 0.02 2.84
N GLN B 287 10.35 0.56 3.92
CA GLN B 287 9.07 1.27 3.78
C GLN B 287 9.08 2.53 4.66
N ASN B 288 8.43 3.60 4.21
CA ASN B 288 8.39 4.83 5.03
C ASN B 288 7.33 4.73 6.13
N LEU B 289 7.31 5.72 7.03
CA LEU B 289 6.36 5.67 8.17
C LEU B 289 4.93 5.66 7.65
N ALA B 290 4.68 6.27 6.49
CA ALA B 290 3.31 6.37 5.96
C ALA B 290 2.98 5.19 5.05
N GLY B 291 3.82 4.16 5.01
CA GLY B 291 3.49 2.97 4.22
C GLY B 291 3.83 3.04 2.74
N GLY B 292 4.77 3.90 2.35
CA GLY B 292 5.09 4.07 0.92
C GLY B 292 6.51 3.67 0.53
N ALA B 293 6.70 3.25 -0.72
CA ALA B 293 8.03 2.84 -1.21
C ALA B 293 9.06 3.97 -1.27
N GLU B 294 8.66 5.19 -1.60
CA GLU B 294 9.63 6.29 -1.83
C GLU B 294 10.29 6.83 -0.55
N ASN B 295 11.37 7.57 -0.72
CA ASN B 295 12.10 8.16 0.43
C ASN B 295 12.63 7.10 1.40
N THR B 296 13.14 6.00 0.86
CA THR B 296 13.67 4.91 1.71
C THR B 296 15.11 4.61 1.31
N LEU B 297 15.88 3.99 2.22
CA LEU B 297 17.28 3.66 1.90
C LEU B 297 17.29 2.70 0.71
N ALA B 298 16.30 1.82 0.63
CA ALA B 298 16.25 0.92 -0.52
C ALA B 298 16.14 1.74 -1.80
N SER B 299 15.34 2.80 -1.82
CA SER B 299 15.16 3.54 -3.09
C SER B 299 16.49 4.16 -3.55
N VAL B 300 17.23 4.73 -2.61
CA VAL B 300 18.54 5.34 -2.98
C VAL B 300 19.50 4.27 -3.49
N LEU B 301 19.56 3.13 -2.81
CA LEU B 301 20.59 2.11 -3.17
C LEU B 301 20.12 1.04 -4.17
N ASP B 302 18.86 1.02 -4.57
CA ASP B 302 18.48 -0.11 -5.44
C ASP B 302 18.35 0.33 -6.90
N CYS B 303 19.34 0.01 -7.71
CA CYS B 303 19.23 0.30 -9.17
C CYS B 303 19.52 -1.00 -9.90
N THR B 304 19.33 -2.13 -9.24
CA THR B 304 19.74 -3.42 -9.85
C THR B 304 19.01 -3.77 -11.15
N VAL B 305 19.78 -4.24 -12.12
CA VAL B 305 19.20 -4.64 -13.43
C VAL B 305 18.30 -5.86 -13.33
N THR B 306 18.66 -6.84 -12.48
CA THR B 306 17.87 -8.10 -12.44
C THR B 306 16.96 -8.14 -11.20
N PRO B 307 15.78 -8.77 -11.31
CA PRO B 307 14.87 -8.87 -10.18
C PRO B 307 15.47 -9.62 -8.98
N MET B 308 16.21 -10.70 -9.24
CA MET B 308 16.79 -11.50 -8.14
C MET B 308 17.75 -10.65 -7.33
N GLY B 309 18.48 -9.76 -8.00
CA GLY B 309 19.39 -8.88 -7.25
C GLY B 309 18.62 -8.02 -6.28
N SER B 310 17.46 -7.51 -6.70
CA SER B 310 16.71 -6.59 -5.82
C SER B 310 16.25 -7.32 -4.55
N ARG B 311 15.72 -8.53 -4.71
CA ARG B 311 15.20 -9.23 -3.52
C ARG B 311 16.39 -9.50 -2.60
N MET B 312 17.50 -9.90 -3.19
CA MET B 312 18.67 -10.25 -2.36
C MET B 312 19.16 -9.00 -1.61
N LEU B 313 19.14 -7.85 -2.26
CA LEU B 313 19.67 -6.66 -1.58
C LEU B 313 18.81 -6.39 -0.35
N LYS B 314 17.50 -6.56 -0.48
CA LYS B 314 16.62 -6.27 0.67
C LYS B 314 16.93 -7.22 1.82
N ARG B 315 17.15 -8.50 1.52
CA ARG B 315 17.43 -9.46 2.59
C ARG B 315 18.74 -9.05 3.26
N TRP B 316 19.73 -8.68 2.46
CA TRP B 316 21.03 -8.32 3.06
C TRP B 316 20.82 -7.11 3.95
N LEU B 317 20.01 -6.17 3.49
CA LEU B 317 19.78 -4.93 4.28
C LEU B 317 19.08 -5.27 5.60
N HIS B 318 18.11 -6.16 5.56
CA HIS B 318 17.38 -6.52 6.79
C HIS B 318 18.29 -7.21 7.81
N MET B 319 19.17 -8.12 7.37
CA MET B 319 20.04 -8.86 8.32
C MET B 319 21.52 -8.43 8.16
N PRO B 320 22.05 -7.50 8.98
CA PRO B 320 23.48 -7.18 8.89
C PRO B 320 24.32 -8.39 9.36
N VAL B 321 25.41 -8.68 8.67
CA VAL B 321 26.20 -9.90 9.03
C VAL B 321 27.39 -9.47 9.89
N ARG B 322 27.46 -9.98 11.12
CA ARG B 322 28.54 -9.58 12.05
C ARG B 322 29.93 -10.06 11.62
N ASP B 323 30.05 -11.25 11.03
CA ASP B 323 31.40 -11.79 10.75
C ASP B 323 32.21 -10.88 9.82
N THR B 324 33.43 -10.54 10.23
CA THR B 324 34.27 -9.62 9.43
C THR B 324 34.69 -10.28 8.10
N ARG B 325 34.97 -11.57 8.12
CA ARG B 325 35.53 -12.22 6.90
C ARG B 325 34.62 -12.04 5.69
N VAL B 326 33.32 -12.32 5.81
CA VAL B 326 32.44 -12.21 4.61
C VAL B 326 32.44 -10.75 4.17
N LEU B 327 32.40 -9.85 5.14
CA LEU B 327 32.34 -8.42 4.79
C LEU B 327 33.60 -8.01 4.02
N LEU B 328 34.77 -8.48 4.43
CA LEU B 328 36.00 -8.02 3.76
C LEU B 328 35.98 -8.48 2.30
N GLU B 329 35.51 -9.69 2.06
CA GLU B 329 35.45 -10.18 0.66
C GLU B 329 34.49 -9.32 -0.15
N ARG B 330 33.37 -8.93 0.44
CA ARG B 330 32.40 -8.08 -0.31
C ARG B 330 33.03 -6.73 -0.65
N GLN B 331 33.74 -6.10 0.29
CA GLN B 331 34.27 -4.76 -0.02
C GLN B 331 35.26 -4.88 -1.17
N GLN B 332 36.09 -5.92 -1.14
CA GLN B 332 37.13 -6.07 -2.20
C GLN B 332 36.52 -6.29 -3.58
N THR B 333 35.47 -7.09 -3.67
CA THR B 333 34.86 -7.34 -5.00
C THR B 333 34.31 -6.02 -5.54
N ILE B 334 33.71 -5.21 -4.68
CA ILE B 334 33.13 -3.92 -5.13
C ILE B 334 34.24 -3.02 -5.68
N GLY B 335 35.37 -2.94 -4.97
CA GLY B 335 36.46 -2.07 -5.41
C GLY B 335 36.99 -2.51 -6.76
N ALA B 336 37.13 -3.82 -6.97
CA ALA B 336 37.70 -4.34 -8.23
C ALA B 336 36.83 -4.02 -9.44
N LEU B 337 35.51 -4.11 -9.30
CA LEU B 337 34.66 -3.96 -10.51
C LEU B 337 34.21 -2.52 -10.75
N GLN B 338 34.68 -1.55 -9.98
CA GLN B 338 34.13 -0.19 -10.14
C GLN B 338 34.38 0.35 -11.55
N ASP B 339 35.56 0.13 -12.10
CA ASP B 339 35.90 0.63 -13.46
C ASP B 339 35.08 -0.04 -14.56
N PHE B 340 34.82 -1.35 -14.44
CA PHE B 340 34.17 -2.07 -15.55
C PHE B 340 32.66 -2.11 -15.41
N THR B 341 32.10 -1.32 -14.50
CA THR B 341 30.65 -1.42 -14.22
C THR B 341 29.81 -1.14 -15.48
N ALA B 342 30.19 -0.14 -16.27
CA ALA B 342 29.33 0.26 -17.39
C ALA B 342 29.16 -0.86 -18.43
N GLY B 343 30.22 -1.57 -18.76
CA GLY B 343 30.07 -2.67 -19.73
C GLY B 343 29.20 -3.80 -19.22
N LEU B 344 29.33 -4.16 -17.94
CA LEU B 344 28.62 -5.34 -17.38
C LEU B 344 27.11 -5.11 -17.20
N GLN B 345 26.68 -3.88 -16.90
CA GLN B 345 25.24 -3.65 -16.56
C GLN B 345 24.27 -4.03 -17.69
N PRO B 346 24.49 -3.68 -18.99
CA PRO B 346 23.57 -4.12 -20.05
C PRO B 346 23.50 -5.64 -20.18
N VAL B 347 24.64 -6.33 -20.15
CA VAL B 347 24.66 -7.80 -20.35
C VAL B 347 23.89 -8.48 -19.21
N LEU B 348 24.11 -8.04 -17.98
CA LEU B 348 23.45 -8.70 -16.83
C LEU B 348 21.94 -8.55 -16.96
N ARG B 349 21.48 -7.41 -17.44
CA ARG B 349 20.02 -7.18 -17.48
C ARG B 349 19.39 -8.26 -18.35
N GLN B 350 20.08 -8.62 -19.41
CA GLN B 350 19.48 -9.62 -20.33
C GLN B 350 19.26 -10.95 -19.61
N VAL B 351 20.15 -11.31 -18.69
CA VAL B 351 20.03 -12.64 -18.02
C VAL B 351 18.70 -12.73 -17.27
N GLY B 352 18.30 -11.68 -16.57
CA GLY B 352 16.97 -11.70 -15.91
C GLY B 352 16.97 -12.47 -14.60
N ASP B 353 15.79 -12.91 -14.19
CA ASP B 353 15.70 -13.71 -12.94
C ASP B 353 15.67 -15.18 -13.32
N LEU B 354 16.68 -15.93 -12.89
CA LEU B 354 16.71 -17.37 -13.23
C LEU B 354 16.33 -18.22 -12.01
N GLU B 355 16.39 -17.65 -10.81
CA GLU B 355 16.14 -18.49 -9.62
C GLU B 355 14.73 -19.06 -9.68
N ARG B 356 13.77 -18.21 -10.02
CA ARG B 356 12.37 -18.68 -10.11
C ARG B 356 12.25 -19.70 -11.23
N ILE B 357 12.91 -19.44 -12.35
CA ILE B 357 12.71 -20.36 -13.51
C ILE B 357 13.20 -21.76 -13.14
N LEU B 358 14.31 -21.84 -12.42
CA LEU B 358 14.87 -23.17 -12.07
C LEU B 358 13.89 -23.93 -11.18
N ALA B 359 13.24 -23.23 -10.24
CA ALA B 359 12.29 -23.90 -9.35
C ALA B 359 11.10 -24.47 -10.13
N ARG B 360 10.59 -23.73 -11.10
CA ARG B 360 9.47 -24.25 -11.90
C ARG B 360 9.95 -25.48 -12.67
N LEU B 361 11.18 -25.46 -13.16
CA LEU B 361 11.72 -26.63 -13.88
C LEU B 361 11.76 -27.85 -12.96
N ALA B 362 12.14 -27.64 -11.70
CA ALA B 362 12.25 -28.77 -10.74
C ALA B 362 10.87 -29.43 -10.57
N LEU B 363 9.82 -28.61 -10.55
CA LEU B 363 8.48 -29.19 -10.28
C LEU B 363 7.85 -29.65 -11.60
N ARG B 364 8.57 -29.50 -12.71
CA ARG B 364 8.08 -29.96 -14.03
C ARG B 364 6.87 -29.12 -14.47
N THR B 365 6.76 -27.91 -13.93
CA THR B 365 5.65 -27.01 -14.35
C THR B 365 6.19 -25.88 -15.23
N ALA B 366 7.45 -25.94 -15.65
CA ALA B 366 8.05 -24.79 -16.39
C ALA B 366 7.36 -24.51 -17.71
N ARG B 367 7.18 -23.23 -18.02
CA ARG B 367 6.50 -22.82 -19.26
C ARG B 367 7.42 -22.85 -20.47
N PRO B 368 6.87 -22.88 -21.71
CA PRO B 368 7.73 -22.78 -22.87
C PRO B 368 8.52 -21.47 -22.83
N ARG B 369 7.87 -20.39 -22.41
CA ARG B 369 8.57 -19.09 -22.34
C ARG B 369 9.71 -19.16 -21.32
N ASP B 370 9.52 -19.88 -20.22
CA ASP B 370 10.57 -19.91 -19.18
C ASP B 370 11.84 -20.54 -19.77
N LEU B 371 11.69 -21.61 -20.53
CA LEU B 371 12.87 -22.28 -21.10
C LEU B 371 13.57 -21.33 -22.08
N ALA B 372 12.81 -20.61 -22.90
CA ALA B 372 13.43 -19.71 -23.89
C ALA B 372 14.21 -18.61 -23.19
N ARG B 373 13.69 -18.10 -22.08
CA ARG B 373 14.41 -17.04 -21.34
C ARG B 373 15.73 -17.61 -20.85
N MET B 374 15.74 -18.87 -20.45
CA MET B 374 17.01 -19.49 -20.00
C MET B 374 18.04 -19.60 -21.13
N ARG B 375 17.60 -19.93 -22.35
CA ARG B 375 18.55 -20.04 -23.48
C ARG B 375 19.20 -18.69 -23.69
N HIS B 376 18.41 -17.64 -23.60
CA HIS B 376 18.96 -16.28 -23.79
C HIS B 376 20.00 -16.00 -22.70
N ALA B 377 19.70 -16.41 -21.48
CA ALA B 377 20.65 -16.17 -20.36
C ALA B 377 21.97 -16.93 -20.59
N PHE B 378 21.88 -18.15 -21.10
CA PHE B 378 23.12 -18.92 -21.38
C PHE B 378 23.97 -18.20 -22.42
N GLN B 379 23.30 -17.63 -23.42
CA GLN B 379 24.04 -16.92 -24.50
C GLN B 379 24.80 -15.73 -23.91
N GLN B 380 24.28 -15.10 -22.87
CA GLN B 380 24.95 -13.94 -22.24
C GLN B 380 26.16 -14.38 -21.41
N LEU B 381 26.19 -15.65 -20.97
CA LEU B 381 27.28 -16.11 -20.05
C LEU B 381 28.69 -16.04 -20.67
N PRO B 382 28.96 -16.45 -21.93
CA PRO B 382 30.31 -16.33 -22.48
C PRO B 382 30.89 -14.91 -22.41
N GLU B 383 30.12 -13.91 -22.85
CA GLU B 383 30.62 -12.51 -22.85
C GLU B 383 30.94 -12.10 -21.42
N LEU B 384 30.09 -12.50 -20.48
CA LEU B 384 30.32 -12.07 -19.08
C LEU B 384 31.65 -12.66 -18.62
N ARG B 385 31.90 -13.92 -18.98
CA ARG B 385 33.13 -14.57 -18.48
C ARG B 385 34.35 -13.83 -19.02
N ALA B 386 34.30 -13.43 -20.29
CA ALA B 386 35.50 -12.80 -20.89
C ALA B 386 35.82 -11.48 -20.17
N GLN B 387 34.80 -10.67 -19.95
CA GLN B 387 35.06 -9.36 -19.30
C GLN B 387 35.57 -9.62 -17.89
N LEU B 388 34.98 -10.62 -17.23
CA LEU B 388 35.38 -10.92 -15.83
C LEU B 388 36.81 -11.46 -15.77
N GLU B 389 37.25 -12.18 -16.79
CA GLU B 389 38.59 -12.80 -16.73
C GLU B 389 39.67 -11.74 -16.59
N THR B 390 39.52 -10.62 -17.29
CA THR B 390 40.61 -9.62 -17.26
C THR B 390 40.82 -9.07 -15.85
N VAL B 391 39.76 -8.78 -15.11
CA VAL B 391 39.96 -8.15 -13.78
C VAL B 391 40.54 -9.21 -12.84
N ASP B 392 41.56 -8.84 -12.07
CA ASP B 392 42.19 -9.90 -11.24
C ASP B 392 42.03 -9.65 -9.74
N SER B 393 41.20 -10.45 -9.10
CA SER B 393 41.08 -10.39 -7.63
C SER B 393 40.60 -11.78 -7.24
N ALA B 394 40.96 -12.28 -6.06
CA ALA B 394 40.56 -13.68 -5.75
C ALA B 394 39.05 -13.86 -5.66
N PRO B 395 38.26 -13.00 -4.98
CA PRO B 395 36.83 -13.26 -4.94
C PRO B 395 36.20 -13.23 -6.34
N VAL B 396 36.59 -12.27 -7.18
CA VAL B 396 35.93 -12.13 -8.51
C VAL B 396 36.18 -13.38 -9.35
N GLN B 397 37.40 -13.89 -9.30
CA GLN B 397 37.73 -15.08 -10.12
C GLN B 397 36.88 -16.27 -9.66
N ALA B 398 36.70 -16.42 -8.35
CA ALA B 398 35.90 -17.54 -7.84
C ALA B 398 34.47 -17.41 -8.35
N LEU B 399 33.94 -16.20 -8.34
CA LEU B 399 32.55 -16.00 -8.79
C LEU B 399 32.45 -16.40 -10.26
N ARG B 400 33.47 -16.07 -11.04
CA ARG B 400 33.43 -16.43 -12.48
C ARG B 400 33.38 -17.95 -12.62
N GLU B 401 34.15 -18.65 -11.79
CA GLU B 401 34.16 -20.13 -11.88
C GLU B 401 32.78 -20.67 -11.53
N LYS B 402 32.14 -20.10 -10.51
CA LYS B 402 30.83 -20.63 -10.07
C LYS B 402 29.81 -20.49 -11.19
N MET B 403 29.88 -19.40 -11.94
CA MET B 403 28.82 -19.17 -12.96
C MET B 403 28.81 -20.28 -14.02
N GLY B 404 29.98 -20.69 -14.51
CA GLY B 404 29.98 -21.81 -15.47
C GLY B 404 29.62 -21.35 -16.87
N GLU B 405 29.59 -22.25 -17.84
CA GLU B 405 29.16 -21.83 -19.19
C GLU B 405 27.98 -22.67 -19.69
N PHE B 406 27.88 -23.92 -19.25
CA PHE B 406 26.72 -24.77 -19.63
C PHE B 406 26.56 -24.79 -21.15
N ALA B 407 27.66 -24.92 -21.87
CA ALA B 407 27.58 -24.84 -23.35
C ALA B 407 26.74 -25.98 -23.92
N GLU B 408 26.89 -27.19 -23.40
CA GLU B 408 26.17 -28.34 -24.00
C GLU B 408 24.66 -28.11 -23.87
N LEU B 409 24.23 -27.61 -22.71
CA LEU B 409 22.78 -27.39 -22.50
C LEU B 409 22.28 -26.34 -23.50
N ARG B 410 23.08 -25.30 -23.70
CA ARG B 410 22.62 -24.21 -24.59
C ARG B 410 22.44 -24.78 -25.99
N ASP B 411 23.36 -25.64 -26.38
CA ASP B 411 23.26 -26.22 -27.74
C ASP B 411 21.96 -27.01 -27.80
N LEU B 412 21.66 -27.74 -26.74
CA LEU B 412 20.45 -28.58 -26.76
C LEU B 412 19.21 -27.70 -26.90
N LEU B 413 19.16 -26.61 -26.14
CA LEU B 413 17.96 -25.74 -26.19
C LEU B 413 17.84 -25.12 -27.59
N GLU B 414 18.96 -24.71 -28.18
CA GLU B 414 18.88 -24.02 -29.49
C GLU B 414 18.29 -24.97 -30.52
N ARG B 415 18.66 -26.25 -30.48
CA ARG B 415 18.01 -27.23 -31.39
C ARG B 415 16.57 -27.51 -30.94
N ALA B 416 16.37 -27.72 -29.63
CA ALA B 416 15.05 -28.10 -29.09
C ALA B 416 13.96 -27.02 -29.22
N ILE B 417 14.28 -25.74 -29.00
CA ILE B 417 13.18 -24.72 -28.94
C ILE B 417 13.27 -23.66 -30.04
N ILE B 418 12.12 -23.23 -30.58
CA ILE B 418 12.06 -22.12 -31.57
C ILE B 418 12.28 -20.80 -30.81
N ASP B 419 12.91 -19.82 -31.46
CA ASP B 419 13.22 -18.55 -30.77
C ASP B 419 11.95 -17.86 -30.27
N THR B 420 10.89 -17.89 -31.06
CA THR B 420 9.62 -17.31 -30.57
C THR B 420 8.76 -18.48 -30.09
N PRO B 421 8.46 -18.57 -28.79
CA PRO B 421 7.72 -19.71 -28.30
C PRO B 421 6.23 -19.46 -28.09
N PRO B 422 5.36 -20.33 -28.64
CA PRO B 422 3.93 -20.21 -28.42
C PRO B 422 3.65 -20.34 -26.92
N VAL B 423 2.66 -19.62 -26.42
CA VAL B 423 2.40 -19.61 -24.94
C VAL B 423 2.05 -21.00 -24.41
N LEU B 424 1.26 -21.78 -25.14
CA LEU B 424 0.82 -23.07 -24.54
C LEU B 424 1.49 -24.26 -25.23
N VAL B 425 2.09 -25.13 -24.42
CA VAL B 425 2.67 -26.39 -25.01
C VAL B 425 1.52 -27.20 -25.59
N ARG B 426 0.37 -27.16 -24.94
CA ARG B 426 -0.77 -28.01 -25.39
C ARG B 426 -1.14 -27.64 -26.82
N ASP B 427 -1.12 -26.35 -27.14
CA ASP B 427 -1.39 -25.99 -28.55
C ASP B 427 -0.22 -25.14 -29.02
N GLY B 428 0.91 -25.80 -29.26
CA GLY B 428 2.10 -25.02 -29.61
C GLY B 428 3.07 -25.73 -30.54
N GLY B 429 3.96 -24.98 -31.16
CA GLY B 429 5.02 -25.57 -32.00
C GLY B 429 6.30 -25.32 -31.25
N VAL B 430 6.26 -25.44 -29.93
CA VAL B 430 7.44 -25.07 -29.10
C VAL B 430 8.68 -25.86 -29.50
N ILE B 431 8.55 -27.16 -29.78
CA ILE B 431 9.78 -27.87 -30.21
C ILE B 431 10.16 -27.42 -31.62
N ALA B 432 11.41 -27.01 -31.80
CA ALA B 432 11.85 -26.50 -33.12
C ALA B 432 12.10 -27.66 -34.08
N SER B 433 12.09 -27.35 -35.37
CA SER B 433 12.40 -28.40 -36.37
C SER B 433 13.87 -28.81 -36.26
N GLY B 434 14.16 -30.08 -36.48
CA GLY B 434 15.56 -30.57 -36.47
C GLY B 434 15.97 -31.14 -35.13
N TYR B 435 15.25 -30.84 -34.06
CA TYR B 435 15.60 -31.49 -32.78
C TYR B 435 15.27 -32.98 -32.91
N ASN B 436 14.13 -33.28 -33.50
CA ASN B 436 13.73 -34.69 -33.65
C ASN B 436 13.35 -34.97 -35.10
N GLU B 437 13.91 -36.02 -35.68
CA GLU B 437 13.53 -36.38 -37.07
C GLU B 437 12.06 -36.78 -37.13
N GLU B 438 11.60 -37.54 -36.14
CA GLU B 438 10.21 -38.05 -36.20
C GLU B 438 9.22 -36.88 -36.13
N LEU B 439 9.48 -35.91 -35.26
CA LEU B 439 8.50 -34.80 -35.11
C LEU B 439 8.40 -34.06 -36.43
N ASP B 440 9.55 -33.86 -37.07
CA ASP B 440 9.54 -33.12 -38.36
C ASP B 440 8.74 -33.92 -39.37
N GLU B 441 8.92 -35.24 -39.34
CA GLU B 441 8.22 -36.08 -40.34
C GLU B 441 6.72 -35.93 -40.12
N TRP B 442 6.29 -35.93 -38.86
CA TRP B 442 4.84 -35.77 -38.57
C TRP B 442 4.33 -34.40 -39.03
N ARG B 443 5.10 -33.35 -38.77
CA ARG B 443 4.66 -32.00 -39.21
C ARG B 443 4.63 -31.94 -40.73
N ALA B 444 5.62 -32.54 -41.40
CA ALA B 444 5.63 -32.56 -42.88
C ALA B 444 4.43 -33.36 -43.38
N LEU B 445 4.12 -34.48 -42.70
CA LEU B 445 2.99 -35.32 -43.13
C LEU B 445 1.71 -34.48 -43.02
N ALA B 446 1.61 -33.66 -41.97
CA ALA B 446 0.43 -32.78 -41.83
C ALA B 446 0.39 -31.81 -43.02
N LEU B 520 -6.38 -35.52 -39.08
CA LEU B 520 -5.76 -34.84 -37.90
C LEU B 520 -4.95 -35.85 -37.13
N THR B 521 -4.89 -37.09 -37.64
CA THR B 521 -4.16 -38.13 -36.89
C THR B 521 -2.71 -37.65 -36.82
N SER B 522 -2.23 -37.10 -37.92
CA SER B 522 -0.83 -36.65 -37.95
C SER B 522 -0.64 -35.55 -36.90
N LYS B 523 -1.59 -34.64 -36.81
CA LYS B 523 -1.46 -33.54 -35.83
C LYS B 523 -1.48 -34.12 -34.42
N GLY B 524 -2.39 -35.06 -34.17
CA GLY B 524 -2.49 -35.63 -32.83
C GLY B 524 -1.22 -36.37 -32.48
N LYS B 525 -0.70 -37.14 -33.44
CA LYS B 525 0.55 -37.88 -33.17
C LYS B 525 1.68 -36.88 -32.95
N ALA B 526 1.71 -35.83 -33.76
CA ALA B 526 2.79 -34.83 -33.62
C ALA B 526 2.64 -34.19 -32.26
N LEU B 527 1.40 -33.90 -31.88
CA LEU B 527 1.20 -33.21 -30.60
C LEU B 527 1.67 -34.13 -29.48
N ALA B 528 1.35 -35.41 -29.59
CA ALA B 528 1.74 -36.35 -28.53
C ALA B 528 3.27 -36.41 -28.49
N LEU B 529 3.89 -36.47 -29.67
CA LEU B 529 5.37 -36.57 -29.71
C LEU B 529 5.94 -35.28 -29.12
N GLU B 530 5.35 -34.15 -29.45
CA GLU B 530 5.95 -32.88 -28.96
C GLU B 530 5.92 -32.87 -27.45
N LYS B 531 4.80 -33.30 -26.86
CA LYS B 531 4.71 -33.32 -25.39
C LYS B 531 5.73 -34.31 -24.84
N GLN B 532 5.86 -35.45 -25.50
CA GLN B 532 6.81 -36.46 -25.01
C GLN B 532 8.22 -35.88 -25.04
N LEU B 533 8.56 -35.20 -26.14
CA LEU B 533 9.92 -34.62 -26.24
C LEU B 533 10.07 -33.57 -25.15
N TYR B 534 9.01 -32.82 -24.90
CA TYR B 534 9.12 -31.73 -23.91
C TYR B 534 9.43 -32.32 -22.53
N GLU B 535 8.77 -33.43 -22.20
CA GLU B 535 9.03 -34.06 -20.89
C GLU B 535 10.46 -34.58 -20.83
N GLU B 536 10.93 -35.18 -21.91
CA GLU B 536 12.30 -35.73 -21.92
C GLU B 536 13.28 -34.57 -21.71
N LEU B 537 12.92 -33.40 -22.20
CA LEU B 537 13.85 -32.25 -22.09
C LEU B 537 14.07 -31.98 -20.60
N PHE B 538 13.01 -32.09 -19.80
CA PHE B 538 13.22 -31.87 -18.35
C PHE B 538 14.23 -32.91 -17.84
N ASP B 539 14.09 -34.14 -18.31
CA ASP B 539 14.97 -35.22 -17.81
C ASP B 539 16.45 -34.97 -18.15
N LEU B 540 16.75 -34.52 -19.36
CA LEU B 540 18.16 -34.23 -19.72
C LEU B 540 18.67 -33.08 -18.84
N LEU B 541 17.83 -32.09 -18.54
CA LEU B 541 18.29 -30.91 -17.76
C LEU B 541 18.42 -31.23 -16.27
N LEU B 542 17.72 -32.27 -15.79
CA LEU B 542 17.70 -32.57 -14.33
C LEU B 542 19.08 -32.96 -13.74
N PRO B 543 19.94 -33.79 -14.36
CA PRO B 543 21.21 -34.17 -13.72
C PRO B 543 22.10 -32.97 -13.35
N HIS B 544 21.97 -31.85 -14.06
CA HIS B 544 22.84 -30.69 -13.80
C HIS B 544 22.08 -29.65 -12.99
N LEU B 545 20.92 -30.01 -12.44
CA LEU B 545 20.10 -28.98 -11.75
C LEU B 545 20.90 -28.38 -10.58
N GLU B 546 21.69 -29.17 -9.87
CA GLU B 546 22.46 -28.53 -8.78
C GLU B 546 23.40 -27.49 -9.37
N ALA B 547 24.03 -27.80 -10.50
CA ALA B 547 25.00 -26.86 -11.08
C ALA B 547 24.30 -25.56 -11.50
N LEU B 548 23.13 -25.68 -12.12
CA LEU B 548 22.42 -24.46 -12.57
C LEU B 548 22.06 -23.65 -11.33
N GLN B 549 21.63 -24.32 -10.28
CA GLN B 549 21.19 -23.59 -9.07
C GLN B 549 22.38 -22.82 -8.49
N GLN B 550 23.55 -23.43 -8.51
CA GLN B 550 24.73 -22.74 -7.97
C GLN B 550 25.03 -21.48 -8.80
N SER B 551 24.89 -21.58 -10.12
CA SER B 551 25.20 -20.43 -10.99
C SER B 551 24.26 -19.26 -10.72
N ALA B 552 22.97 -19.53 -10.52
CA ALA B 552 22.00 -18.43 -10.35
C ALA B 552 22.36 -17.63 -9.10
N SER B 553 22.78 -18.32 -8.05
CA SER B 553 23.20 -17.59 -6.84
C SER B 553 24.39 -16.70 -7.15
N ALA B 554 25.36 -17.20 -7.93
CA ALA B 554 26.55 -16.41 -8.25
C ALA B 554 26.21 -15.17 -9.08
N LEU B 555 25.35 -15.33 -10.08
CA LEU B 555 24.98 -14.19 -10.95
C LEU B 555 24.26 -13.14 -10.10
N ALA B 556 23.40 -13.58 -9.19
CA ALA B 556 22.64 -12.63 -8.35
C ALA B 556 23.61 -11.85 -7.47
N GLU B 557 24.61 -12.52 -6.93
CA GLU B 557 25.57 -11.82 -6.06
C GLU B 557 26.29 -10.77 -6.90
N LEU B 558 26.59 -11.12 -8.14
CA LEU B 558 27.33 -10.16 -9.00
C LEU B 558 26.48 -8.91 -9.21
N ASP B 559 25.19 -9.07 -9.47
CA ASP B 559 24.37 -7.88 -9.79
C ASP B 559 24.34 -6.96 -8.57
N VAL B 560 24.17 -7.53 -7.40
CA VAL B 560 24.09 -6.66 -6.20
C VAL B 560 25.42 -5.94 -6.06
N LEU B 561 26.52 -6.66 -6.23
CA LEU B 561 27.85 -6.04 -6.02
C LEU B 561 28.17 -4.96 -7.07
N VAL B 562 27.84 -5.19 -8.33
CA VAL B 562 28.10 -4.16 -9.39
C VAL B 562 27.27 -2.91 -9.10
N ASN B 563 26.01 -3.10 -8.73
CA ASN B 563 25.13 -1.93 -8.51
C ASN B 563 25.68 -1.08 -7.37
N LEU B 564 26.14 -1.73 -6.31
CA LEU B 564 26.63 -0.95 -5.17
C LEU B 564 27.86 -0.14 -5.60
N ALA B 565 28.70 -0.72 -6.46
CA ALA B 565 29.88 0.01 -6.96
C ALA B 565 29.49 1.25 -7.78
N GLU B 566 28.50 1.11 -8.66
CA GLU B 566 28.09 2.26 -9.50
C GLU B 566 27.55 3.36 -8.61
N ARG B 567 26.76 2.97 -7.62
CA ARG B 567 26.18 3.99 -6.72
C ARG B 567 27.33 4.68 -5.99
N ALA B 568 28.34 3.91 -5.61
CA ALA B 568 29.42 4.53 -4.84
C ALA B 568 30.11 5.60 -5.69
N TYR B 569 30.35 5.27 -6.96
CA TYR B 569 31.06 6.25 -7.82
C TYR B 569 30.19 7.49 -8.04
N THR B 570 28.92 7.29 -8.35
CA THR B 570 28.03 8.43 -8.65
C THR B 570 27.87 9.29 -7.40
N LEU B 571 27.75 8.66 -6.24
CA LEU B 571 27.44 9.45 -5.02
C LEU B 571 28.67 9.60 -4.10
N ASN B 572 29.88 9.35 -4.59
CA ASN B 572 31.09 9.60 -3.76
C ASN B 572 31.13 8.78 -2.46
N TYR B 573 30.80 7.49 -2.52
CA TYR B 573 30.91 6.63 -1.31
C TYR B 573 32.35 6.18 -1.03
N THR B 574 32.65 5.85 0.22
CA THR B 574 34.03 5.43 0.60
C THR B 574 34.00 4.09 1.36
N CYS B 575 35.01 3.24 1.17
CA CYS B 575 35.10 1.94 1.88
C CYS B 575 35.35 2.11 3.37
N PRO B 576 34.70 1.30 4.24
CA PRO B 576 34.92 1.37 5.68
C PRO B 576 35.86 0.36 6.33
N THR B 577 36.49 0.73 7.45
CA THR B 577 37.49 -0.16 8.11
C THR B 577 37.01 -0.65 9.48
N PHE B 578 36.99 -1.97 9.69
CA PHE B 578 36.51 -2.54 10.98
C PHE B 578 37.59 -2.53 12.07
N ILE B 579 37.17 -2.43 13.33
CA ILE B 579 38.14 -2.42 14.46
C ILE B 579 37.74 -3.40 15.55
N ASP B 580 38.70 -3.86 16.35
CA ASP B 580 38.42 -4.88 17.39
C ASP B 580 37.52 -4.41 18.55
N LYS B 581 37.77 -3.23 19.09
CA LYS B 581 36.93 -2.74 20.20
C LYS B 581 35.67 -2.11 19.64
N PRO B 582 34.55 -2.01 20.38
CA PRO B 582 33.42 -1.31 19.83
C PRO B 582 33.50 0.22 19.96
N GLY B 583 33.53 0.91 18.82
CA GLY B 583 33.53 2.39 18.83
C GLY B 583 33.13 2.87 17.46
N ILE B 584 32.68 4.12 17.32
CA ILE B 584 32.41 4.60 15.92
C ILE B 584 33.06 5.96 15.67
N ARG B 585 33.83 6.07 14.58
CA ARG B 585 34.41 7.39 14.22
C ARG B 585 34.08 7.73 12.78
N ILE B 586 33.56 8.94 12.54
CA ILE B 586 33.13 9.31 11.16
C ILE B 586 33.69 10.68 10.76
N THR B 587 34.06 10.84 9.49
CA THR B 587 34.52 12.17 9.00
C THR B 587 33.64 12.60 7.83
N GLU B 588 33.13 13.84 7.84
CA GLU B 588 32.31 14.37 6.72
C GLU B 588 31.08 13.49 6.40
N GLY B 589 30.29 13.13 7.41
CA GLY B 589 29.11 12.27 7.21
C GLY B 589 27.90 12.91 6.55
N ARG B 590 27.30 12.22 5.58
CA ARG B 590 26.15 12.80 4.84
C ARG B 590 24.99 11.80 4.83
N HIS B 591 23.79 12.24 5.22
CA HIS B 591 22.63 11.33 5.27
C HIS B 591 22.32 10.84 3.86
N PRO B 592 22.10 9.53 3.63
CA PRO B 592 21.85 9.00 2.30
C PRO B 592 20.54 9.52 1.68
N VAL B 593 19.48 9.66 2.48
CA VAL B 593 18.15 10.05 1.93
C VAL B 593 18.00 11.58 1.89
N VAL B 594 18.23 12.28 2.99
CA VAL B 594 17.96 13.75 3.02
C VAL B 594 18.80 14.45 1.96
N GLU B 595 20.05 14.04 1.81
CA GLU B 595 20.94 14.76 0.87
C GLU B 595 20.37 14.64 -0.54
N GLN B 596 19.84 13.49 -0.91
CA GLN B 596 19.21 13.38 -2.25
C GLN B 596 18.00 14.31 -2.36
N VAL B 597 17.17 14.37 -1.32
CA VAL B 597 15.92 15.19 -1.38
C VAL B 597 16.18 16.70 -1.44
N LEU B 598 17.12 17.22 -0.64
CA LEU B 598 17.28 18.68 -0.58
C LEU B 598 18.06 19.23 -1.78
N ASN B 599 17.47 20.20 -2.48
CA ASN B 599 18.19 20.85 -3.60
C ASN B 599 19.37 21.63 -3.05
N GLU B 600 19.18 22.28 -1.91
CA GLU B 600 20.26 23.11 -1.33
C GLU B 600 21.40 22.20 -0.87
N PRO B 601 22.64 22.70 -0.77
CA PRO B 601 23.73 21.82 -0.39
C PRO B 601 23.51 21.20 1.00
N PHE B 602 23.82 19.91 1.12
CA PHE B 602 23.67 19.25 2.43
C PHE B 602 24.96 19.45 3.21
N ILE B 603 24.87 20.13 4.35
CA ILE B 603 26.09 20.31 5.18
C ILE B 603 26.47 18.94 5.75
N ALA B 604 27.77 18.69 5.96
CA ALA B 604 28.23 17.36 6.44
C ALA B 604 28.64 17.43 7.91
N ASN B 605 28.30 16.41 8.71
CA ASN B 605 28.59 16.46 10.18
C ASN B 605 29.46 15.27 10.60
N PRO B 606 30.62 15.49 11.27
CA PRO B 606 31.45 14.38 11.80
C PRO B 606 30.95 13.83 13.14
N LEU B 607 31.40 12.63 13.52
CA LEU B 607 30.98 12.00 14.81
C LEU B 607 32.15 11.24 15.46
N ASN B 608 32.28 11.28 16.78
CA ASN B 608 33.32 10.50 17.46
C ASN B 608 32.73 9.83 18.70
N LEU B 609 32.71 8.50 18.72
CA LEU B 609 32.20 7.78 19.92
C LEU B 609 33.22 6.74 20.36
N SER B 610 33.51 6.69 21.64
CA SER B 610 34.55 5.77 22.14
C SER B 610 34.10 5.23 23.50
N PRO B 611 34.74 4.20 24.05
CA PRO B 611 34.39 3.77 25.39
C PRO B 611 34.54 4.95 26.36
N GLN B 612 35.55 5.79 26.15
CA GLN B 612 35.69 7.00 26.99
C GLN B 612 34.49 7.94 26.82
N ARG B 613 33.88 8.00 25.62
CA ARG B 613 32.77 8.96 25.37
C ARG B 613 31.56 8.23 24.75
N ARG B 614 30.90 7.35 25.51
CA ARG B 614 29.77 6.53 24.97
C ARG B 614 28.54 7.37 24.60
N MET B 615 28.18 8.39 25.40
CA MET B 615 26.89 9.10 25.17
C MET B 615 27.07 10.56 24.72
N LEU B 616 26.23 11.04 23.80
CA LEU B 616 26.26 12.48 23.46
C LEU B 616 24.85 13.03 23.65
N ILE B 617 24.72 14.13 24.39
CA ILE B 617 23.39 14.76 24.54
C ILE B 617 23.29 15.89 23.53
N ILE B 618 22.38 15.76 22.56
CA ILE B 618 22.29 16.78 21.49
C ILE B 618 21.19 17.78 21.82
N THR B 619 21.59 19.02 22.07
CA THR B 619 20.58 20.06 22.34
C THR B 619 20.63 21.05 21.19
N GLY B 620 19.49 21.37 20.60
CA GLY B 620 19.56 22.26 19.42
C GLY B 620 18.29 23.03 19.14
N PRO B 621 18.37 24.13 18.36
CA PRO B 621 17.17 24.86 17.96
C PRO B 621 16.25 24.05 17.05
N ASN B 622 14.97 24.37 17.09
CA ASN B 622 13.98 23.61 16.29
C ASN B 622 14.30 23.76 14.82
N MET B 623 14.07 22.71 14.04
CA MET B 623 14.42 22.73 12.60
C MET B 623 15.93 22.93 12.46
N GLY B 624 16.71 22.47 13.45
CA GLY B 624 18.17 22.67 13.43
C GLY B 624 18.95 21.42 13.08
N GLY B 625 18.29 20.34 12.66
CA GLY B 625 19.02 19.13 12.23
C GLY B 625 19.28 18.04 13.27
N LYS B 626 18.73 18.12 14.47
CA LYS B 626 19.07 17.12 15.52
C LYS B 626 18.62 15.70 15.16
N SER B 627 17.40 15.53 14.68
CA SER B 627 16.91 14.17 14.33
C SER B 627 17.73 13.60 13.18
N THR B 628 18.06 14.43 12.20
CA THR B 628 18.79 13.91 11.01
C THR B 628 20.15 13.36 11.43
N TYR B 629 20.83 14.04 12.34
CA TYR B 629 22.18 13.59 12.72
C TYR B 629 22.06 12.17 13.28
N MET B 630 21.07 11.95 14.12
CA MET B 630 20.92 10.61 14.75
C MET B 630 20.54 9.54 13.72
N ARG B 631 19.63 9.84 12.82
CA ARG B 631 19.24 8.84 11.80
C ARG B 631 20.43 8.52 10.91
N GLN B 632 21.25 9.52 10.60
CA GLN B 632 22.43 9.30 9.73
C GLN B 632 23.38 8.30 10.38
N THR B 633 23.63 8.43 11.69
CA THR B 633 24.63 7.55 12.31
C THR B 633 24.20 6.09 12.18
N ALA B 634 22.92 5.83 12.45
CA ALA B 634 22.45 4.43 12.38
C ALA B 634 22.52 3.93 10.95
N LEU B 635 22.12 4.77 10.00
CA LEU B 635 22.07 4.28 8.60
C LEU B 635 23.48 3.95 8.10
N ILE B 636 24.47 4.74 8.50
CA ILE B 636 25.86 4.43 8.08
C ILE B 636 26.27 3.06 8.65
N ALA B 637 25.96 2.80 9.91
CA ALA B 637 26.38 1.53 10.54
C ALA B 637 25.72 0.34 9.86
N LEU B 638 24.45 0.47 9.50
CA LEU B 638 23.78 -0.64 8.80
C LEU B 638 24.49 -0.89 7.45
N MET B 639 24.85 0.18 6.76
CA MET B 639 25.54 0.02 5.45
C MET B 639 26.94 -0.62 5.62
N ALA B 640 27.67 -0.24 6.66
CA ALA B 640 29.02 -0.81 6.82
C ALA B 640 28.84 -2.32 7.01
N TYR B 641 27.85 -2.73 7.78
CA TYR B 641 27.70 -4.17 8.09
C TYR B 641 27.06 -4.97 6.98
N ILE B 642 26.49 -4.31 5.98
CA ILE B 642 26.00 -5.11 4.83
C ILE B 642 27.24 -5.27 3.93
N GLY B 643 28.32 -4.55 4.26
CA GLY B 643 29.57 -4.68 3.49
C GLY B 643 29.74 -3.71 2.33
N SER B 644 28.72 -2.90 2.03
CA SER B 644 28.83 -1.90 0.94
C SER B 644 29.52 -0.63 1.42
N TYR B 645 29.79 0.29 0.49
CA TYR B 645 30.53 1.53 0.86
C TYR B 645 29.67 2.49 1.68
N VAL B 646 30.34 3.33 2.47
CA VAL B 646 29.61 4.26 3.36
C VAL B 646 29.76 5.68 2.86
N PRO B 647 28.69 6.50 2.91
CA PRO B 647 28.77 7.90 2.48
C PRO B 647 29.42 8.83 3.50
N ALA B 648 30.73 8.73 3.65
CA ALA B 648 31.46 9.65 4.53
C ALA B 648 32.89 9.63 4.03
N GLN B 649 33.69 10.62 4.38
CA GLN B 649 35.12 10.58 3.99
C GLN B 649 35.88 9.41 4.65
N LYS B 650 35.71 9.22 5.96
CA LYS B 650 36.44 8.13 6.65
C LYS B 650 35.52 7.43 7.66
N VAL B 651 35.47 6.09 7.62
CA VAL B 651 34.64 5.37 8.62
C VAL B 651 35.43 4.31 9.41
N GLU B 652 35.40 4.39 10.73
CA GLU B 652 36.02 3.34 11.56
C GLU B 652 34.89 2.73 12.40
N ILE B 653 34.62 1.44 12.25
CA ILE B 653 33.42 0.87 12.96
C ILE B 653 33.75 -0.37 13.80
N GLY B 654 33.33 -0.37 15.07
CA GLY B 654 33.55 -1.54 15.94
C GLY B 654 32.45 -2.59 15.88
N PRO B 655 32.54 -3.68 16.66
CA PRO B 655 31.45 -4.65 16.72
C PRO B 655 30.16 -4.09 17.35
N ILE B 656 29.01 -4.37 16.73
CA ILE B 656 27.71 -3.91 17.29
C ILE B 656 26.72 -5.08 17.36
N ASP B 657 26.26 -5.47 18.56
CA ASP B 657 25.23 -6.54 18.66
C ASP B 657 23.80 -6.12 18.27
N ARG B 658 23.33 -4.94 18.69
CA ARG B 658 21.92 -4.55 18.42
C ARG B 658 21.77 -3.06 18.11
N ILE B 659 20.70 -2.69 17.40
CA ILE B 659 20.44 -1.24 17.16
C ILE B 659 19.08 -0.87 17.74
N PHE B 660 19.05 0.18 18.56
CA PHE B 660 17.76 0.59 19.17
C PHE B 660 17.43 2.02 18.77
N THR B 661 16.23 2.23 18.23
CA THR B 661 15.81 3.61 17.85
C THR B 661 14.52 4.04 18.53
N ARG B 662 14.51 5.25 19.12
CA ARG B 662 13.28 5.80 19.72
C ARG B 662 13.07 7.17 19.06
N VAL B 663 12.67 7.20 17.79
CA VAL B 663 12.58 8.51 17.08
C VAL B 663 11.19 8.89 16.56
N GLY B 664 10.26 7.94 16.40
CA GLY B 664 8.97 8.30 15.79
C GLY B 664 7.83 8.22 16.79
N ALA B 665 6.99 9.25 16.86
CA ALA B 665 5.94 9.26 17.93
C ALA B 665 4.54 8.99 17.35
N ALA B 666 3.88 7.94 17.84
CA ALA B 666 2.49 7.69 17.39
C ALA B 666 1.71 6.97 18.49
N ASP B 667 0.39 7.07 18.46
CA ASP B 667 -0.41 6.31 19.44
C ASP B 667 -1.31 5.35 18.65
N ASP B 668 -1.36 4.09 19.06
CA ASP B 668 -2.13 3.14 18.21
C ASP B 668 -3.43 2.68 18.89
N LEU B 669 -4.54 2.86 18.20
CA LEU B 669 -5.85 2.41 18.74
C LEU B 669 -5.87 0.88 18.84
N ALA B 670 -5.33 0.20 17.82
CA ALA B 670 -5.37 -1.28 17.83
C ALA B 670 -4.59 -1.77 19.03
N SER B 671 -3.45 -1.13 19.30
CA SER B 671 -2.64 -1.49 20.47
C SER B 671 -3.44 -1.19 21.74
N GLY B 672 -4.31 -0.18 21.68
CA GLY B 672 -5.00 0.21 22.92
C GLY B 672 -4.06 1.08 23.73
N ARG B 673 -3.10 1.71 23.06
CA ARG B 673 -2.09 2.46 23.83
C ARG B 673 -2.07 3.95 23.50
N SER B 674 -1.91 4.77 24.53
CA SER B 674 -1.77 6.23 24.31
C SER B 674 -0.34 6.51 23.87
N THR B 675 -0.08 7.74 23.42
CA THR B 675 1.27 8.06 22.91
C THR B 675 2.31 7.94 24.03
N PHE B 676 2.00 8.35 25.25
CA PHE B 676 3.01 8.16 26.32
C PHE B 676 3.27 6.68 26.47
N MET B 677 2.21 5.87 26.38
CA MET B 677 2.36 4.41 26.55
C MET B 677 3.23 3.78 25.45
N VAL B 678 3.01 4.14 24.19
CA VAL B 678 3.85 3.55 23.11
C VAL B 678 5.30 3.97 23.32
N GLU B 679 5.52 5.22 23.67
CA GLU B 679 6.90 5.67 23.93
C GLU B 679 7.50 4.94 25.12
N MET B 680 6.74 4.80 26.21
CA MET B 680 7.27 4.13 27.42
C MET B 680 7.52 2.64 27.21
N THR B 681 6.69 1.97 26.41
CA THR B 681 6.97 0.55 26.14
C THR B 681 8.33 0.42 25.44
N GLU B 682 8.62 1.30 24.49
CA GLU B 682 9.91 1.23 23.76
C GLU B 682 11.10 1.48 24.69
N THR B 683 10.98 2.42 25.61
CA THR B 683 12.09 2.63 26.56
C THR B 683 12.34 1.39 27.41
N ALA B 684 11.28 0.68 27.79
CA ALA B 684 11.45 -0.54 28.61
C ALA B 684 12.23 -1.61 27.84
N ASN B 685 11.96 -1.78 26.57
CA ASN B 685 12.64 -2.85 25.81
C ASN B 685 14.14 -2.54 25.82
N ILE B 686 14.48 -1.27 25.64
CA ILE B 686 15.91 -0.90 25.64
C ILE B 686 16.51 -1.19 27.01
N LEU B 687 15.84 -0.81 28.08
CA LEU B 687 16.52 -1.00 29.38
C LEU B 687 16.72 -2.48 29.67
N HIS B 688 15.73 -3.31 29.38
CA HIS B 688 15.88 -4.77 29.63
C HIS B 688 16.86 -5.50 28.70
N ASN B 689 16.83 -5.23 27.41
CA ASN B 689 17.64 -6.05 26.47
C ASN B 689 18.96 -5.43 25.98
N ALA B 690 19.39 -4.28 26.51
CA ALA B 690 20.59 -3.61 25.95
C ALA B 690 21.90 -4.29 26.36
N THR B 691 22.94 -4.20 25.51
CA THR B 691 24.27 -4.82 25.80
C THR B 691 25.36 -3.76 25.52
N GLU B 692 26.55 -3.90 26.10
CA GLU B 692 27.63 -2.89 25.93
C GLU B 692 27.98 -2.72 24.45
N TYR B 693 27.84 -3.78 23.66
CA TYR B 693 28.10 -3.71 22.20
C TYR B 693 27.06 -2.91 21.41
N SER B 694 25.79 -2.96 21.81
CA SER B 694 24.69 -2.33 21.01
C SER B 694 24.68 -0.80 20.94
N LEU B 695 24.09 -0.26 19.88
CA LEU B 695 24.00 1.22 19.72
C LEU B 695 22.56 1.67 19.94
N VAL B 696 22.37 2.63 20.84
CA VAL B 696 21.00 3.12 21.12
C VAL B 696 20.89 4.60 20.77
N LEU B 697 19.91 4.96 19.95
CA LEU B 697 19.71 6.40 19.68
C LEU B 697 18.30 6.78 20.11
N MET B 698 18.17 7.82 20.93
CA MET B 698 16.81 8.11 21.45
C MET B 698 16.42 9.58 21.38
N ASP B 699 15.14 9.85 21.13
CA ASP B 699 14.65 11.24 21.07
C ASP B 699 14.20 11.72 22.44
N GLU B 700 13.44 12.82 22.48
CA GLU B 700 13.01 13.39 23.77
C GLU B 700 12.14 12.38 24.53
N ILE B 701 12.31 12.35 25.84
CA ILE B 701 11.51 11.39 26.67
C ILE B 701 10.53 12.18 27.52
N GLY B 702 9.29 11.72 27.60
CA GLY B 702 8.30 12.41 28.45
C GLY B 702 7.69 13.61 27.75
N ARG B 703 7.77 13.65 26.44
CA ARG B 703 7.14 14.76 25.68
C ARG B 703 5.62 14.74 25.88
N GLY B 704 4.99 13.57 25.83
CA GLY B 704 3.53 13.49 25.94
C GLY B 704 2.99 13.96 27.29
N THR B 705 3.67 13.64 28.39
CA THR B 705 3.10 13.96 29.72
C THR B 705 3.54 15.32 30.27
N SER B 706 3.22 15.58 31.53
CA SER B 706 3.53 16.87 32.18
C SER B 706 5.04 17.07 32.31
N THR B 707 5.47 18.31 32.41
CA THR B 707 6.92 18.59 32.43
C THR B 707 7.66 17.98 33.62
N TYR B 708 7.15 18.11 34.85
CA TYR B 708 7.96 17.61 35.97
C TYR B 708 8.15 16.10 35.85
N ASP B 709 7.10 15.39 35.48
CA ASP B 709 7.21 13.92 35.32
C ASP B 709 8.16 13.55 34.19
N GLY B 710 8.07 14.25 33.05
CA GLY B 710 8.92 13.89 31.91
C GLY B 710 10.40 14.07 32.21
N LEU B 711 10.75 15.18 32.87
CA LEU B 711 12.17 15.40 33.20
C LEU B 711 12.63 14.31 34.17
N SER B 712 11.80 13.95 35.15
CA SER B 712 12.23 12.94 36.14
C SER B 712 12.48 11.61 35.45
N LEU B 713 11.57 11.20 34.57
CA LEU B 713 11.73 9.89 33.90
C LEU B 713 12.97 9.91 33.01
N ALA B 714 13.18 11.00 32.26
CA ALA B 714 14.33 11.05 31.33
C ALA B 714 15.66 11.02 32.10
N TRP B 715 15.75 11.73 33.21
CA TRP B 715 17.04 11.77 33.93
C TRP B 715 17.35 10.34 34.34
N ALA B 716 16.34 9.63 34.83
CA ALA B 716 16.56 8.24 35.29
C ALA B 716 16.96 7.30 34.15
N CYS B 717 16.31 7.39 32.99
CA CYS B 717 16.65 6.46 31.89
C CYS B 717 18.09 6.72 31.44
N ALA B 718 18.46 7.99 31.34
CA ALA B 718 19.84 8.33 30.90
C ALA B 718 20.86 7.83 31.91
N GLU B 719 20.59 8.02 33.19
CA GLU B 719 21.61 7.62 34.19
C GLU B 719 21.81 6.12 34.09
N ASN B 720 20.73 5.38 33.94
CA ASN B 720 20.86 3.91 33.87
C ASN B 720 21.65 3.54 32.63
N LEU B 721 21.35 4.14 31.49
CA LEU B 721 22.05 3.68 30.26
C LEU B 721 23.55 3.99 30.35
N ALA B 722 23.93 5.17 30.82
CA ALA B 722 25.38 5.41 30.95
C ALA B 722 26.04 4.58 32.05
N ASN B 723 25.45 4.53 33.24
CA ASN B 723 26.12 3.85 34.38
C ASN B 723 26.16 2.32 34.31
N LYS B 724 25.07 1.67 33.94
CA LYS B 724 25.07 0.19 34.05
C LYS B 724 25.10 -0.51 32.69
N ILE B 725 24.20 -0.12 31.79
CA ILE B 725 24.18 -0.78 30.46
C ILE B 725 25.47 -0.49 29.68
N LYS B 726 25.97 0.74 29.77
CA LYS B 726 27.24 1.13 29.08
C LYS B 726 27.14 0.99 27.56
N ALA B 727 25.97 1.21 26.97
CA ALA B 727 25.85 1.15 25.49
C ALA B 727 26.28 2.48 24.86
N LEU B 728 26.57 2.46 23.56
CA LEU B 728 26.90 3.72 22.85
C LEU B 728 25.58 4.45 22.61
N THR B 729 25.48 5.71 23.00
CA THR B 729 24.14 6.36 22.92
C THR B 729 24.10 7.80 22.40
N LEU B 730 23.02 8.14 21.70
CA LEU B 730 22.83 9.55 21.28
C LEU B 730 21.49 10.00 21.86
N PHE B 731 21.48 11.08 22.63
CA PHE B 731 20.22 11.47 23.31
C PHE B 731 19.83 12.90 22.92
N ALA B 732 18.60 13.08 22.41
CA ALA B 732 18.17 14.43 21.98
C ALA B 732 17.20 15.00 23.01
N THR B 733 17.53 16.13 23.62
CA THR B 733 16.65 16.63 24.71
C THR B 733 16.28 18.11 24.52
N HIS B 734 15.01 18.43 24.74
CA HIS B 734 14.62 19.87 24.71
C HIS B 734 14.66 20.40 26.13
N TYR B 735 14.87 19.53 27.09
CA TYR B 735 14.98 19.99 28.48
C TYR B 735 16.43 20.38 28.66
N PHE B 736 16.67 21.60 29.10
CA PHE B 736 18.07 22.05 29.18
C PHE B 736 18.65 21.71 30.55
N GLU B 737 17.82 21.18 31.44
CA GLU B 737 18.37 20.72 32.74
C GLU B 737 19.26 19.52 32.45
N LEU B 738 18.89 18.71 31.46
CA LEU B 738 19.65 17.47 31.16
C LEU B 738 21.09 17.75 30.72
N THR B 739 21.38 18.94 30.22
CA THR B 739 22.79 19.26 29.85
C THR B 739 23.68 19.24 31.09
N GLN B 740 23.12 19.42 32.28
CA GLN B 740 23.93 19.31 33.51
C GLN B 740 24.46 17.88 33.72
N LEU B 741 23.73 16.87 33.23
CA LEU B 741 24.10 15.44 33.48
C LEU B 741 25.47 15.02 32.89
N PRO B 742 25.89 15.41 31.68
CA PRO B 742 27.20 15.02 31.21
C PRO B 742 28.31 15.42 32.18
N GLU B 743 28.15 16.55 32.85
CA GLU B 743 29.17 16.92 33.86
C GLU B 743 29.22 15.87 34.97
N LYS B 744 28.07 15.40 35.43
CA LYS B 744 28.04 14.43 36.56
C LYS B 744 28.61 13.07 36.19
N MET B 745 28.33 12.55 34.99
CA MET B 745 28.72 11.15 34.70
C MET B 745 29.77 11.02 33.58
N GLU B 746 30.80 10.24 33.83
CA GLU B 746 31.85 10.01 32.80
C GLU B 746 31.27 9.23 31.62
N GLY B 747 31.76 9.52 30.42
CA GLY B 747 31.27 8.81 29.22
C GLY B 747 30.12 9.52 28.56
N VAL B 748 29.74 10.70 29.06
CA VAL B 748 28.65 11.48 28.39
C VAL B 748 29.17 12.88 28.05
N ALA B 749 28.88 13.37 26.84
CA ALA B 749 29.35 14.72 26.46
C ALA B 749 28.27 15.55 25.74
N ASN B 750 28.43 16.87 25.73
CA ASN B 750 27.38 17.74 25.14
C ASN B 750 27.73 18.24 23.74
N VAL B 751 26.82 18.03 22.78
CA VAL B 751 27.05 18.52 21.39
C VAL B 751 25.86 19.37 20.94
N HIS B 752 26.11 20.50 20.28
CA HIS B 752 24.97 21.37 19.93
C HIS B 752 24.81 21.66 18.43
N LEU B 753 23.62 21.43 17.90
CA LEU B 753 23.38 21.82 16.50
C LEU B 753 23.22 23.33 16.58
N ASP B 754 23.42 24.05 15.47
CA ASP B 754 23.39 25.52 15.60
C ASP B 754 22.53 26.22 14.55
N ALA B 755 21.92 27.34 14.93
CA ALA B 755 21.14 28.13 13.95
C ALA B 755 21.31 29.61 14.28
N LEU B 756 21.17 30.49 13.30
CA LEU B 756 21.43 31.93 13.57
C LEU B 756 20.26 32.84 13.18
N GLU B 757 19.93 33.78 14.06
CA GLU B 757 18.84 34.74 13.75
C GLU B 757 19.35 36.17 13.95
N ILE B 762 14.92 33.57 10.58
CA ILE B 762 16.02 32.77 11.18
C ILE B 762 16.66 31.88 10.10
N ALA B 763 17.98 31.75 10.15
CA ALA B 763 18.68 30.93 9.14
C ALA B 763 19.41 29.79 9.85
N PHE B 764 19.34 28.59 9.30
CA PHE B 764 19.94 27.45 10.03
C PHE B 764 21.29 27.02 9.42
N MET B 765 22.32 27.02 10.24
CA MET B 765 23.66 26.57 9.77
C MET B 765 23.64 25.07 9.44
N HIS B 766 22.94 24.26 10.25
CA HIS B 766 22.88 22.78 10.03
C HIS B 766 24.20 22.05 10.34
N SER B 767 25.05 22.61 11.21
CA SER B 767 26.36 21.97 11.49
C SER B 767 26.62 21.68 12.98
N VAL B 768 27.03 20.45 13.30
CA VAL B 768 27.24 20.07 14.72
C VAL B 768 28.49 20.74 15.29
N GLN B 769 28.38 21.26 16.49
CA GLN B 769 29.56 21.85 17.15
C GLN B 769 29.57 21.37 18.59
N ASP B 770 30.72 21.37 19.24
CA ASP B 770 30.78 20.99 20.67
C ASP B 770 30.22 22.10 21.56
N GLY B 771 29.66 21.73 22.71
CA GLY B 771 29.06 22.74 23.59
C GLY B 771 27.57 22.52 23.78
N ALA B 772 26.93 23.32 24.63
CA ALA B 772 25.50 23.06 24.94
C ALA B 772 24.60 24.22 24.46
N ALA B 773 23.55 23.89 23.73
CA ALA B 773 22.63 24.94 23.22
C ALA B 773 21.73 25.49 24.33
N SER B 774 21.30 26.74 24.15
CA SER B 774 20.35 27.34 25.11
C SER B 774 19.33 28.12 24.28
N LYS B 775 18.22 28.56 24.87
CA LYS B 775 17.24 29.43 24.16
C LYS B 775 16.75 28.90 22.81
N SER B 776 16.27 27.67 22.77
CA SER B 776 15.67 27.18 21.50
C SER B 776 14.53 28.13 21.14
N TYR B 777 14.39 28.44 19.86
CA TYR B 777 13.35 29.44 19.49
C TYR B 777 12.17 28.74 18.85
N GLY B 778 11.00 28.89 19.46
CA GLY B 778 9.78 28.29 18.86
C GLY B 778 8.92 29.34 18.19
N LEU B 779 8.85 30.53 18.77
CA LEU B 779 8.00 31.59 18.20
C LEU B 779 8.54 32.02 16.83
N ALA B 780 9.86 32.10 16.69
CA ALA B 780 10.43 32.44 15.37
C ALA B 780 10.08 31.36 14.36
N VAL B 781 10.17 30.10 14.77
CA VAL B 781 9.80 28.99 13.85
C VAL B 781 8.30 29.10 13.54
N ALA B 782 7.51 29.49 14.54
CA ALA B 782 6.07 29.65 14.30
C ALA B 782 5.84 30.73 13.24
N ALA B 783 6.61 31.82 13.28
CA ALA B 783 6.46 32.88 12.28
C ALA B 783 6.77 32.35 10.89
N LEU B 784 7.82 31.53 10.79
CA LEU B 784 8.18 30.93 9.47
C LEU B 784 6.99 30.08 9.01
N ALA B 785 6.33 29.41 9.96
CA ALA B 785 5.19 28.54 9.62
C ALA B 785 4.06 29.35 9.00
N GLY B 786 3.84 30.59 9.47
CA GLY B 786 2.69 31.36 8.95
C GLY B 786 1.67 31.73 10.00
N VAL B 787 1.98 31.53 11.28
CA VAL B 787 1.05 31.94 12.36
C VAL B 787 0.85 33.45 12.26
N PRO B 788 -0.39 33.95 12.39
CA PRO B 788 -0.64 35.38 12.24
C PRO B 788 0.21 36.24 13.19
N LYS B 789 0.66 37.39 12.71
CA LYS B 789 1.57 38.23 13.51
C LYS B 789 0.91 38.68 14.81
N GLU B 790 -0.37 38.98 14.78
CA GLU B 790 -1.03 39.48 16.01
C GLU B 790 -0.97 38.40 17.09
N VAL B 791 -1.18 37.15 16.71
CA VAL B 791 -1.13 36.05 17.70
C VAL B 791 0.29 36.00 18.26
N ILE B 792 1.27 36.12 17.38
CA ILE B 792 2.69 36.05 17.84
C ILE B 792 2.95 37.22 18.78
N LYS B 793 2.39 38.39 18.49
CA LYS B 793 2.68 39.57 19.33
C LYS B 793 2.18 39.33 20.75
N ARG B 794 0.99 38.76 20.89
CA ARG B 794 0.46 38.44 22.23
C ARG B 794 1.37 37.42 22.90
N ALA B 795 1.83 36.43 22.14
CA ALA B 795 2.66 35.36 22.72
C ALA B 795 3.97 35.90 23.28
N ARG B 796 4.59 36.83 22.57
CA ARG B 796 5.86 37.40 23.07
C ARG B 796 5.57 38.13 24.37
N GLN B 797 4.44 38.82 24.42
CA GLN B 797 4.07 39.52 25.66
C GLN B 797 3.88 38.49 26.77
N LYS B 798 3.20 37.40 26.46
CA LYS B 798 2.94 36.36 27.49
C LYS B 798 4.27 35.76 27.96
N LEU B 799 5.17 35.48 27.02
CA LEU B 799 6.44 34.83 27.41
C LEU B 799 7.20 35.78 28.31
N ARG B 800 7.16 37.07 28.00
CA ARG B 800 7.93 38.02 28.81
C ARG B 800 7.38 37.95 30.23
N GLU B 801 6.06 37.85 30.35
CA GLU B 801 5.45 37.75 31.69
C GLU B 801 5.86 36.45 32.39
N LEU B 802 5.85 35.32 31.67
CA LEU B 802 6.14 34.03 32.34
C LEU B 802 7.57 34.05 32.89
N GLU B 803 8.52 34.50 32.08
CA GLU B 803 9.92 34.49 32.54
C GLU B 803 10.09 35.46 33.71
N SER B 804 9.42 36.61 33.63
CA SER B 804 9.53 37.63 34.71
C SER B 804 9.22 36.99 36.07
#